data_2YUT
# 
_entry.id   2YUT 
# 
_audit_conform.dict_name       mmcif_pdbx.dic 
_audit_conform.dict_version    5.397 
_audit_conform.dict_location   http://mmcif.pdb.org/dictionaries/ascii/mmcif_pdbx.dic 
# 
loop_
_database_2.database_id 
_database_2.database_code 
_database_2.pdbx_database_accession 
_database_2.pdbx_DOI 
PDB   2YUT         pdb_00002yut 10.2210/pdb2yut/pdb 
RCSB  RCSB027161   ?            ?                   
WWPDB D_1000027161 ?            ?                   
# 
loop_
_pdbx_audit_revision_history.ordinal 
_pdbx_audit_revision_history.data_content_type 
_pdbx_audit_revision_history.major_revision 
_pdbx_audit_revision_history.minor_revision 
_pdbx_audit_revision_history.revision_date 
1 'Structure model' 1 0 2007-10-09 
2 'Structure model' 1 1 2011-07-13 
3 'Structure model' 1 2 2024-10-16 
# 
_pdbx_audit_revision_details.ordinal             1 
_pdbx_audit_revision_details.revision_ordinal    1 
_pdbx_audit_revision_details.data_content_type   'Structure model' 
_pdbx_audit_revision_details.provider            repository 
_pdbx_audit_revision_details.type                'Initial release' 
_pdbx_audit_revision_details.description         ? 
_pdbx_audit_revision_details.details             ? 
# 
loop_
_pdbx_audit_revision_group.ordinal 
_pdbx_audit_revision_group.revision_ordinal 
_pdbx_audit_revision_group.data_content_type 
_pdbx_audit_revision_group.group 
1 2 'Structure model' 'Derived calculations'      
2 2 'Structure model' 'Source and taxonomy'       
3 2 'Structure model' 'Version format compliance' 
4 3 'Structure model' 'Data collection'           
5 3 'Structure model' 'Database references'       
6 3 'Structure model' 'Derived calculations'      
7 3 'Structure model' 'Structure summary'         
# 
loop_
_pdbx_audit_revision_category.ordinal 
_pdbx_audit_revision_category.revision_ordinal 
_pdbx_audit_revision_category.data_content_type 
_pdbx_audit_revision_category.category 
1 3 'Structure model' chem_comp_atom            
2 3 'Structure model' chem_comp_bond            
3 3 'Structure model' database_2                
4 3 'Structure model' pdbx_entry_details        
5 3 'Structure model' pdbx_modification_feature 
6 3 'Structure model' struct_conn               
7 3 'Structure model' struct_ref_seq_dif        
8 3 'Structure model' struct_site               
# 
loop_
_pdbx_audit_revision_item.ordinal 
_pdbx_audit_revision_item.revision_ordinal 
_pdbx_audit_revision_item.data_content_type 
_pdbx_audit_revision_item.item 
1 3 'Structure model' '_database_2.pdbx_DOI'                
2 3 'Structure model' '_database_2.pdbx_database_accession' 
3 3 'Structure model' '_struct_conn.pdbx_leaving_atom_flag' 
4 3 'Structure model' '_struct_ref_seq_dif.details'         
5 3 'Structure model' '_struct_site.pdbx_auth_asym_id'      
6 3 'Structure model' '_struct_site.pdbx_auth_comp_id'      
7 3 'Structure model' '_struct_site.pdbx_auth_seq_id'       
# 
_pdbx_database_status.status_code                     REL 
_pdbx_database_status.entry_id                        2YUT 
_pdbx_database_status.recvd_initial_deposition_date   2007-04-06 
_pdbx_database_status.deposit_site                    PDBJ 
_pdbx_database_status.process_site                    PDBJ 
_pdbx_database_status.status_code_sf                  REL 
_pdbx_database_status.status_code_mr                  ? 
_pdbx_database_status.SG_entry                        Y 
_pdbx_database_status.pdb_format_compatible           Y 
_pdbx_database_status.status_code_cs                  ? 
_pdbx_database_status.status_code_nmr_data            ? 
_pdbx_database_status.methods_development_category    ? 
# 
_pdbx_database_related.db_name        TargetDB 
_pdbx_database_related.db_id          ttk003001258.1 
_pdbx_database_related.details        . 
_pdbx_database_related.content_type   unspecified 
# 
loop_
_audit_author.name 
_audit_author.pdbx_ordinal 
'Agari, Y.'                                              1 
'Shinkai, A.'                                            2 
'Yokoyama, S.'                                           3 
'Kuramitsu, S.'                                          4 
'RIKEN Structural Genomics/Proteomics Initiative (RSGI)' 5 
# 
_citation.id                        primary 
_citation.title                     
'Crystal Structure of Putative Short-Chain Oxidoreductase TTHB094 from Thermus thermophilus HB8' 
_citation.journal_abbrev            'To be Published' 
_citation.journal_volume            ? 
_citation.page_first                ? 
_citation.page_last                 ? 
_citation.year                      ? 
_citation.journal_id_ASTM           ? 
_citation.country                   ? 
_citation.journal_id_ISSN           ? 
_citation.journal_id_CSD            0353 
_citation.book_publisher            ? 
_citation.pdbx_database_id_PubMed   ? 
_citation.pdbx_database_id_DOI      ? 
# 
loop_
_citation_author.citation_id 
_citation_author.name 
_citation_author.ordinal 
_citation_author.identifier_ORCID 
primary 'Agari, Y.'     1 ? 
primary 'Shinkai, A.'   2 ? 
primary 'Kuramitsu, S.' 3 ? 
# 
loop_
_entity.id 
_entity.type 
_entity.src_method 
_entity.pdbx_description 
_entity.formula_weight 
_entity.pdbx_number_of_molecules 
_entity.pdbx_ec 
_entity.pdbx_mutation 
_entity.pdbx_fragment 
_entity.details 
1 polymer     man 'Putative short-chain oxidoreductase'              21786.094 1   ? ? ? ? 
2 non-polymer syn 'NADP NICOTINAMIDE-ADENINE-DINUCLEOTIDE PHOSPHATE' 743.405   1   ? ? ? ? 
3 water       nat water                                              18.015    119 ? ? ? ? 
# 
_entity_poly.entity_id                      1 
_entity_poly.type                           'polypeptide(L)' 
_entity_poly.nstd_linkage                   no 
_entity_poly.nstd_monomer                   yes 
_entity_poly.pdbx_seq_one_letter_code       
;(MSE)RVLITGATGGLGGAFARALKGHDLLLSGRRAGALAELAREVGARALPADLADELEAKALLEEAGPLDLLVHAVGK
AGRASVREAGRDLVEE(MSE)LAAHLLTAAFVLKHARFQKGARAVFFGAYPRYVQVPGFAAYAAAKGALEAYLEAARKEL
LREGVHLVLVRLPAVATGLWAPLGGPPKGALSPEEAARKVLEGLFREPVPALLEV
;
_entity_poly.pdbx_seq_one_letter_code_can   
;MRVLITGATGGLGGAFARALKGHDLLLSGRRAGALAELAREVGARALPADLADELEAKALLEEAGPLDLLVHAVGKAGRA
SVREAGRDLVEEMLAAHLLTAAFVLKHARFQKGARAVFFGAYPRYVQVPGFAAYAAAKGALEAYLEAARKELLREGVHLV
LVRLPAVATGLWAPLGGPPKGALSPEEAARKVLEGLFREPVPALLEV
;
_entity_poly.pdbx_strand_id                 A 
_entity_poly.pdbx_target_identifier         ttk003001258.1 
# 
loop_
_pdbx_entity_nonpoly.entity_id 
_pdbx_entity_nonpoly.name 
_pdbx_entity_nonpoly.comp_id 
2 'NADP NICOTINAMIDE-ADENINE-DINUCLEOTIDE PHOSPHATE' NAP 
3 water                                              HOH 
# 
loop_
_entity_poly_seq.entity_id 
_entity_poly_seq.num 
_entity_poly_seq.mon_id 
_entity_poly_seq.hetero 
1 1   MSE n 
1 2   ARG n 
1 3   VAL n 
1 4   LEU n 
1 5   ILE n 
1 6   THR n 
1 7   GLY n 
1 8   ALA n 
1 9   THR n 
1 10  GLY n 
1 11  GLY n 
1 12  LEU n 
1 13  GLY n 
1 14  GLY n 
1 15  ALA n 
1 16  PHE n 
1 17  ALA n 
1 18  ARG n 
1 19  ALA n 
1 20  LEU n 
1 21  LYS n 
1 22  GLY n 
1 23  HIS n 
1 24  ASP n 
1 25  LEU n 
1 26  LEU n 
1 27  LEU n 
1 28  SER n 
1 29  GLY n 
1 30  ARG n 
1 31  ARG n 
1 32  ALA n 
1 33  GLY n 
1 34  ALA n 
1 35  LEU n 
1 36  ALA n 
1 37  GLU n 
1 38  LEU n 
1 39  ALA n 
1 40  ARG n 
1 41  GLU n 
1 42  VAL n 
1 43  GLY n 
1 44  ALA n 
1 45  ARG n 
1 46  ALA n 
1 47  LEU n 
1 48  PRO n 
1 49  ALA n 
1 50  ASP n 
1 51  LEU n 
1 52  ALA n 
1 53  ASP n 
1 54  GLU n 
1 55  LEU n 
1 56  GLU n 
1 57  ALA n 
1 58  LYS n 
1 59  ALA n 
1 60  LEU n 
1 61  LEU n 
1 62  GLU n 
1 63  GLU n 
1 64  ALA n 
1 65  GLY n 
1 66  PRO n 
1 67  LEU n 
1 68  ASP n 
1 69  LEU n 
1 70  LEU n 
1 71  VAL n 
1 72  HIS n 
1 73  ALA n 
1 74  VAL n 
1 75  GLY n 
1 76  LYS n 
1 77  ALA n 
1 78  GLY n 
1 79  ARG n 
1 80  ALA n 
1 81  SER n 
1 82  VAL n 
1 83  ARG n 
1 84  GLU n 
1 85  ALA n 
1 86  GLY n 
1 87  ARG n 
1 88  ASP n 
1 89  LEU n 
1 90  VAL n 
1 91  GLU n 
1 92  GLU n 
1 93  MSE n 
1 94  LEU n 
1 95  ALA n 
1 96  ALA n 
1 97  HIS n 
1 98  LEU n 
1 99  LEU n 
1 100 THR n 
1 101 ALA n 
1 102 ALA n 
1 103 PHE n 
1 104 VAL n 
1 105 LEU n 
1 106 LYS n 
1 107 HIS n 
1 108 ALA n 
1 109 ARG n 
1 110 PHE n 
1 111 GLN n 
1 112 LYS n 
1 113 GLY n 
1 114 ALA n 
1 115 ARG n 
1 116 ALA n 
1 117 VAL n 
1 118 PHE n 
1 119 PHE n 
1 120 GLY n 
1 121 ALA n 
1 122 TYR n 
1 123 PRO n 
1 124 ARG n 
1 125 TYR n 
1 126 VAL n 
1 127 GLN n 
1 128 VAL n 
1 129 PRO n 
1 130 GLY n 
1 131 PHE n 
1 132 ALA n 
1 133 ALA n 
1 134 TYR n 
1 135 ALA n 
1 136 ALA n 
1 137 ALA n 
1 138 LYS n 
1 139 GLY n 
1 140 ALA n 
1 141 LEU n 
1 142 GLU n 
1 143 ALA n 
1 144 TYR n 
1 145 LEU n 
1 146 GLU n 
1 147 ALA n 
1 148 ALA n 
1 149 ARG n 
1 150 LYS n 
1 151 GLU n 
1 152 LEU n 
1 153 LEU n 
1 154 ARG n 
1 155 GLU n 
1 156 GLY n 
1 157 VAL n 
1 158 HIS n 
1 159 LEU n 
1 160 VAL n 
1 161 LEU n 
1 162 VAL n 
1 163 ARG n 
1 164 LEU n 
1 165 PRO n 
1 166 ALA n 
1 167 VAL n 
1 168 ALA n 
1 169 THR n 
1 170 GLY n 
1 171 LEU n 
1 172 TRP n 
1 173 ALA n 
1 174 PRO n 
1 175 LEU n 
1 176 GLY n 
1 177 GLY n 
1 178 PRO n 
1 179 PRO n 
1 180 LYS n 
1 181 GLY n 
1 182 ALA n 
1 183 LEU n 
1 184 SER n 
1 185 PRO n 
1 186 GLU n 
1 187 GLU n 
1 188 ALA n 
1 189 ALA n 
1 190 ARG n 
1 191 LYS n 
1 192 VAL n 
1 193 LEU n 
1 194 GLU n 
1 195 GLY n 
1 196 LEU n 
1 197 PHE n 
1 198 ARG n 
1 199 GLU n 
1 200 PRO n 
1 201 VAL n 
1 202 PRO n 
1 203 ALA n 
1 204 LEU n 
1 205 LEU n 
1 206 GLU n 
1 207 VAL n 
# 
_entity_src_gen.entity_id                          1 
_entity_src_gen.pdbx_src_id                        1 
_entity_src_gen.pdbx_alt_source_flag               sample 
_entity_src_gen.pdbx_seq_type                      ? 
_entity_src_gen.pdbx_beg_seq_num                   ? 
_entity_src_gen.pdbx_end_seq_num                   ? 
_entity_src_gen.gene_src_common_name               ? 
_entity_src_gen.gene_src_genus                     Thermus 
_entity_src_gen.pdbx_gene_src_gene                 ? 
_entity_src_gen.gene_src_species                   'Thermus thermophilus' 
_entity_src_gen.gene_src_strain                    HB8 
_entity_src_gen.gene_src_tissue                    ? 
_entity_src_gen.gene_src_tissue_fraction           ? 
_entity_src_gen.gene_src_details                   ? 
_entity_src_gen.pdbx_gene_src_fragment             ? 
_entity_src_gen.pdbx_gene_src_scientific_name      'Thermus thermophilus' 
_entity_src_gen.pdbx_gene_src_ncbi_taxonomy_id     300852 
_entity_src_gen.pdbx_gene_src_variant              ? 
_entity_src_gen.pdbx_gene_src_cell_line            ? 
_entity_src_gen.pdbx_gene_src_atcc                 ? 
_entity_src_gen.pdbx_gene_src_organ                ? 
_entity_src_gen.pdbx_gene_src_organelle            ? 
_entity_src_gen.pdbx_gene_src_cell                 ? 
_entity_src_gen.pdbx_gene_src_cellular_location    ? 
_entity_src_gen.host_org_common_name               ? 
_entity_src_gen.pdbx_host_org_scientific_name      'Escherichia coli' 
_entity_src_gen.pdbx_host_org_ncbi_taxonomy_id     562 
_entity_src_gen.host_org_genus                     Escherichia 
_entity_src_gen.pdbx_host_org_gene                 ? 
_entity_src_gen.pdbx_host_org_organ                ? 
_entity_src_gen.host_org_species                   ? 
_entity_src_gen.pdbx_host_org_tissue               ? 
_entity_src_gen.pdbx_host_org_tissue_fraction      ? 
_entity_src_gen.pdbx_host_org_strain               'B834(DE3)' 
_entity_src_gen.pdbx_host_org_variant              ? 
_entity_src_gen.pdbx_host_org_cell_line            ? 
_entity_src_gen.pdbx_host_org_atcc                 ? 
_entity_src_gen.pdbx_host_org_culture_collection   ? 
_entity_src_gen.pdbx_host_org_cell                 ? 
_entity_src_gen.pdbx_host_org_organelle            ? 
_entity_src_gen.pdbx_host_org_cellular_location    ? 
_entity_src_gen.pdbx_host_org_vector_type          PLASMID 
_entity_src_gen.pdbx_host_org_vector               ? 
_entity_src_gen.host_org_details                   ? 
_entity_src_gen.expression_system_id               ? 
_entity_src_gen.plasmid_name                       pET-11a 
_entity_src_gen.plasmid_details                    ? 
_entity_src_gen.pdbx_description                   ? 
# 
loop_
_chem_comp.id 
_chem_comp.type 
_chem_comp.mon_nstd_flag 
_chem_comp.name 
_chem_comp.pdbx_synonyms 
_chem_comp.formula 
_chem_comp.formula_weight 
ALA 'L-peptide linking' y ALANINE                                            ?                                            
'C3 H7 N O2'        89.093  
ARG 'L-peptide linking' y ARGININE                                           ?                                            
'C6 H15 N4 O2 1'    175.209 
ASP 'L-peptide linking' y 'ASPARTIC ACID'                                    ?                                            
'C4 H7 N O4'        133.103 
GLN 'L-peptide linking' y GLUTAMINE                                          ?                                            
'C5 H10 N2 O3'      146.144 
GLU 'L-peptide linking' y 'GLUTAMIC ACID'                                    ?                                            
'C5 H9 N O4'        147.129 
GLY 'peptide linking'   y GLYCINE                                            ?                                            
'C2 H5 N O2'        75.067  
HIS 'L-peptide linking' y HISTIDINE                                          ?                                            
'C6 H10 N3 O2 1'    156.162 
HOH non-polymer         . WATER                                              ?                                            'H2 O' 
18.015  
ILE 'L-peptide linking' y ISOLEUCINE                                         ?                                            
'C6 H13 N O2'       131.173 
LEU 'L-peptide linking' y LEUCINE                                            ?                                            
'C6 H13 N O2'       131.173 
LYS 'L-peptide linking' y LYSINE                                             ?                                            
'C6 H15 N2 O2 1'    147.195 
MET 'L-peptide linking' y METHIONINE                                         ?                                            
'C5 H11 N O2 S'     149.211 
MSE 'L-peptide linking' n SELENOMETHIONINE                                   ?                                            
'C5 H11 N O2 Se'    196.106 
NAP non-polymer         . 'NADP NICOTINAMIDE-ADENINE-DINUCLEOTIDE PHOSPHATE' 
;2'-MONOPHOSPHOADENOSINE 5'-DIPHOSPHORIBOSE
;
'C21 H28 N7 O17 P3' 743.405 
PHE 'L-peptide linking' y PHENYLALANINE                                      ?                                            
'C9 H11 N O2'       165.189 
PRO 'L-peptide linking' y PROLINE                                            ?                                            
'C5 H9 N O2'        115.130 
SER 'L-peptide linking' y SERINE                                             ?                                            
'C3 H7 N O3'        105.093 
THR 'L-peptide linking' y THREONINE                                          ?                                            
'C4 H9 N O3'        119.119 
TRP 'L-peptide linking' y TRYPTOPHAN                                         ?                                            
'C11 H12 N2 O2'     204.225 
TYR 'L-peptide linking' y TYROSINE                                           ?                                            
'C9 H11 N O3'       181.189 
VAL 'L-peptide linking' y VALINE                                             ?                                            
'C5 H11 N O2'       117.146 
# 
loop_
_pdbx_poly_seq_scheme.asym_id 
_pdbx_poly_seq_scheme.entity_id 
_pdbx_poly_seq_scheme.seq_id 
_pdbx_poly_seq_scheme.mon_id 
_pdbx_poly_seq_scheme.ndb_seq_num 
_pdbx_poly_seq_scheme.pdb_seq_num 
_pdbx_poly_seq_scheme.auth_seq_num 
_pdbx_poly_seq_scheme.pdb_mon_id 
_pdbx_poly_seq_scheme.auth_mon_id 
_pdbx_poly_seq_scheme.pdb_strand_id 
_pdbx_poly_seq_scheme.pdb_ins_code 
_pdbx_poly_seq_scheme.hetero 
A 1 1   MSE 1   1   1   MSE MSE A . n 
A 1 2   ARG 2   2   2   ARG ARG A . n 
A 1 3   VAL 3   3   3   VAL VAL A . n 
A 1 4   LEU 4   4   4   LEU LEU A . n 
A 1 5   ILE 5   5   5   ILE ILE A . n 
A 1 6   THR 6   6   6   THR THR A . n 
A 1 7   GLY 7   7   7   GLY GLY A . n 
A 1 8   ALA 8   8   8   ALA ALA A . n 
A 1 9   THR 9   9   9   THR THR A . n 
A 1 10  GLY 10  10  10  GLY GLY A . n 
A 1 11  GLY 11  11  11  GLY GLY A . n 
A 1 12  LEU 12  12  12  LEU LEU A . n 
A 1 13  GLY 13  13  13  GLY GLY A . n 
A 1 14  GLY 14  14  14  GLY GLY A . n 
A 1 15  ALA 15  15  15  ALA ALA A . n 
A 1 16  PHE 16  16  16  PHE PHE A . n 
A 1 17  ALA 17  17  17  ALA ALA A . n 
A 1 18  ARG 18  18  18  ARG ARG A . n 
A 1 19  ALA 19  19  19  ALA ALA A . n 
A 1 20  LEU 20  20  20  LEU LEU A . n 
A 1 21  LYS 21  21  21  LYS LYS A . n 
A 1 22  GLY 22  22  22  GLY GLY A . n 
A 1 23  HIS 23  23  23  HIS HIS A . n 
A 1 24  ASP 24  24  24  ASP ASP A . n 
A 1 25  LEU 25  25  25  LEU LEU A . n 
A 1 26  LEU 26  26  26  LEU LEU A . n 
A 1 27  LEU 27  27  27  LEU LEU A . n 
A 1 28  SER 28  28  28  SER SER A . n 
A 1 29  GLY 29  29  29  GLY GLY A . n 
A 1 30  ARG 30  30  30  ARG ARG A . n 
A 1 31  ARG 31  31  31  ARG ARG A . n 
A 1 32  ALA 32  32  32  ALA ALA A . n 
A 1 33  GLY 33  33  33  GLY GLY A . n 
A 1 34  ALA 34  34  34  ALA ALA A . n 
A 1 35  LEU 35  35  35  LEU LEU A . n 
A 1 36  ALA 36  36  36  ALA ALA A . n 
A 1 37  GLU 37  37  37  GLU GLU A . n 
A 1 38  LEU 38  38  38  LEU LEU A . n 
A 1 39  ALA 39  39  39  ALA ALA A . n 
A 1 40  ARG 40  40  40  ARG ARG A . n 
A 1 41  GLU 41  41  41  GLU GLU A . n 
A 1 42  VAL 42  42  42  VAL VAL A . n 
A 1 43  GLY 43  43  43  GLY GLY A . n 
A 1 44  ALA 44  44  44  ALA ALA A . n 
A 1 45  ARG 45  45  45  ARG ARG A . n 
A 1 46  ALA 46  46  46  ALA ALA A . n 
A 1 47  LEU 47  47  47  LEU LEU A . n 
A 1 48  PRO 48  48  48  PRO PRO A . n 
A 1 49  ALA 49  49  49  ALA ALA A . n 
A 1 50  ASP 50  50  50  ASP ASP A . n 
A 1 51  LEU 51  51  51  LEU LEU A . n 
A 1 52  ALA 52  52  52  ALA ALA A . n 
A 1 53  ASP 53  53  53  ASP ASP A . n 
A 1 54  GLU 54  54  54  GLU GLU A . n 
A 1 55  LEU 55  55  55  LEU LEU A . n 
A 1 56  GLU 56  56  56  GLU GLU A . n 
A 1 57  ALA 57  57  57  ALA ALA A . n 
A 1 58  LYS 58  58  58  LYS LYS A . n 
A 1 59  ALA 59  59  59  ALA ALA A . n 
A 1 60  LEU 60  60  60  LEU LEU A . n 
A 1 61  LEU 61  61  61  LEU LEU A . n 
A 1 62  GLU 62  62  62  GLU GLU A . n 
A 1 63  GLU 63  63  63  GLU GLU A . n 
A 1 64  ALA 64  64  64  ALA ALA A . n 
A 1 65  GLY 65  65  65  GLY GLY A . n 
A 1 66  PRO 66  66  66  PRO PRO A . n 
A 1 67  LEU 67  67  67  LEU LEU A . n 
A 1 68  ASP 68  68  68  ASP ASP A . n 
A 1 69  LEU 69  69  69  LEU LEU A . n 
A 1 70  LEU 70  70  70  LEU LEU A . n 
A 1 71  VAL 71  71  71  VAL VAL A . n 
A 1 72  HIS 72  72  72  HIS HIS A . n 
A 1 73  ALA 73  73  73  ALA ALA A . n 
A 1 74  VAL 74  74  74  VAL VAL A . n 
A 1 75  GLY 75  75  75  GLY GLY A . n 
A 1 76  LYS 76  76  76  LYS LYS A . n 
A 1 77  ALA 77  77  77  ALA ALA A . n 
A 1 78  GLY 78  78  78  GLY GLY A . n 
A 1 79  ARG 79  79  79  ARG ARG A . n 
A 1 80  ALA 80  80  80  ALA ALA A . n 
A 1 81  SER 81  81  81  SER SER A . n 
A 1 82  VAL 82  82  82  VAL VAL A . n 
A 1 83  ARG 83  83  83  ARG ARG A . n 
A 1 84  GLU 84  84  84  GLU GLU A . n 
A 1 85  ALA 85  85  ?   ?   ?   A . n 
A 1 86  GLY 86  86  ?   ?   ?   A . n 
A 1 87  ARG 87  87  ?   ?   ?   A . n 
A 1 88  ASP 88  88  88  ASP ASP A . n 
A 1 89  LEU 89  89  89  LEU LEU A . n 
A 1 90  VAL 90  90  90  VAL VAL A . n 
A 1 91  GLU 91  91  91  GLU GLU A . n 
A 1 92  GLU 92  92  92  GLU GLU A . n 
A 1 93  MSE 93  93  93  MSE MSE A . n 
A 1 94  LEU 94  94  94  LEU LEU A . n 
A 1 95  ALA 95  95  95  ALA ALA A . n 
A 1 96  ALA 96  96  96  ALA ALA A . n 
A 1 97  HIS 97  97  97  HIS HIS A . n 
A 1 98  LEU 98  98  98  LEU LEU A . n 
A 1 99  LEU 99  99  99  LEU LEU A . n 
A 1 100 THR 100 100 100 THR THR A . n 
A 1 101 ALA 101 101 101 ALA ALA A . n 
A 1 102 ALA 102 102 102 ALA ALA A . n 
A 1 103 PHE 103 103 103 PHE PHE A . n 
A 1 104 VAL 104 104 104 VAL VAL A . n 
A 1 105 LEU 105 105 105 LEU LEU A . n 
A 1 106 LYS 106 106 106 LYS LYS A . n 
A 1 107 HIS 107 107 107 HIS HIS A . n 
A 1 108 ALA 108 108 108 ALA ALA A . n 
A 1 109 ARG 109 109 109 ARG ARG A . n 
A 1 110 PHE 110 110 110 PHE PHE A . n 
A 1 111 GLN 111 111 111 GLN GLN A . n 
A 1 112 LYS 112 112 112 LYS LYS A . n 
A 1 113 GLY 113 113 113 GLY GLY A . n 
A 1 114 ALA 114 114 114 ALA ALA A . n 
A 1 115 ARG 115 115 115 ARG ARG A . n 
A 1 116 ALA 116 116 116 ALA ALA A . n 
A 1 117 VAL 117 117 117 VAL VAL A . n 
A 1 118 PHE 118 118 118 PHE PHE A . n 
A 1 119 PHE 119 119 119 PHE PHE A . n 
A 1 120 GLY 120 120 120 GLY GLY A . n 
A 1 121 ALA 121 121 121 ALA ALA A . n 
A 1 122 TYR 122 122 122 TYR TYR A . n 
A 1 123 PRO 123 123 123 PRO PRO A . n 
A 1 124 ARG 124 124 124 ARG ARG A . n 
A 1 125 TYR 125 125 125 TYR TYR A . n 
A 1 126 VAL 126 126 126 VAL VAL A . n 
A 1 127 GLN 127 127 127 GLN GLN A . n 
A 1 128 VAL 128 128 128 VAL VAL A . n 
A 1 129 PRO 129 129 129 PRO PRO A . n 
A 1 130 GLY 130 130 130 GLY GLY A . n 
A 1 131 PHE 131 131 131 PHE PHE A . n 
A 1 132 ALA 132 132 132 ALA ALA A . n 
A 1 133 ALA 133 133 133 ALA ALA A . n 
A 1 134 TYR 134 134 134 TYR TYR A . n 
A 1 135 ALA 135 135 135 ALA ALA A . n 
A 1 136 ALA 136 136 136 ALA ALA A . n 
A 1 137 ALA 137 137 137 ALA ALA A . n 
A 1 138 LYS 138 138 138 LYS LYS A . n 
A 1 139 GLY 139 139 139 GLY GLY A . n 
A 1 140 ALA 140 140 140 ALA ALA A . n 
A 1 141 LEU 141 141 141 LEU LEU A . n 
A 1 142 GLU 142 142 142 GLU GLU A . n 
A 1 143 ALA 143 143 143 ALA ALA A . n 
A 1 144 TYR 144 144 144 TYR TYR A . n 
A 1 145 LEU 145 145 145 LEU LEU A . n 
A 1 146 GLU 146 146 146 GLU GLU A . n 
A 1 147 ALA 147 147 147 ALA ALA A . n 
A 1 148 ALA 148 148 148 ALA ALA A . n 
A 1 149 ARG 149 149 149 ARG ARG A . n 
A 1 150 LYS 150 150 150 LYS LYS A . n 
A 1 151 GLU 151 151 151 GLU GLU A . n 
A 1 152 LEU 152 152 152 LEU LEU A . n 
A 1 153 LEU 153 153 153 LEU LEU A . n 
A 1 154 ARG 154 154 154 ARG ARG A . n 
A 1 155 GLU 155 155 155 GLU GLU A . n 
A 1 156 GLY 156 156 156 GLY GLY A . n 
A 1 157 VAL 157 157 157 VAL VAL A . n 
A 1 158 HIS 158 158 158 HIS HIS A . n 
A 1 159 LEU 159 159 159 LEU LEU A . n 
A 1 160 VAL 160 160 160 VAL VAL A . n 
A 1 161 LEU 161 161 161 LEU LEU A . n 
A 1 162 VAL 162 162 162 VAL VAL A . n 
A 1 163 ARG 163 163 163 ARG ARG A . n 
A 1 164 LEU 164 164 164 LEU LEU A . n 
A 1 165 PRO 165 165 165 PRO PRO A . n 
A 1 166 ALA 166 166 166 ALA ALA A . n 
A 1 167 VAL 167 167 167 VAL VAL A . n 
A 1 168 ALA 168 168 168 ALA ALA A . n 
A 1 169 THR 169 169 169 THR THR A . n 
A 1 170 GLY 170 170 170 GLY GLY A . n 
A 1 171 LEU 171 171 171 LEU LEU A . n 
A 1 172 TRP 172 172 172 TRP TRP A . n 
A 1 173 ALA 173 173 173 ALA ALA A . n 
A 1 174 PRO 174 174 174 PRO PRO A . n 
A 1 175 LEU 175 175 175 LEU LEU A . n 
A 1 176 GLY 176 176 176 GLY GLY A . n 
A 1 177 GLY 177 177 177 GLY GLY A . n 
A 1 178 PRO 178 178 178 PRO PRO A . n 
A 1 179 PRO 179 179 179 PRO PRO A . n 
A 1 180 LYS 180 180 180 LYS LYS A . n 
A 1 181 GLY 181 181 181 GLY GLY A . n 
A 1 182 ALA 182 182 182 ALA ALA A . n 
A 1 183 LEU 183 183 183 LEU LEU A . n 
A 1 184 SER 184 184 184 SER SER A . n 
A 1 185 PRO 185 185 185 PRO PRO A . n 
A 1 186 GLU 186 186 186 GLU GLU A . n 
A 1 187 GLU 187 187 187 GLU GLU A . n 
A 1 188 ALA 188 188 188 ALA ALA A . n 
A 1 189 ALA 189 189 189 ALA ALA A . n 
A 1 190 ARG 190 190 190 ARG ARG A . n 
A 1 191 LYS 191 191 191 LYS LYS A . n 
A 1 192 VAL 192 192 192 VAL VAL A . n 
A 1 193 LEU 193 193 193 LEU LEU A . n 
A 1 194 GLU 194 194 194 GLU GLU A . n 
A 1 195 GLY 195 195 195 GLY GLY A . n 
A 1 196 LEU 196 196 196 LEU LEU A . n 
A 1 197 PHE 197 197 197 PHE PHE A . n 
A 1 198 ARG 198 198 ?   ?   ?   A . n 
A 1 199 GLU 199 199 ?   ?   ?   A . n 
A 1 200 PRO 200 200 200 PRO ALA A . n 
A 1 201 VAL 201 201 201 VAL VAL A . n 
A 1 202 PRO 202 202 202 PRO PRO A . n 
A 1 203 ALA 203 203 203 ALA ALA A . n 
A 1 204 LEU 204 204 204 LEU LEU A . n 
A 1 205 LEU 205 205 205 LEU LEU A . n 
A 1 206 GLU 206 206 206 GLU GLU A . n 
A 1 207 VAL 207 207 207 VAL VAL A . n 
# 
loop_
_pdbx_nonpoly_scheme.asym_id 
_pdbx_nonpoly_scheme.entity_id 
_pdbx_nonpoly_scheme.mon_id 
_pdbx_nonpoly_scheme.ndb_seq_num 
_pdbx_nonpoly_scheme.pdb_seq_num 
_pdbx_nonpoly_scheme.auth_seq_num 
_pdbx_nonpoly_scheme.pdb_mon_id 
_pdbx_nonpoly_scheme.auth_mon_id 
_pdbx_nonpoly_scheme.pdb_strand_id 
_pdbx_nonpoly_scheme.pdb_ins_code 
B 2 NAP 1   500 500 NAP NAP A . 
C 3 HOH 1   501 1   HOH HOH A . 
C 3 HOH 2   502 2   HOH HOH A . 
C 3 HOH 3   503 3   HOH HOH A . 
C 3 HOH 4   504 4   HOH HOH A . 
C 3 HOH 5   505 5   HOH HOH A . 
C 3 HOH 6   506 6   HOH HOH A . 
C 3 HOH 7   507 7   HOH HOH A . 
C 3 HOH 8   508 8   HOH HOH A . 
C 3 HOH 9   509 9   HOH HOH A . 
C 3 HOH 10  510 10  HOH HOH A . 
C 3 HOH 11  511 11  HOH HOH A . 
C 3 HOH 12  512 12  HOH HOH A . 
C 3 HOH 13  513 13  HOH HOH A . 
C 3 HOH 14  514 14  HOH HOH A . 
C 3 HOH 15  515 15  HOH HOH A . 
C 3 HOH 16  516 16  HOH HOH A . 
C 3 HOH 17  517 17  HOH HOH A . 
C 3 HOH 18  518 18  HOH HOH A . 
C 3 HOH 19  519 19  HOH HOH A . 
C 3 HOH 20  520 20  HOH HOH A . 
C 3 HOH 21  521 21  HOH HOH A . 
C 3 HOH 22  522 22  HOH HOH A . 
C 3 HOH 23  523 23  HOH HOH A . 
C 3 HOH 24  524 24  HOH HOH A . 
C 3 HOH 25  525 25  HOH HOH A . 
C 3 HOH 26  526 26  HOH HOH A . 
C 3 HOH 27  527 27  HOH HOH A . 
C 3 HOH 28  528 28  HOH HOH A . 
C 3 HOH 29  529 29  HOH HOH A . 
C 3 HOH 30  530 30  HOH HOH A . 
C 3 HOH 31  531 31  HOH HOH A . 
C 3 HOH 32  532 32  HOH HOH A . 
C 3 HOH 33  533 33  HOH HOH A . 
C 3 HOH 34  534 34  HOH HOH A . 
C 3 HOH 35  535 35  HOH HOH A . 
C 3 HOH 36  536 36  HOH HOH A . 
C 3 HOH 37  537 37  HOH HOH A . 
C 3 HOH 38  538 38  HOH HOH A . 
C 3 HOH 39  539 39  HOH HOH A . 
C 3 HOH 40  540 40  HOH HOH A . 
C 3 HOH 41  541 41  HOH HOH A . 
C 3 HOH 42  542 42  HOH HOH A . 
C 3 HOH 43  543 43  HOH HOH A . 
C 3 HOH 44  544 44  HOH HOH A . 
C 3 HOH 45  545 45  HOH HOH A . 
C 3 HOH 46  546 46  HOH HOH A . 
C 3 HOH 47  547 47  HOH HOH A . 
C 3 HOH 48  548 48  HOH HOH A . 
C 3 HOH 49  549 49  HOH HOH A . 
C 3 HOH 50  550 50  HOH HOH A . 
C 3 HOH 51  551 51  HOH HOH A . 
C 3 HOH 52  552 52  HOH HOH A . 
C 3 HOH 53  553 53  HOH HOH A . 
C 3 HOH 54  554 54  HOH HOH A . 
C 3 HOH 55  555 55  HOH HOH A . 
C 3 HOH 56  556 56  HOH HOH A . 
C 3 HOH 57  557 57  HOH HOH A . 
C 3 HOH 58  558 58  HOH HOH A . 
C 3 HOH 59  559 59  HOH HOH A . 
C 3 HOH 60  560 60  HOH HOH A . 
C 3 HOH 61  561 61  HOH HOH A . 
C 3 HOH 62  562 62  HOH HOH A . 
C 3 HOH 63  563 63  HOH HOH A . 
C 3 HOH 64  564 64  HOH HOH A . 
C 3 HOH 65  565 65  HOH HOH A . 
C 3 HOH 66  566 66  HOH HOH A . 
C 3 HOH 67  567 67  HOH HOH A . 
C 3 HOH 68  568 68  HOH HOH A . 
C 3 HOH 69  569 69  HOH HOH A . 
C 3 HOH 70  570 70  HOH HOH A . 
C 3 HOH 71  571 71  HOH HOH A . 
C 3 HOH 72  572 72  HOH HOH A . 
C 3 HOH 73  573 73  HOH HOH A . 
C 3 HOH 74  574 74  HOH HOH A . 
C 3 HOH 75  575 75  HOH HOH A . 
C 3 HOH 76  576 76  HOH HOH A . 
C 3 HOH 77  577 77  HOH HOH A . 
C 3 HOH 78  578 78  HOH HOH A . 
C 3 HOH 79  579 79  HOH HOH A . 
C 3 HOH 80  580 80  HOH HOH A . 
C 3 HOH 81  581 81  HOH HOH A . 
C 3 HOH 82  582 82  HOH HOH A . 
C 3 HOH 83  583 83  HOH HOH A . 
C 3 HOH 84  584 84  HOH HOH A . 
C 3 HOH 85  585 85  HOH HOH A . 
C 3 HOH 86  586 86  HOH HOH A . 
C 3 HOH 87  587 87  HOH HOH A . 
C 3 HOH 88  588 88  HOH HOH A . 
C 3 HOH 89  589 89  HOH HOH A . 
C 3 HOH 90  590 90  HOH HOH A . 
C 3 HOH 91  591 91  HOH HOH A . 
C 3 HOH 92  592 92  HOH HOH A . 
C 3 HOH 93  593 93  HOH HOH A . 
C 3 HOH 94  594 94  HOH HOH A . 
C 3 HOH 95  595 95  HOH HOH A . 
C 3 HOH 96  596 96  HOH HOH A . 
C 3 HOH 97  597 97  HOH HOH A . 
C 3 HOH 98  598 98  HOH HOH A . 
C 3 HOH 99  599 99  HOH HOH A . 
C 3 HOH 100 600 100 HOH HOH A . 
C 3 HOH 101 601 101 HOH HOH A . 
C 3 HOH 102 602 102 HOH HOH A . 
C 3 HOH 103 603 103 HOH HOH A . 
C 3 HOH 104 604 104 HOH HOH A . 
C 3 HOH 105 605 105 HOH HOH A . 
C 3 HOH 106 606 106 HOH HOH A . 
C 3 HOH 107 607 107 HOH HOH A . 
C 3 HOH 108 608 108 HOH HOH A . 
C 3 HOH 109 609 109 HOH HOH A . 
C 3 HOH 110 610 110 HOH HOH A . 
C 3 HOH 111 611 111 HOH HOH A . 
C 3 HOH 112 612 112 HOH HOH A . 
C 3 HOH 113 613 113 HOH HOH A . 
C 3 HOH 114 614 114 HOH HOH A . 
C 3 HOH 115 615 115 HOH HOH A . 
C 3 HOH 116 616 116 HOH HOH A . 
C 3 HOH 117 617 117 HOH HOH A . 
C 3 HOH 118 618 118 HOH HOH A . 
C 3 HOH 119 619 119 HOH HOH A . 
# 
loop_
_pdbx_unobs_or_zero_occ_atoms.id 
_pdbx_unobs_or_zero_occ_atoms.PDB_model_num 
_pdbx_unobs_or_zero_occ_atoms.polymer_flag 
_pdbx_unobs_or_zero_occ_atoms.occupancy_flag 
_pdbx_unobs_or_zero_occ_atoms.auth_asym_id 
_pdbx_unobs_or_zero_occ_atoms.auth_comp_id 
_pdbx_unobs_or_zero_occ_atoms.auth_seq_id 
_pdbx_unobs_or_zero_occ_atoms.PDB_ins_code 
_pdbx_unobs_or_zero_occ_atoms.auth_atom_id 
_pdbx_unobs_or_zero_occ_atoms.label_alt_id 
_pdbx_unobs_or_zero_occ_atoms.label_asym_id 
_pdbx_unobs_or_zero_occ_atoms.label_comp_id 
_pdbx_unobs_or_zero_occ_atoms.label_seq_id 
_pdbx_unobs_or_zero_occ_atoms.label_atom_id 
1 1 Y 1 A PRO 200 ? CG ? A PRO 200 CG 
2 1 Y 1 A PRO 200 ? CD ? A PRO 200 CD 
# 
loop_
_software.name 
_software.classification 
_software.version 
_software.citation_id 
_software.pdbx_ordinal 
CNS          refinement        1.1 ? 1 
BSS          'data collection' .   ? 2 
CrystalClear 'data reduction'  .   ? 3 
CrystalClear 'data scaling'    .   ? 4 
SOLVE        phasing           .   ? 5 
# 
_cell.entry_id           2YUT 
_cell.length_a           149.091 
_cell.length_b           149.091 
_cell.length_c           47.721 
_cell.angle_alpha        90.00 
_cell.angle_beta         90.00 
_cell.angle_gamma        120.00 
_cell.Z_PDB              12 
_cell.pdbx_unique_axis   ? 
_cell.length_a_esd       ? 
_cell.length_b_esd       ? 
_cell.length_c_esd       ? 
_cell.angle_alpha_esd    ? 
_cell.angle_beta_esd     ? 
_cell.angle_gamma_esd    ? 
# 
_symmetry.entry_id                         2YUT 
_symmetry.space_group_name_H-M             'P 63 2 2' 
_symmetry.pdbx_full_space_group_name_H-M   ? 
_symmetry.cell_setting                     ? 
_symmetry.Int_Tables_number                182 
_symmetry.space_group_name_Hall            ? 
# 
_exptl.entry_id          2YUT 
_exptl.method            'X-RAY DIFFRACTION' 
_exptl.crystals_number   2 
# 
loop_
_exptl_crystal.id 
_exptl_crystal.density_meas 
_exptl_crystal.density_Matthews 
_exptl_crystal.density_percent_sol 
_exptl_crystal.description 
_exptl_crystal.F_000 
_exptl_crystal.preparation 
1 ? 3.51 64.98 ? ? ? 
2 ? ?    ?     ? ? ? 
# 
loop_
_exptl_crystal_grow.crystal_id 
_exptl_crystal_grow.method 
_exptl_crystal_grow.temp 
_exptl_crystal_grow.temp_details 
_exptl_crystal_grow.pH 
_exptl_crystal_grow.pdbx_details 
_exptl_crystal_grow.pdbx_pH_range 
1 'VAPOR DIFFUSION, HANGING DROP' 293 ? 6.2 
'10% 1,4-Dioxane, 1.6M Ammonium Sulfate, 0.1M MES, pH 6.2, VAPOR DIFFUSION, HANGING DROP, temperature 293K' . 
2 'VAPOR DIFFUSION, HANGING DROP' 293 ? 6.2 
'10% 1,4-Dioxane, 1.8M Ammonium Sulfate, 0.1M MES, pH 6.2, VAPOR DIFFUSION, HANGING DROP, temperature 293K' . 
# 
loop_
_diffrn.id 
_diffrn.ambient_temp 
_diffrn.ambient_temp_details 
_diffrn.crystal_id 
1   100 ? 1 
2   100 ? 1 
1,2 ?   ? 1 
# 
loop_
_diffrn_detector.diffrn_id 
_diffrn_detector.detector 
_diffrn_detector.type 
_diffrn_detector.pdbx_collection_date 
_diffrn_detector.details 
1 CCD 'RIGAKU JUPITER 210' 2006-06-27 
'A fixed exit Si double crystal monochromator followed by a two dimensional focusing mirror which is coated in rhodium.' 
2 CCD 'RIGAKU JUPITER 210' 2006-10-07 
'A fixed exit Si double crystal monochromator followed by a two dimensional focusing mirror which is coated in rhodium.' 
# 
loop_
_diffrn_radiation.diffrn_id 
_diffrn_radiation.wavelength_id 
_diffrn_radiation.pdbx_monochromatic_or_laue_m_l 
_diffrn_radiation.monochromator 
_diffrn_radiation.pdbx_diffrn_protocol 
_diffrn_radiation.pdbx_scattering_type 
1 1 M 'Fixed exit Si double crystal monochromator' 'SINGLE WAVELENGTH' x-ray 
2 1 M 'Fixed exit Si double crystal monochromator' 'SINGLE WAVELENGTH' x-ray 
# 
loop_
_diffrn_radiation_wavelength.id 
_diffrn_radiation_wavelength.wavelength 
_diffrn_radiation_wavelength.wt 
1 0.97888 1.0 
2 1.0     1.0 
# 
loop_
_diffrn_source.diffrn_id 
_diffrn_source.source 
_diffrn_source.type 
_diffrn_source.pdbx_synchrotron_site 
_diffrn_source.pdbx_synchrotron_beamline 
_diffrn_source.pdbx_wavelength 
_diffrn_source.pdbx_wavelength_list 
1 SYNCHROTRON 'SPRING-8 BEAMLINE BL26B2' SPring-8 BL26B2 ? 0.97888 
2 SYNCHROTRON 'SPRING-8 BEAMLINE BL26B2' SPring-8 BL26B2 ? 1.0     
# 
_reflns.entry_id                     2YUT 
_reflns.observed_criterion_sigma_I   ? 
_reflns.observed_criterion_sigma_F   ? 
_reflns.d_resolution_low             44.18 
_reflns.d_resolution_high            1.93 
_reflns.number_obs                   23182 
_reflns.number_all                   23182 
_reflns.percent_possible_obs         99.7 
_reflns.pdbx_Rmerge_I_obs            0.070 
_reflns.pdbx_Rsym_value              ? 
_reflns.pdbx_netI_over_sigmaI        21.5 
_reflns.B_iso_Wilson_estimate        13.2 
_reflns.pdbx_redundancy              20.51 
_reflns.R_free_details               ? 
_reflns.limit_h_max                  ? 
_reflns.limit_h_min                  ? 
_reflns.limit_k_max                  ? 
_reflns.limit_k_min                  ? 
_reflns.limit_l_max                  ? 
_reflns.limit_l_min                  ? 
_reflns.observed_criterion_F_max     ? 
_reflns.observed_criterion_F_min     ? 
_reflns.pdbx_chi_squared             ? 
_reflns.pdbx_scaling_rejects         ? 
_reflns.pdbx_ordinal                 1 
_reflns.pdbx_diffrn_id               1,2 
# 
_reflns_shell.d_res_high             1.93 
_reflns_shell.d_res_low              2.00 
_reflns_shell.percent_possible_all   100.0 
_reflns_shell.Rmerge_I_obs           0.325 
_reflns_shell.pdbx_Rsym_value        ? 
_reflns_shell.meanI_over_sigI_obs    9.1 
_reflns_shell.pdbx_redundancy        21.09 
_reflns_shell.percent_possible_obs   ? 
_reflns_shell.number_unique_all      ? 
_reflns_shell.number_measured_all    ? 
_reflns_shell.number_measured_obs    ? 
_reflns_shell.number_unique_obs      ? 
_reflns_shell.pdbx_chi_squared       ? 
_reflns_shell.pdbx_ordinal           1 
_reflns_shell.pdbx_diffrn_id         1,2 
# 
_refine.entry_id                                 2YUT 
_refine.ls_number_reflns_obs                     16364 
_refine.ls_number_reflns_all                     16364 
_refine.pdbx_ls_sigma_I                          0 
_refine.pdbx_ls_sigma_F                          0.0 
_refine.pdbx_data_cutoff_high_absF               2348231.27 
_refine.pdbx_data_cutoff_low_absF                0.000000 
_refine.pdbx_data_cutoff_high_rms_absF           ? 
_refine.ls_d_res_low                             23.86 
_refine.ls_d_res_high                            2.20 
_refine.ls_percent_reflns_obs                    99.9 
_refine.ls_R_factor_obs                          0.19 
_refine.ls_R_factor_all                          0.194 
_refine.ls_R_factor_R_work                       0.19 
_refine.ls_R_factor_R_free                       0.224 
_refine.ls_R_factor_R_free_error                 0.006 
_refine.ls_R_factor_R_free_error_details         ? 
_refine.ls_percent_reflns_R_free                 10.0 
_refine.ls_number_reflns_R_free                  1633 
_refine.ls_number_parameters                     ? 
_refine.ls_number_restraints                     ? 
_refine.occupancy_min                            ? 
_refine.occupancy_max                            ? 
_refine.correlation_coeff_Fo_to_Fc               ? 
_refine.correlation_coeff_Fo_to_Fc_free          ? 
_refine.B_iso_mean                               26.8 
_refine.aniso_B[1][1]                            -4.31 
_refine.aniso_B[2][2]                            -4.31 
_refine.aniso_B[3][3]                            8.62 
_refine.aniso_B[1][2]                            -0.23 
_refine.aniso_B[1][3]                            0.00 
_refine.aniso_B[2][3]                            0.00 
_refine.solvent_model_details                    'FLAT MODEL' 
_refine.solvent_model_param_ksol                 0.442622 
_refine.solvent_model_param_bsol                 75.5628 
_refine.pdbx_solvent_vdw_probe_radii             ? 
_refine.pdbx_solvent_ion_probe_radii             ? 
_refine.pdbx_solvent_shrinkage_radii             ? 
_refine.pdbx_ls_cross_valid_method               THROUGHOUT 
_refine.details                                  ? 
_refine.pdbx_starting_model                      ? 
_refine.pdbx_method_to_determine_struct          SAD 
_refine.pdbx_isotropic_thermal_model             RESTRAINED 
_refine.pdbx_stereochemistry_target_values       'Engh & Huber' 
_refine.pdbx_stereochem_target_val_spec_case     ? 
_refine.pdbx_R_Free_selection_details            RANDOM 
_refine.pdbx_overall_ESU_R                       ? 
_refine.pdbx_overall_ESU_R_Free                  ? 
_refine.overall_SU_ML                            ? 
_refine.overall_SU_B                             ? 
_refine.ls_redundancy_reflns_obs                 ? 
_refine.B_iso_min                                ? 
_refine.B_iso_max                                ? 
_refine.overall_SU_R_Cruickshank_DPI             ? 
_refine.overall_SU_R_free                        ? 
_refine.ls_wR_factor_R_free                      ? 
_refine.ls_wR_factor_R_work                      ? 
_refine.overall_FOM_free_R_set                   ? 
_refine.overall_FOM_work_R_set                   ? 
_refine.pdbx_refine_id                           'X-RAY DIFFRACTION' 
_refine.pdbx_diffrn_id                           1 
_refine.pdbx_TLS_residual_ADP_flag               ? 
_refine.pdbx_overall_phase_error                 ? 
_refine.pdbx_overall_SU_R_free_Cruickshank_DPI   ? 
_refine.pdbx_overall_SU_R_Blow_DPI               ? 
_refine.pdbx_overall_SU_R_free_Blow_DPI          ? 
# 
_refine_analyze.entry_id                        2YUT 
_refine_analyze.Luzzati_coordinate_error_obs    0.21 
_refine_analyze.Luzzati_sigma_a_obs             0.13 
_refine_analyze.Luzzati_d_res_low_obs           5.00 
_refine_analyze.Luzzati_coordinate_error_free   0.27 
_refine_analyze.Luzzati_sigma_a_free            0.21 
_refine_analyze.Luzzati_d_res_low_free          ? 
_refine_analyze.number_disordered_residues      ? 
_refine_analyze.occupancy_sum_hydrogen          ? 
_refine_analyze.occupancy_sum_non_hydrogen      ? 
_refine_analyze.pdbx_Luzzati_d_res_high_obs     ? 
_refine_analyze.pdbx_refine_id                  'X-RAY DIFFRACTION' 
# 
_refine_hist.pdbx_refine_id                   'X-RAY DIFFRACTION' 
_refine_hist.cycle_id                         LAST 
_refine_hist.pdbx_number_atoms_protein        1489 
_refine_hist.pdbx_number_atoms_nucleic_acid   0 
_refine_hist.pdbx_number_atoms_ligand         48 
_refine_hist.number_atoms_solvent             119 
_refine_hist.number_atoms_total               1656 
_refine_hist.d_res_high                       2.20 
_refine_hist.d_res_low                        23.86 
# 
loop_
_refine_ls_restr.type 
_refine_ls_restr.dev_ideal 
_refine_ls_restr.dev_ideal_target 
_refine_ls_restr.weight 
_refine_ls_restr.number 
_refine_ls_restr.pdbx_refine_id 
_refine_ls_restr.pdbx_restraint_function 
c_bond_d                0.005 ?    ? ? 'X-RAY DIFFRACTION' ? 
c_bond_d_na             ?     ?    ? ? 'X-RAY DIFFRACTION' ? 
c_bond_d_prot           ?     ?    ? ? 'X-RAY DIFFRACTION' ? 
c_angle_d               ?     ?    ? ? 'X-RAY DIFFRACTION' ? 
c_angle_d_na            ?     ?    ? ? 'X-RAY DIFFRACTION' ? 
c_angle_d_prot          ?     ?    ? ? 'X-RAY DIFFRACTION' ? 
c_angle_deg             1.3   ?    ? ? 'X-RAY DIFFRACTION' ? 
c_angle_deg_na          ?     ?    ? ? 'X-RAY DIFFRACTION' ? 
c_angle_deg_prot        ?     ?    ? ? 'X-RAY DIFFRACTION' ? 
c_dihedral_angle_d      22.1  ?    ? ? 'X-RAY DIFFRACTION' ? 
c_dihedral_angle_d_na   ?     ?    ? ? 'X-RAY DIFFRACTION' ? 
c_dihedral_angle_d_prot ?     ?    ? ? 'X-RAY DIFFRACTION' ? 
c_improper_angle_d      0.77  ?    ? ? 'X-RAY DIFFRACTION' ? 
c_improper_angle_d_na   ?     ?    ? ? 'X-RAY DIFFRACTION' ? 
c_improper_angle_d_prot ?     ?    ? ? 'X-RAY DIFFRACTION' ? 
c_mcbond_it             4.26  1.50 ? ? 'X-RAY DIFFRACTION' ? 
c_mcangle_it            4.86  2.00 ? ? 'X-RAY DIFFRACTION' ? 
c_scbond_it             6.64  2.00 ? ? 'X-RAY DIFFRACTION' ? 
c_scangle_it            8.37  2.50 ? ? 'X-RAY DIFFRACTION' ? 
# 
_refine_ls_shell.pdbx_total_number_of_bins_used   6 
_refine_ls_shell.d_res_high                       2.20 
_refine_ls_shell.d_res_low                        2.34 
_refine_ls_shell.number_reflns_R_work             2370 
_refine_ls_shell.R_factor_R_work                  0.209 
_refine_ls_shell.percent_reflns_obs               99.9 
_refine_ls_shell.R_factor_R_free                  0.259 
_refine_ls_shell.R_factor_R_free_error            0.015 
_refine_ls_shell.percent_reflns_R_free            10.5 
_refine_ls_shell.number_reflns_R_free             279 
_refine_ls_shell.number_reflns_all                ? 
_refine_ls_shell.R_factor_all                     ? 
_refine_ls_shell.number_reflns_obs                2649 
_refine_ls_shell.redundancy_reflns_obs            ? 
_refine_ls_shell.pdbx_refine_id                   'X-RAY DIFFRACTION' 
# 
loop_
_pdbx_xplor_file.serial_no 
_pdbx_xplor_file.param_file 
_pdbx_xplor_file.topol_file 
_pdbx_xplor_file.pdbx_refine_id 
1 protein_rep.param protein.top     'X-RAY DIFFRACTION' 
2 water_rep.param   water.top       'X-RAY DIFFRACTION' 
3 nap_prodrug.param nap_prodrug.top 'X-RAY DIFFRACTION' 
# 
_struct.entry_id                  2YUT 
_struct.title                     'Crystal Structure of Putative Short-Chain Oxidoreductase TTHB094 from Thermus thermophilus HB8' 
_struct.pdbx_model_details        ? 
_struct.pdbx_CASP_flag            ? 
_struct.pdbx_model_type_details   ? 
# 
_struct_keywords.entry_id        2YUT 
_struct_keywords.pdbx_keywords   OXIDOREDUCTASE 
_struct_keywords.text            
;Alpha and beta proteins (a/b), NAD(P)-binding Rossmann-fold domains, Structural Genomics, NPPSFA, National Project on Protein Structural and Functional Analyses, RIKEN Structural Genomics/Proteomics Initiative, RSGI, Oxidoreductase
;
# 
loop_
_struct_asym.id 
_struct_asym.pdbx_blank_PDB_chainid_flag 
_struct_asym.pdbx_modified 
_struct_asym.entity_id 
_struct_asym.details 
A N N 1 ? 
B N N 2 ? 
C N N 3 ? 
# 
_struct_ref.id                         1 
_struct_ref.db_name                    UNP 
_struct_ref.db_code                    Q53W68_THET8 
_struct_ref.pdbx_db_accession          Q53W68 
_struct_ref.entity_id                  1 
_struct_ref.pdbx_seq_one_letter_code   
;MRVLITGATGGLGGAFARALKGHDLLLSGRRAGALAELAREVGARALPADLADELEAKALLEEAGPLDLLVHAVGKAGRA
SVREAGRDLVEEMLAAHLLTAAFVLKHARFQKGARAVFFGAYPRYVQVPGFAAYAAAKGALEAYLEAARKELLREGVHLV
LVRLPAVATGLWAPLGGPPKGALSPEEAARKVLEGLFREPVPALLEV
;
_struct_ref.pdbx_align_begin           1 
_struct_ref.pdbx_db_isoform            ? 
# 
_struct_ref_seq.align_id                      1 
_struct_ref_seq.ref_id                        1 
_struct_ref_seq.pdbx_PDB_id_code              2YUT 
_struct_ref_seq.pdbx_strand_id                A 
_struct_ref_seq.seq_align_beg                 1 
_struct_ref_seq.pdbx_seq_align_beg_ins_code   ? 
_struct_ref_seq.seq_align_end                 207 
_struct_ref_seq.pdbx_seq_align_end_ins_code   ? 
_struct_ref_seq.pdbx_db_accession             Q53W68 
_struct_ref_seq.db_align_beg                  1 
_struct_ref_seq.pdbx_db_align_beg_ins_code    ? 
_struct_ref_seq.db_align_end                  207 
_struct_ref_seq.pdbx_db_align_end_ins_code    ? 
_struct_ref_seq.pdbx_auth_seq_align_beg       1 
_struct_ref_seq.pdbx_auth_seq_align_end       207 
# 
loop_
_struct_ref_seq_dif.align_id 
_struct_ref_seq_dif.pdbx_pdb_id_code 
_struct_ref_seq_dif.mon_id 
_struct_ref_seq_dif.pdbx_pdb_strand_id 
_struct_ref_seq_dif.seq_num 
_struct_ref_seq_dif.pdbx_pdb_ins_code 
_struct_ref_seq_dif.pdbx_seq_db_name 
_struct_ref_seq_dif.pdbx_seq_db_accession_code 
_struct_ref_seq_dif.db_mon_id 
_struct_ref_seq_dif.pdbx_seq_db_seq_num 
_struct_ref_seq_dif.details 
_struct_ref_seq_dif.pdbx_auth_seq_num 
_struct_ref_seq_dif.pdbx_ordinal 
1 2YUT MSE A 1  ? UNP Q53W68 MET 1  'modified residue' 1  1 
1 2YUT MSE A 93 ? UNP Q53W68 MET 93 'modified residue' 93 2 
# 
_pdbx_struct_assembly.id                   1 
_pdbx_struct_assembly.details              author_and_software_defined_assembly 
_pdbx_struct_assembly.method_details       PISA,PQS 
_pdbx_struct_assembly.oligomeric_details   dimeric 
_pdbx_struct_assembly.oligomeric_count     2 
# 
loop_
_pdbx_struct_assembly_prop.biol_id 
_pdbx_struct_assembly_prop.type 
_pdbx_struct_assembly_prop.value 
_pdbx_struct_assembly_prop.details 
1 'ABSA (A^2)' 5590  ? 
1 MORE         -27   ? 
1 'SSA (A^2)'  18420 ? 
# 
_pdbx_struct_assembly_gen.assembly_id       1 
_pdbx_struct_assembly_gen.oper_expression   1,2 
_pdbx_struct_assembly_gen.asym_id_list      A,B,C 
# 
loop_
_pdbx_struct_oper_list.id 
_pdbx_struct_oper_list.type 
_pdbx_struct_oper_list.name 
_pdbx_struct_oper_list.symmetry_operation 
_pdbx_struct_oper_list.matrix[1][1] 
_pdbx_struct_oper_list.matrix[1][2] 
_pdbx_struct_oper_list.matrix[1][3] 
_pdbx_struct_oper_list.vector[1] 
_pdbx_struct_oper_list.matrix[2][1] 
_pdbx_struct_oper_list.matrix[2][2] 
_pdbx_struct_oper_list.matrix[2][3] 
_pdbx_struct_oper_list.vector[2] 
_pdbx_struct_oper_list.matrix[3][1] 
_pdbx_struct_oper_list.matrix[3][2] 
_pdbx_struct_oper_list.matrix[3][3] 
_pdbx_struct_oper_list.vector[3] 
1 'identity operation'         1_555  x,y,z        1.0000000000  0.0000000000 0.0000000000 0.0000000000  0.0000000000 1.0000000000 0.0000000000 0.0000000000   0.0000000000 0.0000000000 1.0000000000  0.0000000000   
2 'crystal symmetry operation' 12_555 x,x-y,-z+1/2 -0.5376706131 0.8338037197 0.1252264701 24.7567685521 0.8338037197 0.5037517897 0.2258439534 -11.0690226616 0.1252264701 0.2258439534 -0.9660811767 -17.6990484242 
# 
_struct_biol.id   1 
# 
loop_
_struct_conf.conf_type_id 
_struct_conf.id 
_struct_conf.pdbx_PDB_helix_id 
_struct_conf.beg_label_comp_id 
_struct_conf.beg_label_asym_id 
_struct_conf.beg_label_seq_id 
_struct_conf.pdbx_beg_PDB_ins_code 
_struct_conf.end_label_comp_id 
_struct_conf.end_label_asym_id 
_struct_conf.end_label_seq_id 
_struct_conf.pdbx_end_PDB_ins_code 
_struct_conf.beg_auth_comp_id 
_struct_conf.beg_auth_asym_id 
_struct_conf.beg_auth_seq_id 
_struct_conf.end_auth_comp_id 
_struct_conf.end_auth_asym_id 
_struct_conf.end_auth_seq_id 
_struct_conf.pdbx_PDB_helix_class 
_struct_conf.details 
_struct_conf.pdbx_PDB_helix_length 
HELX_P HELX_P1 1 GLY A 10  ? LEU A 20  ? GLY A 10  LEU A 20  1 ? 11 
HELX_P HELX_P2 2 ARG A 31  ? GLY A 43  ? ARG A 31  GLY A 43  1 ? 13 
HELX_P HELX_P3 3 ASP A 53  ? GLY A 65  ? ASP A 53  GLY A 65  1 ? 13 
HELX_P HELX_P4 4 ASP A 88  ? ALA A 108 ? ASP A 88  ALA A 108 1 ? 21 
HELX_P HELX_P5 5 TYR A 122 ? GLN A 127 ? TYR A 122 GLN A 127 1 ? 6  
HELX_P HELX_P6 6 PHE A 131 ? ARG A 154 ? PHE A 131 ARG A 154 1 ? 24 
HELX_P HELX_P7 7 THR A 169 ? GLY A 176 ? THR A 169 GLY A 176 5 ? 8  
HELX_P HELX_P8 8 SER A 184 ? PHE A 197 ? SER A 184 PHE A 197 1 ? 14 
# 
_struct_conf_type.id          HELX_P 
_struct_conf_type.criteria    ? 
_struct_conf_type.reference   ? 
# 
loop_
_struct_conn.id 
_struct_conn.conn_type_id 
_struct_conn.pdbx_leaving_atom_flag 
_struct_conn.pdbx_PDB_id 
_struct_conn.ptnr1_label_asym_id 
_struct_conn.ptnr1_label_comp_id 
_struct_conn.ptnr1_label_seq_id 
_struct_conn.ptnr1_label_atom_id 
_struct_conn.pdbx_ptnr1_label_alt_id 
_struct_conn.pdbx_ptnr1_PDB_ins_code 
_struct_conn.pdbx_ptnr1_standard_comp_id 
_struct_conn.ptnr1_symmetry 
_struct_conn.ptnr2_label_asym_id 
_struct_conn.ptnr2_label_comp_id 
_struct_conn.ptnr2_label_seq_id 
_struct_conn.ptnr2_label_atom_id 
_struct_conn.pdbx_ptnr2_label_alt_id 
_struct_conn.pdbx_ptnr2_PDB_ins_code 
_struct_conn.ptnr1_auth_asym_id 
_struct_conn.ptnr1_auth_comp_id 
_struct_conn.ptnr1_auth_seq_id 
_struct_conn.ptnr2_auth_asym_id 
_struct_conn.ptnr2_auth_comp_id 
_struct_conn.ptnr2_auth_seq_id 
_struct_conn.ptnr2_symmetry 
_struct_conn.pdbx_ptnr3_label_atom_id 
_struct_conn.pdbx_ptnr3_label_seq_id 
_struct_conn.pdbx_ptnr3_label_comp_id 
_struct_conn.pdbx_ptnr3_label_asym_id 
_struct_conn.pdbx_ptnr3_label_alt_id 
_struct_conn.pdbx_ptnr3_PDB_ins_code 
_struct_conn.details 
_struct_conn.pdbx_dist_value 
_struct_conn.pdbx_value_order 
_struct_conn.pdbx_role 
covale1 covale both ? A MSE 1  C ? ? ? 1_555 A ARG 2  N ? ? A MSE 1  A ARG 2  1_555 ? ? ? ? ? ? ? 1.329 ? ? 
covale2 covale both ? A GLU 92 C ? ? ? 1_555 A MSE 93 N ? ? A GLU 92 A MSE 93 1_555 ? ? ? ? ? ? ? 1.332 ? ? 
covale3 covale both ? A MSE 93 C ? ? ? 1_555 A LEU 94 N ? ? A MSE 93 A LEU 94 1_555 ? ? ? ? ? ? ? 1.331 ? ? 
# 
_struct_conn_type.id          covale 
_struct_conn_type.criteria    ? 
_struct_conn_type.reference   ? 
# 
loop_
_pdbx_modification_feature.ordinal 
_pdbx_modification_feature.label_comp_id 
_pdbx_modification_feature.label_asym_id 
_pdbx_modification_feature.label_seq_id 
_pdbx_modification_feature.label_alt_id 
_pdbx_modification_feature.modified_residue_label_comp_id 
_pdbx_modification_feature.modified_residue_label_asym_id 
_pdbx_modification_feature.modified_residue_label_seq_id 
_pdbx_modification_feature.modified_residue_label_alt_id 
_pdbx_modification_feature.auth_comp_id 
_pdbx_modification_feature.auth_asym_id 
_pdbx_modification_feature.auth_seq_id 
_pdbx_modification_feature.PDB_ins_code 
_pdbx_modification_feature.symmetry 
_pdbx_modification_feature.modified_residue_auth_comp_id 
_pdbx_modification_feature.modified_residue_auth_asym_id 
_pdbx_modification_feature.modified_residue_auth_seq_id 
_pdbx_modification_feature.modified_residue_PDB_ins_code 
_pdbx_modification_feature.modified_residue_symmetry 
_pdbx_modification_feature.comp_id_linking_atom 
_pdbx_modification_feature.modified_residue_id_linking_atom 
_pdbx_modification_feature.modified_residue_id 
_pdbx_modification_feature.ref_pcm_id 
_pdbx_modification_feature.ref_comp_id 
_pdbx_modification_feature.type 
_pdbx_modification_feature.category 
1 MSE A 1  ? . . . . MSE A 1  ? 1_555 . . . . . . . MET 1 MSE Selenomethionine 'Named protein modification' 
2 MSE A 93 ? . . . . MSE A 93 ? 1_555 . . . . . . . MET 1 MSE Selenomethionine 'Named protein modification' 
# 
_struct_sheet.id               A 
_struct_sheet.type             ? 
_struct_sheet.number_strands   6 
_struct_sheet.details          ? 
# 
loop_
_struct_sheet_order.sheet_id 
_struct_sheet_order.range_id_1 
_struct_sheet_order.range_id_2 
_struct_sheet_order.offset 
_struct_sheet_order.sense 
A 1 2 ? parallel 
A 2 3 ? parallel 
A 3 4 ? parallel 
A 4 5 ? parallel 
A 5 6 ? parallel 
# 
loop_
_struct_sheet_range.sheet_id 
_struct_sheet_range.id 
_struct_sheet_range.beg_label_comp_id 
_struct_sheet_range.beg_label_asym_id 
_struct_sheet_range.beg_label_seq_id 
_struct_sheet_range.pdbx_beg_PDB_ins_code 
_struct_sheet_range.end_label_comp_id 
_struct_sheet_range.end_label_asym_id 
_struct_sheet_range.end_label_seq_id 
_struct_sheet_range.pdbx_end_PDB_ins_code 
_struct_sheet_range.beg_auth_comp_id 
_struct_sheet_range.beg_auth_asym_id 
_struct_sheet_range.beg_auth_seq_id 
_struct_sheet_range.end_auth_comp_id 
_struct_sheet_range.end_auth_asym_id 
_struct_sheet_range.end_auth_seq_id 
A 1 ARG A 45  ? ALA A 46  ? ARG A 45  ALA A 46  
A 2 ASP A 24  ? SER A 28  ? ASP A 24  SER A 28  
A 3 ARG A 2   ? THR A 6   ? ARG A 2   THR A 6   
A 4 LEU A 67  ? HIS A 72  ? LEU A 67  HIS A 72  
A 5 PHE A 110 ? PHE A 119 ? PHE A 110 PHE A 119 
A 6 HIS A 158 ? VAL A 162 ? HIS A 158 VAL A 162 
# 
loop_
_pdbx_struct_sheet_hbond.sheet_id 
_pdbx_struct_sheet_hbond.range_id_1 
_pdbx_struct_sheet_hbond.range_id_2 
_pdbx_struct_sheet_hbond.range_1_label_atom_id 
_pdbx_struct_sheet_hbond.range_1_label_comp_id 
_pdbx_struct_sheet_hbond.range_1_label_asym_id 
_pdbx_struct_sheet_hbond.range_1_label_seq_id 
_pdbx_struct_sheet_hbond.range_1_PDB_ins_code 
_pdbx_struct_sheet_hbond.range_1_auth_atom_id 
_pdbx_struct_sheet_hbond.range_1_auth_comp_id 
_pdbx_struct_sheet_hbond.range_1_auth_asym_id 
_pdbx_struct_sheet_hbond.range_1_auth_seq_id 
_pdbx_struct_sheet_hbond.range_2_label_atom_id 
_pdbx_struct_sheet_hbond.range_2_label_comp_id 
_pdbx_struct_sheet_hbond.range_2_label_asym_id 
_pdbx_struct_sheet_hbond.range_2_label_seq_id 
_pdbx_struct_sheet_hbond.range_2_PDB_ins_code 
_pdbx_struct_sheet_hbond.range_2_auth_atom_id 
_pdbx_struct_sheet_hbond.range_2_auth_comp_id 
_pdbx_struct_sheet_hbond.range_2_auth_asym_id 
_pdbx_struct_sheet_hbond.range_2_auth_seq_id 
A 1 2 O ARG A 45  ? O ARG A 45  N LEU A 27  ? N LEU A 27  
A 2 3 O LEU A 26  ? O LEU A 26  N VAL A 3   ? N VAL A 3   
A 3 4 N ARG A 2   ? N ARG A 2   O ASP A 68  ? O ASP A 68  
A 4 5 N LEU A 70  ? N LEU A 70  O VAL A 117 ? O VAL A 117 
A 5 6 N ALA A 114 ? N ALA A 114 O HIS A 158 ? O HIS A 158 
# 
_struct_site.id                   AC1 
_struct_site.pdbx_evidence_code   Software 
_struct_site.pdbx_auth_asym_id    A 
_struct_site.pdbx_auth_comp_id    NAP 
_struct_site.pdbx_auth_seq_id     500 
_struct_site.pdbx_auth_ins_code   ? 
_struct_site.pdbx_num_residues    33 
_struct_site.details              'BINDING SITE FOR RESIDUE NAP A 500' 
# 
loop_
_struct_site_gen.id 
_struct_site_gen.site_id 
_struct_site_gen.pdbx_num_res 
_struct_site_gen.label_comp_id 
_struct_site_gen.label_asym_id 
_struct_site_gen.label_seq_id 
_struct_site_gen.pdbx_auth_ins_code 
_struct_site_gen.auth_comp_id 
_struct_site_gen.auth_asym_id 
_struct_site_gen.auth_seq_id 
_struct_site_gen.label_atom_id 
_struct_site_gen.label_alt_id 
_struct_site_gen.symmetry 
_struct_site_gen.details 
1  AC1 33 GLY A 7   ? GLY A 7   . ? 1_555 ? 
2  AC1 33 THR A 9   ? THR A 9   . ? 1_555 ? 
3  AC1 33 GLY A 10  ? GLY A 10  . ? 1_555 ? 
4  AC1 33 GLY A 11  ? GLY A 11  . ? 1_555 ? 
5  AC1 33 LEU A 12  ? LEU A 12  . ? 1_555 ? 
6  AC1 33 ARG A 30  ? ARG A 30  . ? 1_555 ? 
7  AC1 33 ARG A 31  ? ARG A 31  . ? 1_555 ? 
8  AC1 33 ALA A 49  ? ALA A 49  . ? 1_555 ? 
9  AC1 33 ASP A 50  ? ASP A 50  . ? 1_555 ? 
10 AC1 33 LEU A 51  ? LEU A 51  . ? 1_555 ? 
11 AC1 33 ALA A 73  ? ALA A 73  . ? 1_555 ? 
12 AC1 33 VAL A 74  ? VAL A 74  . ? 1_555 ? 
13 AC1 33 GLY A 75  ? GLY A 75  . ? 1_555 ? 
14 AC1 33 LYS A 76  ? LYS A 76  . ? 1_555 ? 
15 AC1 33 HIS A 97  ? HIS A 97  . ? 1_555 ? 
16 AC1 33 TYR A 134 ? TYR A 134 . ? 1_555 ? 
17 AC1 33 LYS A 138 ? LYS A 138 . ? 1_555 ? 
18 AC1 33 PRO A 165 ? PRO A 165 . ? 1_555 ? 
19 AC1 33 ALA A 166 ? ALA A 166 . ? 1_555 ? 
20 AC1 33 VAL A 167 ? VAL A 167 . ? 1_555 ? 
21 AC1 33 THR A 169 ? THR A 169 . ? 1_555 ? 
22 AC1 33 LEU A 171 ? LEU A 171 . ? 1_555 ? 
23 AC1 33 TRP A 172 ? TRP A 172 . ? 1_555 ? 
24 AC1 33 HOH C .   ? HOH A 508 . ? 1_555 ? 
25 AC1 33 HOH C .   ? HOH A 517 . ? 1_555 ? 
26 AC1 33 HOH C .   ? HOH A 526 . ? 1_555 ? 
27 AC1 33 HOH C .   ? HOH A 567 . ? 1_555 ? 
28 AC1 33 HOH C .   ? HOH A 589 . ? 1_555 ? 
29 AC1 33 HOH C .   ? HOH A 599 . ? 1_555 ? 
30 AC1 33 HOH C .   ? HOH A 602 . ? 1_555 ? 
31 AC1 33 HOH C .   ? HOH A 607 . ? 1_555 ? 
32 AC1 33 HOH C .   ? HOH A 613 . ? 1_555 ? 
33 AC1 33 HOH C .   ? HOH A 619 . ? 1_555 ? 
# 
_pdbx_entry_details.entry_id                   2YUT 
_pdbx_entry_details.compound_details           ? 
_pdbx_entry_details.source_details             ? 
_pdbx_entry_details.nonpolymer_details         ? 
_pdbx_entry_details.sequence_details           ? 
_pdbx_entry_details.has_ligand_of_interest     ? 
_pdbx_entry_details.has_protein_modification   Y 
# 
_pdbx_SG_project.id                    1 
_pdbx_SG_project.project_name          'NPPSFA, National Project on Protein Structural and Functional Analyses' 
_pdbx_SG_project.full_name_of_center   'RIKEN Structural Genomics/Proteomics Initiative' 
_pdbx_SG_project.initial_of_center     RSGI 
# 
loop_
_pdbx_struct_mod_residue.id 
_pdbx_struct_mod_residue.label_asym_id 
_pdbx_struct_mod_residue.label_comp_id 
_pdbx_struct_mod_residue.label_seq_id 
_pdbx_struct_mod_residue.auth_asym_id 
_pdbx_struct_mod_residue.auth_comp_id 
_pdbx_struct_mod_residue.auth_seq_id 
_pdbx_struct_mod_residue.PDB_ins_code 
_pdbx_struct_mod_residue.parent_comp_id 
_pdbx_struct_mod_residue.details 
1 A MSE 1  A MSE 1  ? MET SELENOMETHIONINE 
2 A MSE 93 A MSE 93 ? MET SELENOMETHIONINE 
# 
_pdbx_struct_special_symmetry.id              1 
_pdbx_struct_special_symmetry.PDB_model_num   1 
_pdbx_struct_special_symmetry.auth_asym_id    A 
_pdbx_struct_special_symmetry.auth_comp_id    HOH 
_pdbx_struct_special_symmetry.auth_seq_id     501 
_pdbx_struct_special_symmetry.PDB_ins_code    ? 
_pdbx_struct_special_symmetry.label_asym_id   C 
_pdbx_struct_special_symmetry.label_comp_id   HOH 
_pdbx_struct_special_symmetry.label_seq_id    . 
# 
loop_
_pdbx_unobs_or_zero_occ_residues.id 
_pdbx_unobs_or_zero_occ_residues.PDB_model_num 
_pdbx_unobs_or_zero_occ_residues.polymer_flag 
_pdbx_unobs_or_zero_occ_residues.occupancy_flag 
_pdbx_unobs_or_zero_occ_residues.auth_asym_id 
_pdbx_unobs_or_zero_occ_residues.auth_comp_id 
_pdbx_unobs_or_zero_occ_residues.auth_seq_id 
_pdbx_unobs_or_zero_occ_residues.PDB_ins_code 
_pdbx_unobs_or_zero_occ_residues.label_asym_id 
_pdbx_unobs_or_zero_occ_residues.label_comp_id 
_pdbx_unobs_or_zero_occ_residues.label_seq_id 
1 1 Y 1 A ALA 85  ? A ALA 85  
2 1 Y 1 A GLY 86  ? A GLY 86  
3 1 Y 1 A ARG 87  ? A ARG 87  
4 1 Y 1 A ARG 198 ? A ARG 198 
5 1 Y 1 A GLU 199 ? A GLU 199 
# 
loop_
_chem_comp_atom.comp_id 
_chem_comp_atom.atom_id 
_chem_comp_atom.type_symbol 
_chem_comp_atom.pdbx_aromatic_flag 
_chem_comp_atom.pdbx_stereo_config 
_chem_comp_atom.pdbx_ordinal 
ALA N    N  N N 1   
ALA CA   C  N S 2   
ALA C    C  N N 3   
ALA O    O  N N 4   
ALA CB   C  N N 5   
ALA OXT  O  N N 6   
ALA H    H  N N 7   
ALA H2   H  N N 8   
ALA HA   H  N N 9   
ALA HB1  H  N N 10  
ALA HB2  H  N N 11  
ALA HB3  H  N N 12  
ALA HXT  H  N N 13  
ARG N    N  N N 14  
ARG CA   C  N S 15  
ARG C    C  N N 16  
ARG O    O  N N 17  
ARG CB   C  N N 18  
ARG CG   C  N N 19  
ARG CD   C  N N 20  
ARG NE   N  N N 21  
ARG CZ   C  N N 22  
ARG NH1  N  N N 23  
ARG NH2  N  N N 24  
ARG OXT  O  N N 25  
ARG H    H  N N 26  
ARG H2   H  N N 27  
ARG HA   H  N N 28  
ARG HB2  H  N N 29  
ARG HB3  H  N N 30  
ARG HG2  H  N N 31  
ARG HG3  H  N N 32  
ARG HD2  H  N N 33  
ARG HD3  H  N N 34  
ARG HE   H  N N 35  
ARG HH11 H  N N 36  
ARG HH12 H  N N 37  
ARG HH21 H  N N 38  
ARG HH22 H  N N 39  
ARG HXT  H  N N 40  
ASP N    N  N N 41  
ASP CA   C  N S 42  
ASP C    C  N N 43  
ASP O    O  N N 44  
ASP CB   C  N N 45  
ASP CG   C  N N 46  
ASP OD1  O  N N 47  
ASP OD2  O  N N 48  
ASP OXT  O  N N 49  
ASP H    H  N N 50  
ASP H2   H  N N 51  
ASP HA   H  N N 52  
ASP HB2  H  N N 53  
ASP HB3  H  N N 54  
ASP HD2  H  N N 55  
ASP HXT  H  N N 56  
GLN N    N  N N 57  
GLN CA   C  N S 58  
GLN C    C  N N 59  
GLN O    O  N N 60  
GLN CB   C  N N 61  
GLN CG   C  N N 62  
GLN CD   C  N N 63  
GLN OE1  O  N N 64  
GLN NE2  N  N N 65  
GLN OXT  O  N N 66  
GLN H    H  N N 67  
GLN H2   H  N N 68  
GLN HA   H  N N 69  
GLN HB2  H  N N 70  
GLN HB3  H  N N 71  
GLN HG2  H  N N 72  
GLN HG3  H  N N 73  
GLN HE21 H  N N 74  
GLN HE22 H  N N 75  
GLN HXT  H  N N 76  
GLU N    N  N N 77  
GLU CA   C  N S 78  
GLU C    C  N N 79  
GLU O    O  N N 80  
GLU CB   C  N N 81  
GLU CG   C  N N 82  
GLU CD   C  N N 83  
GLU OE1  O  N N 84  
GLU OE2  O  N N 85  
GLU OXT  O  N N 86  
GLU H    H  N N 87  
GLU H2   H  N N 88  
GLU HA   H  N N 89  
GLU HB2  H  N N 90  
GLU HB3  H  N N 91  
GLU HG2  H  N N 92  
GLU HG3  H  N N 93  
GLU HE2  H  N N 94  
GLU HXT  H  N N 95  
GLY N    N  N N 96  
GLY CA   C  N N 97  
GLY C    C  N N 98  
GLY O    O  N N 99  
GLY OXT  O  N N 100 
GLY H    H  N N 101 
GLY H2   H  N N 102 
GLY HA2  H  N N 103 
GLY HA3  H  N N 104 
GLY HXT  H  N N 105 
HIS N    N  N N 106 
HIS CA   C  N S 107 
HIS C    C  N N 108 
HIS O    O  N N 109 
HIS CB   C  N N 110 
HIS CG   C  Y N 111 
HIS ND1  N  Y N 112 
HIS CD2  C  Y N 113 
HIS CE1  C  Y N 114 
HIS NE2  N  Y N 115 
HIS OXT  O  N N 116 
HIS H    H  N N 117 
HIS H2   H  N N 118 
HIS HA   H  N N 119 
HIS HB2  H  N N 120 
HIS HB3  H  N N 121 
HIS HD1  H  N N 122 
HIS HD2  H  N N 123 
HIS HE1  H  N N 124 
HIS HE2  H  N N 125 
HIS HXT  H  N N 126 
HOH O    O  N N 127 
HOH H1   H  N N 128 
HOH H2   H  N N 129 
ILE N    N  N N 130 
ILE CA   C  N S 131 
ILE C    C  N N 132 
ILE O    O  N N 133 
ILE CB   C  N S 134 
ILE CG1  C  N N 135 
ILE CG2  C  N N 136 
ILE CD1  C  N N 137 
ILE OXT  O  N N 138 
ILE H    H  N N 139 
ILE H2   H  N N 140 
ILE HA   H  N N 141 
ILE HB   H  N N 142 
ILE HG12 H  N N 143 
ILE HG13 H  N N 144 
ILE HG21 H  N N 145 
ILE HG22 H  N N 146 
ILE HG23 H  N N 147 
ILE HD11 H  N N 148 
ILE HD12 H  N N 149 
ILE HD13 H  N N 150 
ILE HXT  H  N N 151 
LEU N    N  N N 152 
LEU CA   C  N S 153 
LEU C    C  N N 154 
LEU O    O  N N 155 
LEU CB   C  N N 156 
LEU CG   C  N N 157 
LEU CD1  C  N N 158 
LEU CD2  C  N N 159 
LEU OXT  O  N N 160 
LEU H    H  N N 161 
LEU H2   H  N N 162 
LEU HA   H  N N 163 
LEU HB2  H  N N 164 
LEU HB3  H  N N 165 
LEU HG   H  N N 166 
LEU HD11 H  N N 167 
LEU HD12 H  N N 168 
LEU HD13 H  N N 169 
LEU HD21 H  N N 170 
LEU HD22 H  N N 171 
LEU HD23 H  N N 172 
LEU HXT  H  N N 173 
LYS N    N  N N 174 
LYS CA   C  N S 175 
LYS C    C  N N 176 
LYS O    O  N N 177 
LYS CB   C  N N 178 
LYS CG   C  N N 179 
LYS CD   C  N N 180 
LYS CE   C  N N 181 
LYS NZ   N  N N 182 
LYS OXT  O  N N 183 
LYS H    H  N N 184 
LYS H2   H  N N 185 
LYS HA   H  N N 186 
LYS HB2  H  N N 187 
LYS HB3  H  N N 188 
LYS HG2  H  N N 189 
LYS HG3  H  N N 190 
LYS HD2  H  N N 191 
LYS HD3  H  N N 192 
LYS HE2  H  N N 193 
LYS HE3  H  N N 194 
LYS HZ1  H  N N 195 
LYS HZ2  H  N N 196 
LYS HZ3  H  N N 197 
LYS HXT  H  N N 198 
MET N    N  N N 199 
MET CA   C  N S 200 
MET C    C  N N 201 
MET O    O  N N 202 
MET CB   C  N N 203 
MET CG   C  N N 204 
MET SD   S  N N 205 
MET CE   C  N N 206 
MET OXT  O  N N 207 
MET H    H  N N 208 
MET H2   H  N N 209 
MET HA   H  N N 210 
MET HB2  H  N N 211 
MET HB3  H  N N 212 
MET HG2  H  N N 213 
MET HG3  H  N N 214 
MET HE1  H  N N 215 
MET HE2  H  N N 216 
MET HE3  H  N N 217 
MET HXT  H  N N 218 
MSE N    N  N N 219 
MSE CA   C  N S 220 
MSE C    C  N N 221 
MSE O    O  N N 222 
MSE OXT  O  N N 223 
MSE CB   C  N N 224 
MSE CG   C  N N 225 
MSE SE   SE N N 226 
MSE CE   C  N N 227 
MSE H    H  N N 228 
MSE H2   H  N N 229 
MSE HA   H  N N 230 
MSE HXT  H  N N 231 
MSE HB2  H  N N 232 
MSE HB3  H  N N 233 
MSE HG2  H  N N 234 
MSE HG3  H  N N 235 
MSE HE1  H  N N 236 
MSE HE2  H  N N 237 
MSE HE3  H  N N 238 
NAP PA   P  N R 239 
NAP O1A  O  N N 240 
NAP O2A  O  N N 241 
NAP O5B  O  N N 242 
NAP C5B  C  N N 243 
NAP C4B  C  N R 244 
NAP O4B  O  N N 245 
NAP C3B  C  N R 246 
NAP O3B  O  N N 247 
NAP C2B  C  N R 248 
NAP O2B  O  N N 249 
NAP C1B  C  N R 250 
NAP N9A  N  Y N 251 
NAP C8A  C  Y N 252 
NAP N7A  N  Y N 253 
NAP C5A  C  Y N 254 
NAP C6A  C  Y N 255 
NAP N6A  N  N N 256 
NAP N1A  N  Y N 257 
NAP C2A  C  Y N 258 
NAP N3A  N  Y N 259 
NAP C4A  C  Y N 260 
NAP O3   O  N N 261 
NAP PN   P  N N 262 
NAP O1N  O  N N 263 
NAP O2N  O  N N 264 
NAP O5D  O  N N 265 
NAP C5D  C  N N 266 
NAP C4D  C  N R 267 
NAP O4D  O  N N 268 
NAP C3D  C  N S 269 
NAP O3D  O  N N 270 
NAP C2D  C  N R 271 
NAP O2D  O  N N 272 
NAP C1D  C  N R 273 
NAP N1N  N  Y N 274 
NAP C2N  C  Y N 275 
NAP C3N  C  Y N 276 
NAP C7N  C  N N 277 
NAP O7N  O  N N 278 
NAP N7N  N  N N 279 
NAP C4N  C  Y N 280 
NAP C5N  C  Y N 281 
NAP C6N  C  Y N 282 
NAP P2B  P  N N 283 
NAP O1X  O  N N 284 
NAP O2X  O  N N 285 
NAP O3X  O  N N 286 
NAP HOA2 H  N N 287 
NAP H51A H  N N 288 
NAP H52A H  N N 289 
NAP H4B  H  N N 290 
NAP H3B  H  N N 291 
NAP HO3A H  N N 292 
NAP H2B  H  N N 293 
NAP H1B  H  N N 294 
NAP H8A  H  N N 295 
NAP H61A H  N N 296 
NAP H62A H  N N 297 
NAP H2A  H  N N 298 
NAP H51N H  N N 299 
NAP H52N H  N N 300 
NAP H4D  H  N N 301 
NAP H3D  H  N N 302 
NAP HO3N H  N N 303 
NAP H2D  H  N N 304 
NAP HO2N H  N N 305 
NAP H1D  H  N N 306 
NAP H2N  H  N N 307 
NAP H71N H  N N 308 
NAP H72N H  N N 309 
NAP H4N  H  N N 310 
NAP H5N  H  N N 311 
NAP H6N  H  N N 312 
NAP HOP2 H  N N 313 
NAP HOP3 H  N N 314 
PHE N    N  N N 315 
PHE CA   C  N S 316 
PHE C    C  N N 317 
PHE O    O  N N 318 
PHE CB   C  N N 319 
PHE CG   C  Y N 320 
PHE CD1  C  Y N 321 
PHE CD2  C  Y N 322 
PHE CE1  C  Y N 323 
PHE CE2  C  Y N 324 
PHE CZ   C  Y N 325 
PHE OXT  O  N N 326 
PHE H    H  N N 327 
PHE H2   H  N N 328 
PHE HA   H  N N 329 
PHE HB2  H  N N 330 
PHE HB3  H  N N 331 
PHE HD1  H  N N 332 
PHE HD2  H  N N 333 
PHE HE1  H  N N 334 
PHE HE2  H  N N 335 
PHE HZ   H  N N 336 
PHE HXT  H  N N 337 
PRO N    N  N N 338 
PRO CA   C  N S 339 
PRO C    C  N N 340 
PRO O    O  N N 341 
PRO CB   C  N N 342 
PRO CG   C  N N 343 
PRO CD   C  N N 344 
PRO OXT  O  N N 345 
PRO H    H  N N 346 
PRO HA   H  N N 347 
PRO HB2  H  N N 348 
PRO HB3  H  N N 349 
PRO HG2  H  N N 350 
PRO HG3  H  N N 351 
PRO HD2  H  N N 352 
PRO HD3  H  N N 353 
PRO HXT  H  N N 354 
SER N    N  N N 355 
SER CA   C  N S 356 
SER C    C  N N 357 
SER O    O  N N 358 
SER CB   C  N N 359 
SER OG   O  N N 360 
SER OXT  O  N N 361 
SER H    H  N N 362 
SER H2   H  N N 363 
SER HA   H  N N 364 
SER HB2  H  N N 365 
SER HB3  H  N N 366 
SER HG   H  N N 367 
SER HXT  H  N N 368 
THR N    N  N N 369 
THR CA   C  N S 370 
THR C    C  N N 371 
THR O    O  N N 372 
THR CB   C  N R 373 
THR OG1  O  N N 374 
THR CG2  C  N N 375 
THR OXT  O  N N 376 
THR H    H  N N 377 
THR H2   H  N N 378 
THR HA   H  N N 379 
THR HB   H  N N 380 
THR HG1  H  N N 381 
THR HG21 H  N N 382 
THR HG22 H  N N 383 
THR HG23 H  N N 384 
THR HXT  H  N N 385 
TRP N    N  N N 386 
TRP CA   C  N S 387 
TRP C    C  N N 388 
TRP O    O  N N 389 
TRP CB   C  N N 390 
TRP CG   C  Y N 391 
TRP CD1  C  Y N 392 
TRP CD2  C  Y N 393 
TRP NE1  N  Y N 394 
TRP CE2  C  Y N 395 
TRP CE3  C  Y N 396 
TRP CZ2  C  Y N 397 
TRP CZ3  C  Y N 398 
TRP CH2  C  Y N 399 
TRP OXT  O  N N 400 
TRP H    H  N N 401 
TRP H2   H  N N 402 
TRP HA   H  N N 403 
TRP HB2  H  N N 404 
TRP HB3  H  N N 405 
TRP HD1  H  N N 406 
TRP HE1  H  N N 407 
TRP HE3  H  N N 408 
TRP HZ2  H  N N 409 
TRP HZ3  H  N N 410 
TRP HH2  H  N N 411 
TRP HXT  H  N N 412 
TYR N    N  N N 413 
TYR CA   C  N S 414 
TYR C    C  N N 415 
TYR O    O  N N 416 
TYR CB   C  N N 417 
TYR CG   C  Y N 418 
TYR CD1  C  Y N 419 
TYR CD2  C  Y N 420 
TYR CE1  C  Y N 421 
TYR CE2  C  Y N 422 
TYR CZ   C  Y N 423 
TYR OH   O  N N 424 
TYR OXT  O  N N 425 
TYR H    H  N N 426 
TYR H2   H  N N 427 
TYR HA   H  N N 428 
TYR HB2  H  N N 429 
TYR HB3  H  N N 430 
TYR HD1  H  N N 431 
TYR HD2  H  N N 432 
TYR HE1  H  N N 433 
TYR HE2  H  N N 434 
TYR HH   H  N N 435 
TYR HXT  H  N N 436 
VAL N    N  N N 437 
VAL CA   C  N S 438 
VAL C    C  N N 439 
VAL O    O  N N 440 
VAL CB   C  N N 441 
VAL CG1  C  N N 442 
VAL CG2  C  N N 443 
VAL OXT  O  N N 444 
VAL H    H  N N 445 
VAL H2   H  N N 446 
VAL HA   H  N N 447 
VAL HB   H  N N 448 
VAL HG11 H  N N 449 
VAL HG12 H  N N 450 
VAL HG13 H  N N 451 
VAL HG21 H  N N 452 
VAL HG22 H  N N 453 
VAL HG23 H  N N 454 
VAL HXT  H  N N 455 
# 
loop_
_chem_comp_bond.comp_id 
_chem_comp_bond.atom_id_1 
_chem_comp_bond.atom_id_2 
_chem_comp_bond.value_order 
_chem_comp_bond.pdbx_aromatic_flag 
_chem_comp_bond.pdbx_stereo_config 
_chem_comp_bond.pdbx_ordinal 
ALA N   CA   sing N N 1   
ALA N   H    sing N N 2   
ALA N   H2   sing N N 3   
ALA CA  C    sing N N 4   
ALA CA  CB   sing N N 5   
ALA CA  HA   sing N N 6   
ALA C   O    doub N N 7   
ALA C   OXT  sing N N 8   
ALA CB  HB1  sing N N 9   
ALA CB  HB2  sing N N 10  
ALA CB  HB3  sing N N 11  
ALA OXT HXT  sing N N 12  
ARG N   CA   sing N N 13  
ARG N   H    sing N N 14  
ARG N   H2   sing N N 15  
ARG CA  C    sing N N 16  
ARG CA  CB   sing N N 17  
ARG CA  HA   sing N N 18  
ARG C   O    doub N N 19  
ARG C   OXT  sing N N 20  
ARG CB  CG   sing N N 21  
ARG CB  HB2  sing N N 22  
ARG CB  HB3  sing N N 23  
ARG CG  CD   sing N N 24  
ARG CG  HG2  sing N N 25  
ARG CG  HG3  sing N N 26  
ARG CD  NE   sing N N 27  
ARG CD  HD2  sing N N 28  
ARG CD  HD3  sing N N 29  
ARG NE  CZ   sing N N 30  
ARG NE  HE   sing N N 31  
ARG CZ  NH1  sing N N 32  
ARG CZ  NH2  doub N N 33  
ARG NH1 HH11 sing N N 34  
ARG NH1 HH12 sing N N 35  
ARG NH2 HH21 sing N N 36  
ARG NH2 HH22 sing N N 37  
ARG OXT HXT  sing N N 38  
ASP N   CA   sing N N 39  
ASP N   H    sing N N 40  
ASP N   H2   sing N N 41  
ASP CA  C    sing N N 42  
ASP CA  CB   sing N N 43  
ASP CA  HA   sing N N 44  
ASP C   O    doub N N 45  
ASP C   OXT  sing N N 46  
ASP CB  CG   sing N N 47  
ASP CB  HB2  sing N N 48  
ASP CB  HB3  sing N N 49  
ASP CG  OD1  doub N N 50  
ASP CG  OD2  sing N N 51  
ASP OD2 HD2  sing N N 52  
ASP OXT HXT  sing N N 53  
GLN N   CA   sing N N 54  
GLN N   H    sing N N 55  
GLN N   H2   sing N N 56  
GLN CA  C    sing N N 57  
GLN CA  CB   sing N N 58  
GLN CA  HA   sing N N 59  
GLN C   O    doub N N 60  
GLN C   OXT  sing N N 61  
GLN CB  CG   sing N N 62  
GLN CB  HB2  sing N N 63  
GLN CB  HB3  sing N N 64  
GLN CG  CD   sing N N 65  
GLN CG  HG2  sing N N 66  
GLN CG  HG3  sing N N 67  
GLN CD  OE1  doub N N 68  
GLN CD  NE2  sing N N 69  
GLN NE2 HE21 sing N N 70  
GLN NE2 HE22 sing N N 71  
GLN OXT HXT  sing N N 72  
GLU N   CA   sing N N 73  
GLU N   H    sing N N 74  
GLU N   H2   sing N N 75  
GLU CA  C    sing N N 76  
GLU CA  CB   sing N N 77  
GLU CA  HA   sing N N 78  
GLU C   O    doub N N 79  
GLU C   OXT  sing N N 80  
GLU CB  CG   sing N N 81  
GLU CB  HB2  sing N N 82  
GLU CB  HB3  sing N N 83  
GLU CG  CD   sing N N 84  
GLU CG  HG2  sing N N 85  
GLU CG  HG3  sing N N 86  
GLU CD  OE1  doub N N 87  
GLU CD  OE2  sing N N 88  
GLU OE2 HE2  sing N N 89  
GLU OXT HXT  sing N N 90  
GLY N   CA   sing N N 91  
GLY N   H    sing N N 92  
GLY N   H2   sing N N 93  
GLY CA  C    sing N N 94  
GLY CA  HA2  sing N N 95  
GLY CA  HA3  sing N N 96  
GLY C   O    doub N N 97  
GLY C   OXT  sing N N 98  
GLY OXT HXT  sing N N 99  
HIS N   CA   sing N N 100 
HIS N   H    sing N N 101 
HIS N   H2   sing N N 102 
HIS CA  C    sing N N 103 
HIS CA  CB   sing N N 104 
HIS CA  HA   sing N N 105 
HIS C   O    doub N N 106 
HIS C   OXT  sing N N 107 
HIS CB  CG   sing N N 108 
HIS CB  HB2  sing N N 109 
HIS CB  HB3  sing N N 110 
HIS CG  ND1  sing Y N 111 
HIS CG  CD2  doub Y N 112 
HIS ND1 CE1  doub Y N 113 
HIS ND1 HD1  sing N N 114 
HIS CD2 NE2  sing Y N 115 
HIS CD2 HD2  sing N N 116 
HIS CE1 NE2  sing Y N 117 
HIS CE1 HE1  sing N N 118 
HIS NE2 HE2  sing N N 119 
HIS OXT HXT  sing N N 120 
HOH O   H1   sing N N 121 
HOH O   H2   sing N N 122 
ILE N   CA   sing N N 123 
ILE N   H    sing N N 124 
ILE N   H2   sing N N 125 
ILE CA  C    sing N N 126 
ILE CA  CB   sing N N 127 
ILE CA  HA   sing N N 128 
ILE C   O    doub N N 129 
ILE C   OXT  sing N N 130 
ILE CB  CG1  sing N N 131 
ILE CB  CG2  sing N N 132 
ILE CB  HB   sing N N 133 
ILE CG1 CD1  sing N N 134 
ILE CG1 HG12 sing N N 135 
ILE CG1 HG13 sing N N 136 
ILE CG2 HG21 sing N N 137 
ILE CG2 HG22 sing N N 138 
ILE CG2 HG23 sing N N 139 
ILE CD1 HD11 sing N N 140 
ILE CD1 HD12 sing N N 141 
ILE CD1 HD13 sing N N 142 
ILE OXT HXT  sing N N 143 
LEU N   CA   sing N N 144 
LEU N   H    sing N N 145 
LEU N   H2   sing N N 146 
LEU CA  C    sing N N 147 
LEU CA  CB   sing N N 148 
LEU CA  HA   sing N N 149 
LEU C   O    doub N N 150 
LEU C   OXT  sing N N 151 
LEU CB  CG   sing N N 152 
LEU CB  HB2  sing N N 153 
LEU CB  HB3  sing N N 154 
LEU CG  CD1  sing N N 155 
LEU CG  CD2  sing N N 156 
LEU CG  HG   sing N N 157 
LEU CD1 HD11 sing N N 158 
LEU CD1 HD12 sing N N 159 
LEU CD1 HD13 sing N N 160 
LEU CD2 HD21 sing N N 161 
LEU CD2 HD22 sing N N 162 
LEU CD2 HD23 sing N N 163 
LEU OXT HXT  sing N N 164 
LYS N   CA   sing N N 165 
LYS N   H    sing N N 166 
LYS N   H2   sing N N 167 
LYS CA  C    sing N N 168 
LYS CA  CB   sing N N 169 
LYS CA  HA   sing N N 170 
LYS C   O    doub N N 171 
LYS C   OXT  sing N N 172 
LYS CB  CG   sing N N 173 
LYS CB  HB2  sing N N 174 
LYS CB  HB3  sing N N 175 
LYS CG  CD   sing N N 176 
LYS CG  HG2  sing N N 177 
LYS CG  HG3  sing N N 178 
LYS CD  CE   sing N N 179 
LYS CD  HD2  sing N N 180 
LYS CD  HD3  sing N N 181 
LYS CE  NZ   sing N N 182 
LYS CE  HE2  sing N N 183 
LYS CE  HE3  sing N N 184 
LYS NZ  HZ1  sing N N 185 
LYS NZ  HZ2  sing N N 186 
LYS NZ  HZ3  sing N N 187 
LYS OXT HXT  sing N N 188 
MET N   CA   sing N N 189 
MET N   H    sing N N 190 
MET N   H2   sing N N 191 
MET CA  C    sing N N 192 
MET CA  CB   sing N N 193 
MET CA  HA   sing N N 194 
MET C   O    doub N N 195 
MET C   OXT  sing N N 196 
MET CB  CG   sing N N 197 
MET CB  HB2  sing N N 198 
MET CB  HB3  sing N N 199 
MET CG  SD   sing N N 200 
MET CG  HG2  sing N N 201 
MET CG  HG3  sing N N 202 
MET SD  CE   sing N N 203 
MET CE  HE1  sing N N 204 
MET CE  HE2  sing N N 205 
MET CE  HE3  sing N N 206 
MET OXT HXT  sing N N 207 
MSE N   CA   sing N N 208 
MSE N   H    sing N N 209 
MSE N   H2   sing N N 210 
MSE CA  C    sing N N 211 
MSE CA  CB   sing N N 212 
MSE CA  HA   sing N N 213 
MSE C   O    doub N N 214 
MSE C   OXT  sing N N 215 
MSE OXT HXT  sing N N 216 
MSE CB  CG   sing N N 217 
MSE CB  HB2  sing N N 218 
MSE CB  HB3  sing N N 219 
MSE CG  SE   sing N N 220 
MSE CG  HG2  sing N N 221 
MSE CG  HG3  sing N N 222 
MSE SE  CE   sing N N 223 
MSE CE  HE1  sing N N 224 
MSE CE  HE2  sing N N 225 
MSE CE  HE3  sing N N 226 
NAP PA  O1A  doub N N 227 
NAP PA  O2A  sing N N 228 
NAP PA  O5B  sing N N 229 
NAP PA  O3   sing N N 230 
NAP O2A HOA2 sing N N 231 
NAP O5B C5B  sing N N 232 
NAP C5B C4B  sing N N 233 
NAP C5B H51A sing N N 234 
NAP C5B H52A sing N N 235 
NAP C4B O4B  sing N N 236 
NAP C4B C3B  sing N N 237 
NAP C4B H4B  sing N N 238 
NAP O4B C1B  sing N N 239 
NAP C3B O3B  sing N N 240 
NAP C3B C2B  sing N N 241 
NAP C3B H3B  sing N N 242 
NAP O3B HO3A sing N N 243 
NAP C2B O2B  sing N N 244 
NAP C2B C1B  sing N N 245 
NAP C2B H2B  sing N N 246 
NAP O2B P2B  sing N N 247 
NAP C1B N9A  sing N N 248 
NAP C1B H1B  sing N N 249 
NAP N9A C8A  sing Y N 250 
NAP N9A C4A  sing Y N 251 
NAP C8A N7A  doub Y N 252 
NAP C8A H8A  sing N N 253 
NAP N7A C5A  sing Y N 254 
NAP C5A C6A  sing Y N 255 
NAP C5A C4A  doub Y N 256 
NAP C6A N6A  sing N N 257 
NAP C6A N1A  doub Y N 258 
NAP N6A H61A sing N N 259 
NAP N6A H62A sing N N 260 
NAP N1A C2A  sing Y N 261 
NAP C2A N3A  doub Y N 262 
NAP C2A H2A  sing N N 263 
NAP N3A C4A  sing Y N 264 
NAP O3  PN   sing N N 265 
NAP PN  O1N  doub N N 266 
NAP PN  O2N  sing N N 267 
NAP PN  O5D  sing N N 268 
NAP O5D C5D  sing N N 269 
NAP C5D C4D  sing N N 270 
NAP C5D H51N sing N N 271 
NAP C5D H52N sing N N 272 
NAP C4D O4D  sing N N 273 
NAP C4D C3D  sing N N 274 
NAP C4D H4D  sing N N 275 
NAP O4D C1D  sing N N 276 
NAP C3D O3D  sing N N 277 
NAP C3D C2D  sing N N 278 
NAP C3D H3D  sing N N 279 
NAP O3D HO3N sing N N 280 
NAP C2D O2D  sing N N 281 
NAP C2D C1D  sing N N 282 
NAP C2D H2D  sing N N 283 
NAP O2D HO2N sing N N 284 
NAP C1D N1N  sing N N 285 
NAP C1D H1D  sing N N 286 
NAP N1N C2N  sing Y N 287 
NAP N1N C6N  doub Y N 288 
NAP C2N C3N  doub Y N 289 
NAP C2N H2N  sing N N 290 
NAP C3N C7N  sing N N 291 
NAP C3N C4N  sing Y N 292 
NAP C7N O7N  doub N N 293 
NAP C7N N7N  sing N N 294 
NAP N7N H71N sing N N 295 
NAP N7N H72N sing N N 296 
NAP C4N C5N  doub Y N 297 
NAP C4N H4N  sing N N 298 
NAP C5N C6N  sing Y N 299 
NAP C5N H5N  sing N N 300 
NAP C6N H6N  sing N N 301 
NAP P2B O1X  doub N N 302 
NAP P2B O2X  sing N N 303 
NAP P2B O3X  sing N N 304 
NAP O2X HOP2 sing N N 305 
NAP O3X HOP3 sing N N 306 
PHE N   CA   sing N N 307 
PHE N   H    sing N N 308 
PHE N   H2   sing N N 309 
PHE CA  C    sing N N 310 
PHE CA  CB   sing N N 311 
PHE CA  HA   sing N N 312 
PHE C   O    doub N N 313 
PHE C   OXT  sing N N 314 
PHE CB  CG   sing N N 315 
PHE CB  HB2  sing N N 316 
PHE CB  HB3  sing N N 317 
PHE CG  CD1  doub Y N 318 
PHE CG  CD2  sing Y N 319 
PHE CD1 CE1  sing Y N 320 
PHE CD1 HD1  sing N N 321 
PHE CD2 CE2  doub Y N 322 
PHE CD2 HD2  sing N N 323 
PHE CE1 CZ   doub Y N 324 
PHE CE1 HE1  sing N N 325 
PHE CE2 CZ   sing Y N 326 
PHE CE2 HE2  sing N N 327 
PHE CZ  HZ   sing N N 328 
PHE OXT HXT  sing N N 329 
PRO N   CA   sing N N 330 
PRO N   CD   sing N N 331 
PRO N   H    sing N N 332 
PRO CA  C    sing N N 333 
PRO CA  CB   sing N N 334 
PRO CA  HA   sing N N 335 
PRO C   O    doub N N 336 
PRO C   OXT  sing N N 337 
PRO CB  CG   sing N N 338 
PRO CB  HB2  sing N N 339 
PRO CB  HB3  sing N N 340 
PRO CG  CD   sing N N 341 
PRO CG  HG2  sing N N 342 
PRO CG  HG3  sing N N 343 
PRO CD  HD2  sing N N 344 
PRO CD  HD3  sing N N 345 
PRO OXT HXT  sing N N 346 
SER N   CA   sing N N 347 
SER N   H    sing N N 348 
SER N   H2   sing N N 349 
SER CA  C    sing N N 350 
SER CA  CB   sing N N 351 
SER CA  HA   sing N N 352 
SER C   O    doub N N 353 
SER C   OXT  sing N N 354 
SER CB  OG   sing N N 355 
SER CB  HB2  sing N N 356 
SER CB  HB3  sing N N 357 
SER OG  HG   sing N N 358 
SER OXT HXT  sing N N 359 
THR N   CA   sing N N 360 
THR N   H    sing N N 361 
THR N   H2   sing N N 362 
THR CA  C    sing N N 363 
THR CA  CB   sing N N 364 
THR CA  HA   sing N N 365 
THR C   O    doub N N 366 
THR C   OXT  sing N N 367 
THR CB  OG1  sing N N 368 
THR CB  CG2  sing N N 369 
THR CB  HB   sing N N 370 
THR OG1 HG1  sing N N 371 
THR CG2 HG21 sing N N 372 
THR CG2 HG22 sing N N 373 
THR CG2 HG23 sing N N 374 
THR OXT HXT  sing N N 375 
TRP N   CA   sing N N 376 
TRP N   H    sing N N 377 
TRP N   H2   sing N N 378 
TRP CA  C    sing N N 379 
TRP CA  CB   sing N N 380 
TRP CA  HA   sing N N 381 
TRP C   O    doub N N 382 
TRP C   OXT  sing N N 383 
TRP CB  CG   sing N N 384 
TRP CB  HB2  sing N N 385 
TRP CB  HB3  sing N N 386 
TRP CG  CD1  doub Y N 387 
TRP CG  CD2  sing Y N 388 
TRP CD1 NE1  sing Y N 389 
TRP CD1 HD1  sing N N 390 
TRP CD2 CE2  doub Y N 391 
TRP CD2 CE3  sing Y N 392 
TRP NE1 CE2  sing Y N 393 
TRP NE1 HE1  sing N N 394 
TRP CE2 CZ2  sing Y N 395 
TRP CE3 CZ3  doub Y N 396 
TRP CE3 HE3  sing N N 397 
TRP CZ2 CH2  doub Y N 398 
TRP CZ2 HZ2  sing N N 399 
TRP CZ3 CH2  sing Y N 400 
TRP CZ3 HZ3  sing N N 401 
TRP CH2 HH2  sing N N 402 
TRP OXT HXT  sing N N 403 
TYR N   CA   sing N N 404 
TYR N   H    sing N N 405 
TYR N   H2   sing N N 406 
TYR CA  C    sing N N 407 
TYR CA  CB   sing N N 408 
TYR CA  HA   sing N N 409 
TYR C   O    doub N N 410 
TYR C   OXT  sing N N 411 
TYR CB  CG   sing N N 412 
TYR CB  HB2  sing N N 413 
TYR CB  HB3  sing N N 414 
TYR CG  CD1  doub Y N 415 
TYR CG  CD2  sing Y N 416 
TYR CD1 CE1  sing Y N 417 
TYR CD1 HD1  sing N N 418 
TYR CD2 CE2  doub Y N 419 
TYR CD2 HD2  sing N N 420 
TYR CE1 CZ   doub Y N 421 
TYR CE1 HE1  sing N N 422 
TYR CE2 CZ   sing Y N 423 
TYR CE2 HE2  sing N N 424 
TYR CZ  OH   sing N N 425 
TYR OH  HH   sing N N 426 
TYR OXT HXT  sing N N 427 
VAL N   CA   sing N N 428 
VAL N   H    sing N N 429 
VAL N   H2   sing N N 430 
VAL CA  C    sing N N 431 
VAL CA  CB   sing N N 432 
VAL CA  HA   sing N N 433 
VAL C   O    doub N N 434 
VAL C   OXT  sing N N 435 
VAL CB  CG1  sing N N 436 
VAL CB  CG2  sing N N 437 
VAL CB  HB   sing N N 438 
VAL CG1 HG11 sing N N 439 
VAL CG1 HG12 sing N N 440 
VAL CG1 HG13 sing N N 441 
VAL CG2 HG21 sing N N 442 
VAL CG2 HG22 sing N N 443 
VAL CG2 HG23 sing N N 444 
VAL OXT HXT  sing N N 445 
# 
_atom_sites.entry_id                    2YUT 
_atom_sites.fract_transf_matrix[1][1]   0.00372368 
_atom_sites.fract_transf_matrix[1][2]   0.00671517 
_atom_sites.fract_transf_matrix[1][3]   0.00100840 
_atom_sites.fract_transf_matrix[2][1]   -0.00321307 
_atom_sites.fract_transf_matrix[2][2]   0.00560633 
_atom_sites.fract_transf_matrix[2][3]   0.00426969 
_atom_sites.fract_transf_matrix[3][1]   0.00928561 
_atom_sites.fract_transf_matrix[3][2]   -0.00772072 
_atom_sites.fract_transf_matrix[3][3]   0.01712542 
_atom_sites.fract_transf_vector[1]      0.426228 
_atom_sites.fract_transf_vector[2]      0.321717 
_atom_sites.fract_transf_vector[3]      0.243879 
# 
loop_
_atom_type.symbol 
C  
N  
O  
P  
SE 
# 
loop_
_atom_site.group_PDB 
_atom_site.id 
_atom_site.type_symbol 
_atom_site.label_atom_id 
_atom_site.label_alt_id 
_atom_site.label_comp_id 
_atom_site.label_asym_id 
_atom_site.label_entity_id 
_atom_site.label_seq_id 
_atom_site.pdbx_PDB_ins_code 
_atom_site.Cartn_x 
_atom_site.Cartn_y 
_atom_site.Cartn_z 
_atom_site.occupancy 
_atom_site.B_iso_or_equiv 
_atom_site.pdbx_formal_charge 
_atom_site.auth_seq_id 
_atom_site.auth_comp_id 
_atom_site.auth_asym_id 
_atom_site.auth_atom_id 
_atom_site.pdbx_PDB_model_num 
HETATM 1    N  N   . MSE A 1 1   ? -8.285  -0.565  16.394  1.00 14.45  ? 1   MSE A N   1 
HETATM 2    C  CA  . MSE A 1 1   ? -6.896  -0.909  15.963  1.00 21.73  ? 1   MSE A CA  1 
HETATM 3    C  C   . MSE A 1 1   ? -6.158  0.358   15.569  1.00 18.44  ? 1   MSE A C   1 
HETATM 4    O  O   . MSE A 1 1   ? -6.783  1.342   15.163  1.00 15.53  ? 1   MSE A O   1 
HETATM 5    C  CB  . MSE A 1 1   ? -6.892  -1.792  14.710  1.00 19.58  ? 1   MSE A CB  1 
HETATM 6    C  CG  . MSE A 1 1   ? -7.602  -3.120  14.757  1.00 34.27  ? 1   MSE A CG  1 
HETATM 7    SE SE  . MSE A 1 1   ? -7.249  -4.021  13.051  1.00 36.79  ? 1   MSE A SE  1 
HETATM 8    C  CE  . MSE A 1 1   ? -8.591  -3.188  11.944  1.00 26.32  ? 1   MSE A CE  1 
ATOM   9    N  N   . ARG A 1 2   ? -4.834  0.344   15.684  1.00 12.88  ? 2   ARG A N   1 
ATOM   10   C  CA  . ARG A 1 2   ? -4.075  1.500   15.222  1.00 17.45  ? 2   ARG A CA  1 
ATOM   11   C  C   . ARG A 1 2   ? -3.753  1.151   13.772  1.00 15.67  ? 2   ARG A C   1 
ATOM   12   O  O   . ARG A 1 2   ? -3.109  0.136   13.492  1.00 13.69  ? 2   ARG A O   1 
ATOM   13   C  CB  . ARG A 1 2   ? -2.780  1.707   16.002  1.00 18.37  ? 2   ARG A CB  1 
ATOM   14   C  CG  . ARG A 1 2   ? -1.966  2.872   15.438  1.00 9.64   ? 2   ARG A CG  1 
ATOM   15   C  CD  . ARG A 1 2   ? -0.910  3.318   16.412  1.00 20.53  ? 2   ARG A CD  1 
ATOM   16   N  NE  . ARG A 1 2   ? -1.501  3.948   17.589  1.00 21.69  ? 2   ARG A NE  1 
ATOM   17   C  CZ  . ARG A 1 2   ? -0.911  3.984   18.778  1.00 27.04  ? 2   ARG A CZ  1 
ATOM   18   N  NH1 . ARG A 1 2   ? -1.506  4.577   19.804  1.00 29.35  ? 2   ARG A NH1 1 
ATOM   19   N  NH2 . ARG A 1 2   ? 0.271   3.409   18.943  1.00 37.46  ? 2   ARG A NH2 1 
ATOM   20   N  N   . VAL A 1 3   ? -4.224  1.983   12.854  1.00 14.26  ? 3   VAL A N   1 
ATOM   21   C  CA  . VAL A 1 3   ? -4.031  1.743   11.432  1.00 14.95  ? 3   VAL A CA  1 
ATOM   22   C  C   . VAL A 1 3   ? -3.291  2.867   10.716  1.00 19.19  ? 3   VAL A C   1 
ATOM   23   O  O   . VAL A 1 3   ? -3.589  4.044   10.915  1.00 16.79  ? 3   VAL A O   1 
ATOM   24   C  CB  . VAL A 1 3   ? -5.395  1.581   10.716  1.00 17.91  ? 3   VAL A CB  1 
ATOM   25   C  CG1 . VAL A 1 3   ? -5.181  1.269   9.241   1.00 19.44  ? 3   VAL A CG1 1 
ATOM   26   C  CG2 . VAL A 1 3   ? -6.224  0.506   11.398  1.00 10.42  ? 3   VAL A CG2 1 
ATOM   27   N  N   . LEU A 1 4   ? -2.321  2.498   9.886   1.00 13.64  ? 4   LEU A N   1 
ATOM   28   C  CA  . LEU A 1 4   ? -1.602  3.485   9.092   1.00 14.74  ? 4   LEU A CA  1 
ATOM   29   C  C   . LEU A 1 4   ? -1.884  3.163   7.633   1.00 12.98  ? 4   LEU A C   1 
ATOM   30   O  O   . LEU A 1 4   ? -1.697  2.027   7.185   1.00 16.01  ? 4   LEU A O   1 
ATOM   31   C  CB  . LEU A 1 4   ? -0.089  3.435   9.336   1.00 11.56  ? 4   LEU A CB  1 
ATOM   32   C  CG  . LEU A 1 4   ? 0.745   4.231   8.310   1.00 18.35  ? 4   LEU A CG  1 
ATOM   33   C  CD1 . LEU A 1 4   ? 0.359   5.719   8.329   1.00 11.15  ? 4   LEU A CD1 1 
ATOM   34   C  CD2 . LEU A 1 4   ? 2.231   4.079   8.624   1.00 15.02  ? 4   LEU A CD2 1 
ATOM   35   N  N   . ILE A 1 5   ? -2.365  4.155   6.899   1.00 19.20  ? 5   ILE A N   1 
ATOM   36   C  CA  . ILE A 1 5   ? -2.634  3.974   5.481   1.00 10.30  ? 5   ILE A CA  1 
ATOM   37   C  C   . ILE A 1 5   ? -1.721  4.937   4.736   1.00 23.49  ? 5   ILE A C   1 
ATOM   38   O  O   . ILE A 1 5   ? -1.905  6.157   4.828   1.00 12.16  ? 5   ILE A O   1 
ATOM   39   C  CB  . ILE A 1 5   ? -4.076  4.353   5.085   1.00 17.14  ? 5   ILE A CB  1 
ATOM   40   C  CG1 . ILE A 1 5   ? -5.101  3.566   5.917   1.00 17.90  ? 5   ILE A CG1 1 
ATOM   41   C  CG2 . ILE A 1 5   ? -4.260  4.116   3.583   1.00 6.43   ? 5   ILE A CG2 1 
ATOM   42   C  CD1 . ILE A 1 5   ? -5.040  2.071   5.740   1.00 23.88  ? 5   ILE A CD1 1 
ATOM   43   N  N   . THR A 1 6   ? -0.718  4.404   4.039   1.00 14.35  ? 6   THR A N   1 
ATOM   44   C  CA  . THR A 1 6   ? 0.156   5.259   3.245   1.00 15.38  ? 6   THR A CA  1 
ATOM   45   C  C   . THR A 1 6   ? -0.527  5.301   1.878   1.00 16.09  ? 6   THR A C   1 
ATOM   46   O  O   . THR A 1 6   ? -1.280  4.392   1.540   1.00 13.90  ? 6   THR A O   1 
ATOM   47   C  CB  . THR A 1 6   ? 1.599   4.692   3.151   1.00 10.94  ? 6   THR A CB  1 
ATOM   48   O  OG1 . THR A 1 6   ? 1.561   3.312   2.777   1.00 15.10  ? 6   THR A OG1 1 
ATOM   49   C  CG2 . THR A 1 6   ? 2.304   4.826   4.505   1.00 7.55   ? 6   THR A CG2 1 
ATOM   50   N  N   . GLY A 1 7   ? -0.290  6.353   1.101   1.00 12.46  ? 7   GLY A N   1 
ATOM   51   C  CA  . GLY A 1 7   ? -0.957  6.459   -0.183  1.00 12.09  ? 7   GLY A CA  1 
ATOM   52   C  C   . GLY A 1 7   ? -2.432  6.755   0.068   1.00 14.05  ? 7   GLY A C   1 
ATOM   53   O  O   . GLY A 1 7   ? -3.302  6.465   -0.761  1.00 13.45  ? 7   GLY A O   1 
ATOM   54   N  N   . ALA A 1 8   ? -2.704  7.344   1.231   1.00 16.75  ? 8   ALA A N   1 
ATOM   55   C  CA  . ALA A 1 8   ? -4.060  7.685   1.647   1.00 19.57  ? 8   ALA A CA  1 
ATOM   56   C  C   . ALA A 1 8   ? -4.751  8.648   0.685   1.00 18.48  ? 8   ALA A C   1 
ATOM   57   O  O   . ALA A 1 8   ? -5.975  8.638   0.565   1.00 13.45  ? 8   ALA A O   1 
ATOM   58   C  CB  . ALA A 1 8   ? -4.033  8.277   3.060   1.00 10.08  ? 8   ALA A CB  1 
ATOM   59   N  N   . THR A 1 9   ? -3.965  9.468   -0.002  1.00 16.00  ? 9   THR A N   1 
ATOM   60   C  CA  . THR A 1 9   ? -4.507  10.436  -0.953  1.00 12.84  ? 9   THR A CA  1 
ATOM   61   C  C   . THR A 1 9   ? -4.819  9.810   -2.312  1.00 16.29  ? 9   THR A C   1 
ATOM   62   O  O   . THR A 1 9   ? -5.305  10.492  -3.214  1.00 15.74  ? 9   THR A O   1 
ATOM   63   C  CB  . THR A 1 9   ? -3.518  11.583  -1.193  1.00 21.94  ? 9   THR A CB  1 
ATOM   64   O  OG1 . THR A 1 9   ? -2.236  11.029  -1.512  1.00 15.60  ? 9   THR A OG1 1 
ATOM   65   C  CG2 . THR A 1 9   ? -3.407  12.476  0.042   1.00 12.35  ? 9   THR A CG2 1 
ATOM   66   N  N   . GLY A 1 10  ? -4.533  8.520   -2.465  1.00 16.78  ? 10  GLY A N   1 
ATOM   67   C  CA  . GLY A 1 10  ? -4.802  7.859   -3.733  1.00 12.48  ? 10  GLY A CA  1 
ATOM   68   C  C   . GLY A 1 10  ? -6.200  7.272   -3.807  1.00 17.79  ? 10  GLY A C   1 
ATOM   69   O  O   . GLY A 1 10  ? -6.990  7.420   -2.873  1.00 15.02  ? 10  GLY A O   1 
ATOM   70   N  N   . GLY A 1 11  ? -6.508  6.598   -4.912  1.00 14.63  ? 11  GLY A N   1 
ATOM   71   C  CA  . GLY A 1 11  ? -7.825  6.003   -5.077  1.00 15.24  ? 11  GLY A CA  1 
ATOM   72   C  C   . GLY A 1 11  ? -8.122  4.909   -4.068  1.00 22.70  ? 11  GLY A C   1 
ATOM   73   O  O   . GLY A 1 11  ? -9.153  4.947   -3.391  1.00 13.93  ? 11  GLY A O   1 
ATOM   74   N  N   . LEU A 1 12  ? -7.233  3.922   -3.972  1.00 15.38  ? 12  LEU A N   1 
ATOM   75   C  CA  . LEU A 1 12  ? -7.414  2.823   -3.026  1.00 17.46  ? 12  LEU A CA  1 
ATOM   76   C  C   . LEU A 1 12  ? -7.261  3.304   -1.584  1.00 18.98  ? 12  LEU A C   1 
ATOM   77   O  O   . LEU A 1 12  ? -8.048  2.936   -0.710  1.00 16.69  ? 12  LEU A O   1 
ATOM   78   C  CB  . LEU A 1 12  ? -6.394  1.706   -3.277  1.00 20.23  ? 12  LEU A CB  1 
ATOM   79   C  CG  . LEU A 1 12  ? -6.739  0.541   -4.211  1.00 32.03  ? 12  LEU A CG  1 
ATOM   80   C  CD1 . LEU A 1 12  ? -7.985  -0.188  -3.693  1.00 23.54  ? 12  LEU A CD1 1 
ATOM   81   C  CD2 . LEU A 1 12  ? -6.963  1.059   -5.620  1.00 39.85  ? 12  LEU A CD2 1 
ATOM   82   N  N   . GLY A 1 13  ? -6.236  4.117   -1.346  1.00 15.19  ? 13  GLY A N   1 
ATOM   83   C  CA  . GLY A 1 13  ? -5.974  4.623   -0.008  1.00 10.15  ? 13  GLY A CA  1 
ATOM   84   C  C   . GLY A 1 13  ? -7.167  5.333   0.603   1.00 15.10  ? 13  GLY A C   1 
ATOM   85   O  O   . GLY A 1 13  ? -7.467  5.148   1.786   1.00 18.14  ? 13  GLY A O   1 
ATOM   86   N  N   . GLY A 1 14  ? -7.838  6.151   -0.205  1.00 17.86  ? 14  GLY A N   1 
ATOM   87   C  CA  . GLY A 1 14  ? -9.007  6.878   0.256   1.00 15.01  ? 14  GLY A CA  1 
ATOM   88   C  C   . GLY A 1 14  ? -10.146 5.936   0.618   1.00 19.12  ? 14  GLY A C   1 
ATOM   89   O  O   . GLY A 1 14  ? -10.859 6.169   1.593   1.00 17.10  ? 14  GLY A O   1 
ATOM   90   N  N   . ALA A 1 15  ? -10.317 4.873   -0.168  1.00 11.75  ? 15  ALA A N   1 
ATOM   91   C  CA  . ALA A 1 15  ? -11.372 3.893   0.086   1.00 19.59  ? 15  ALA A CA  1 
ATOM   92   C  C   . ALA A 1 15  ? -11.089 3.169   1.394   1.00 16.87  ? 15  ALA A C   1 
ATOM   93   O  O   . ALA A 1 15  ? -11.997 2.935   2.186   1.00 19.54  ? 15  ALA A O   1 
ATOM   94   C  CB  . ALA A 1 15  ? -11.456 2.893   -1.051  1.00 10.52  ? 15  ALA A CB  1 
ATOM   95   N  N   . PHE A 1 16  ? -9.826  2.810   1.611   1.00 12.00  ? 16  PHE A N   1 
ATOM   96   C  CA  . PHE A 1 16  ? -9.436  2.140   2.844   1.00 14.96  ? 16  PHE A CA  1 
ATOM   97   C  C   . PHE A 1 16  ? -9.646  3.070   4.035   1.00 19.54  ? 16  PHE A C   1 
ATOM   98   O  O   . PHE A 1 16  ? -10.107 2.635   5.087   1.00 15.35  ? 16  PHE A O   1 
ATOM   99   C  CB  . PHE A 1 16  ? -7.965  1.718   2.793   1.00 11.96  ? 16  PHE A CB  1 
ATOM   100  C  CG  . PHE A 1 16  ? -7.737  0.403   2.106   1.00 18.12  ? 16  PHE A CG  1 
ATOM   101  C  CD1 . PHE A 1 16  ? -8.091  -0.789  2.729   1.00 12.70  ? 16  PHE A CD1 1 
ATOM   102  C  CD2 . PHE A 1 16  ? -7.173  0.354   0.834   1.00 13.12  ? 16  PHE A CD2 1 
ATOM   103  C  CE1 . PHE A 1 16  ? -7.883  -2.019  2.096   1.00 13.87  ? 16  PHE A CE1 1 
ATOM   104  C  CE2 . PHE A 1 16  ? -6.962  -0.870  0.191   1.00 16.73  ? 16  PHE A CE2 1 
ATOM   105  C  CZ  . PHE A 1 16  ? -7.317  -2.056  0.826   1.00 13.97  ? 16  PHE A CZ  1 
ATOM   106  N  N   . ALA A 1 17  ? -9.307  4.347   3.863   1.00 10.36  ? 17  ALA A N   1 
ATOM   107  C  CA  . ALA A 1 17  ? -9.455  5.324   4.939   1.00 16.65  ? 17  ALA A CA  1 
ATOM   108  C  C   . ALA A 1 17  ? -10.909 5.463   5.387   1.00 19.02  ? 17  ALA A C   1 
ATOM   109  O  O   . ALA A 1 17  ? -11.194 5.460   6.585   1.00 17.75  ? 17  ALA A O   1 
ATOM   110  C  CB  . ALA A 1 17  ? -8.912  6.681   4.501   1.00 8.84   ? 17  ALA A CB  1 
ATOM   111  N  N   . ARG A 1 18  ? -11.824 5.582   4.428   1.00 12.77  ? 18  ARG A N   1 
ATOM   112  C  CA  . ARG A 1 18  ? -13.239 5.721   4.755   1.00 18.41  ? 18  ARG A CA  1 
ATOM   113  C  C   . ARG A 1 18  ? -13.805 4.425   5.323   1.00 22.64  ? 18  ARG A C   1 
ATOM   114  O  O   . ARG A 1 18  ? -14.677 4.458   6.179   1.00 19.55  ? 18  ARG A O   1 
ATOM   115  C  CB  . ARG A 1 18  ? -14.035 6.148   3.520   1.00 21.46  ? 18  ARG A CB  1 
ATOM   116  C  CG  . ARG A 1 18  ? -13.660 7.544   3.039   1.00 25.24  ? 18  ARG A CG  1 
ATOM   117  C  CD  . ARG A 1 18  ? -14.520 8.023   1.887   1.00 22.29  ? 18  ARG A CD  1 
ATOM   118  N  NE  . ARG A 1 18  ? -14.243 9.426   1.594   1.00 30.71  ? 18  ARG A NE  1 
ATOM   119  C  CZ  . ARG A 1 18  ? -13.333 9.850   0.723   1.00 32.89  ? 18  ARG A CZ  1 
ATOM   120  N  NH1 . ARG A 1 18  ? -12.604 8.979   0.034   1.00 29.99  ? 18  ARG A NH1 1 
ATOM   121  N  NH2 . ARG A 1 18  ? -13.136 11.151  0.557   1.00 33.08  ? 18  ARG A NH2 1 
ATOM   122  N  N   . ALA A 1 19  ? -13.292 3.287   4.857   1.00 16.13  ? 19  ALA A N   1 
ATOM   123  C  CA  . ALA A 1 19  ? -13.762 1.991   5.336   1.00 16.19  ? 19  ALA A CA  1 
ATOM   124  C  C   . ALA A 1 19  ? -13.274 1.679   6.746   1.00 20.40  ? 19  ALA A C   1 
ATOM   125  O  O   . ALA A 1 19  ? -13.873 0.862   7.446   1.00 16.24  ? 19  ALA A O   1 
ATOM   126  C  CB  . ALA A 1 19  ? -13.309 0.882   4.383   1.00 12.76  ? 19  ALA A CB  1 
ATOM   127  N  N   . LEU A 1 20  ? -12.200 2.338   7.170   1.00 17.60  ? 20  LEU A N   1 
ATOM   128  C  CA  . LEU A 1 20  ? -11.625 2.082   8.490   1.00 15.74  ? 20  LEU A CA  1 
ATOM   129  C  C   . LEU A 1 20  ? -11.692 3.267   9.450   1.00 14.48  ? 20  LEU A C   1 
ATOM   130  O  O   . LEU A 1 20  ? -11.044 3.253   10.499  1.00 19.11  ? 20  LEU A O   1 
ATOM   131  C  CB  . LEU A 1 20  ? -10.161 1.646   8.317   1.00 16.49  ? 20  LEU A CB  1 
ATOM   132  C  CG  . LEU A 1 20  ? -9.938  0.340   7.540   1.00 18.89  ? 20  LEU A CG  1 
ATOM   133  C  CD1 . LEU A 1 20  ? -8.507  0.259   7.015   1.00 13.74  ? 20  LEU A CD1 1 
ATOM   134  C  CD2 . LEU A 1 20  ? -10.250 -0.841  8.453   1.00 15.08  ? 20  LEU A CD2 1 
ATOM   135  N  N   . LYS A 1 21  ? -12.481 4.280   9.113   1.00 19.53  ? 21  LYS A N   1 
ATOM   136  C  CA  . LYS A 1 21  ? -12.576 5.473   9.952   1.00 23.83  ? 21  LYS A CA  1 
ATOM   137  C  C   . LYS A 1 21  ? -12.933 5.264   11.430  1.00 25.32  ? 21  LYS A C   1 
ATOM   138  O  O   . LYS A 1 21  ? -12.664 6.128   12.262  1.00 29.38  ? 21  LYS A O   1 
ATOM   139  C  CB  . LYS A 1 21  ? -13.535 6.490   9.324   1.00 30.86  ? 21  LYS A CB  1 
ATOM   140  C  CG  . LYS A 1 21  ? -14.963 6.019   9.161   1.00 31.70  ? 21  LYS A CG  1 
ATOM   141  C  CD  . LYS A 1 21  ? -15.874 7.197   8.830   1.00 46.63  ? 21  LYS A CD  1 
ATOM   142  C  CE  . LYS A 1 21  ? -15.791 8.273   9.911   1.00 59.02  ? 21  LYS A CE  1 
ATOM   143  N  NZ  . LYS A 1 21  ? -16.718 9.417   9.675   1.00 63.06  ? 21  LYS A NZ  1 
ATOM   144  N  N   . GLY A 1 22  ? -13.528 4.130   11.773  1.00 19.55  ? 22  GLY A N   1 
ATOM   145  C  CA  . GLY A 1 22  ? -13.850 3.909   13.175  1.00 29.24  ? 22  GLY A CA  1 
ATOM   146  C  C   . GLY A 1 22  ? -12.644 3.575   14.051  1.00 27.62  ? 22  GLY A C   1 
ATOM   147  O  O   . GLY A 1 22  ? -12.765 3.479   15.271  1.00 21.52  ? 22  GLY A O   1 
ATOM   148  N  N   . HIS A 1 23  ? -11.475 3.417   13.438  1.00 20.75  ? 23  HIS A N   1 
ATOM   149  C  CA  . HIS A 1 23  ? -10.255 3.052   14.172  1.00 13.83  ? 23  HIS A CA  1 
ATOM   150  C  C   . HIS A 1 23  ? -9.352  4.229   14.534  1.00 12.59  ? 23  HIS A C   1 
ATOM   151  O  O   . HIS A 1 23  ? -9.685  5.380   14.265  1.00 18.59  ? 23  HIS A O   1 
ATOM   152  C  CB  . HIS A 1 23  ? -9.458  2.046   13.332  1.00 13.76  ? 23  HIS A CB  1 
ATOM   153  C  CG  . HIS A 1 23  ? -10.158 0.740   13.133  1.00 13.18  ? 23  HIS A CG  1 
ATOM   154  N  ND1 . HIS A 1 23  ? -10.122 -0.272  14.068  1.00 17.91  ? 23  HIS A ND1 1 
ATOM   155  C  CD2 . HIS A 1 23  ? -10.971 0.308   12.139  1.00 16.91  ? 23  HIS A CD2 1 
ATOM   156  C  CE1 . HIS A 1 23  ? -10.886 -1.272  13.658  1.00 21.53  ? 23  HIS A CE1 1 
ATOM   157  N  NE2 . HIS A 1 23  ? -11.413 -0.944  12.492  1.00 13.68  ? 23  HIS A NE2 1 
ATOM   158  N  N   . ASP A 1 24  ? -8.219  3.925   15.169  1.00 15.56  ? 24  ASP A N   1 
ATOM   159  C  CA  . ASP A 1 24  ? -7.221  4.936   15.526  1.00 14.95  ? 24  ASP A CA  1 
ATOM   160  C  C   . ASP A 1 24  ? -6.431  5.001   14.226  1.00 15.60  ? 24  ASP A C   1 
ATOM   161  O  O   . ASP A 1 24  ? -5.453  4.270   14.028  1.00 19.13  ? 24  ASP A O   1 
ATOM   162  C  CB  . ASP A 1 24  ? -6.336  4.441   16.668  1.00 14.35  ? 24  ASP A CB  1 
ATOM   163  C  CG  . ASP A 1 24  ? -5.154  5.365   16.944  1.00 18.77  ? 24  ASP A CG  1 
ATOM   164  O  OD1 . ASP A 1 24  ? -4.261  4.971   17.722  1.00 16.58  ? 24  ASP A OD1 1 
ATOM   165  O  OD2 . ASP A 1 24  ? -5.109  6.486   16.387  1.00 22.66  ? 24  ASP A OD2 1 
ATOM   166  N  N   . LEU A 1 25  ? -6.879  5.879   13.341  1.00 15.12  ? 25  LEU A N   1 
ATOM   167  C  CA  . LEU A 1 25  ? -6.318  6.001   12.004  1.00 21.18  ? 25  LEU A CA  1 
ATOM   168  C  C   . LEU A 1 25  ? -5.271  7.085   11.739  1.00 22.90  ? 25  LEU A C   1 
ATOM   169  O  O   . LEU A 1 25  ? -5.431  8.239   12.137  1.00 14.29  ? 25  LEU A O   1 
ATOM   170  C  CB  . LEU A 1 25  ? -7.493  6.172   11.033  1.00 21.57  ? 25  LEU A CB  1 
ATOM   171  C  CG  . LEU A 1 25  ? -7.381  5.887   9.540   1.00 31.01  ? 25  LEU A CG  1 
ATOM   172  C  CD1 . LEU A 1 25  ? -6.925  4.454   9.312   1.00 27.46  ? 25  LEU A CD1 1 
ATOM   173  C  CD2 . LEU A 1 25  ? -8.751  6.120   8.903   1.00 24.36  ? 25  LEU A CD2 1 
ATOM   174  N  N   . LEU A 1 26  ? -4.193  6.690   11.061  1.00 15.74  ? 26  LEU A N   1 
ATOM   175  C  CA  . LEU A 1 26  ? -3.139  7.627   10.675  1.00 17.21  ? 26  LEU A CA  1 
ATOM   176  C  C   . LEU A 1 26  ? -3.064  7.552   9.155   1.00 19.37  ? 26  LEU A C   1 
ATOM   177  O  O   . LEU A 1 26  ? -2.996  6.459   8.584   1.00 17.44  ? 26  LEU A O   1 
ATOM   178  C  CB  . LEU A 1 26  ? -1.786  7.246   11.287  1.00 16.54  ? 26  LEU A CB  1 
ATOM   179  C  CG  . LEU A 1 26  ? -1.708  7.334   12.812  1.00 28.90  ? 26  LEU A CG  1 
ATOM   180  C  CD1 . LEU A 1 26  ? -2.206  6.033   13.421  1.00 25.91  ? 26  LEU A CD1 1 
ATOM   181  C  CD2 . LEU A 1 26  ? -0.276  7.598   13.239  1.00 32.49  ? 26  LEU A CD2 1 
ATOM   182  N  N   . LEU A 1 27  ? -3.094  8.710   8.503   1.00 16.30  ? 27  LEU A N   1 
ATOM   183  C  CA  . LEU A 1 27  ? -3.057  8.768   7.046   1.00 11.69  ? 27  LEU A CA  1 
ATOM   184  C  C   . LEU A 1 27  ? -1.820  9.509   6.550   1.00 19.45  ? 27  LEU A C   1 
ATOM   185  O  O   . LEU A 1 27  ? -1.461  10.558  7.089   1.00 15.55  ? 27  LEU A O   1 
ATOM   186  C  CB  . LEU A 1 27  ? -4.319  9.467   6.522   1.00 10.26  ? 27  LEU A CB  1 
ATOM   187  C  CG  . LEU A 1 27  ? -5.682  8.943   7.016   1.00 9.17   ? 27  LEU A CG  1 
ATOM   188  C  CD1 . LEU A 1 27  ? -6.809  9.758   6.391   1.00 6.48   ? 27  LEU A CD1 1 
ATOM   189  C  CD2 . LEU A 1 27  ? -5.845  7.470   6.659   1.00 6.16   ? 27  LEU A CD2 1 
ATOM   190  N  N   . SER A 1 28  ? -1.168  8.959   5.530   1.00 15.36  ? 28  SER A N   1 
ATOM   191  C  CA  . SER A 1 28  ? 0.012   9.597   4.959   1.00 22.96  ? 28  SER A CA  1 
ATOM   192  C  C   . SER A 1 28  ? -0.055  9.638   3.430   1.00 21.85  ? 28  SER A C   1 
ATOM   193  O  O   . SER A 1 28  ? -0.613  8.739   2.792   1.00 20.60  ? 28  SER A O   1 
ATOM   194  C  CB  . SER A 1 28  ? 1.281   8.870   5.402   1.00 23.45  ? 28  SER A CB  1 
ATOM   195  O  OG  . SER A 1 28  ? 2.431   9.603   5.027   1.00 15.59  ? 28  SER A OG  1 
ATOM   196  N  N   . GLY A 1 29  ? 0.514   10.698  2.862   1.00 19.07  ? 29  GLY A N   1 
ATOM   197  C  CA  . GLY A 1 29  ? 0.534   10.891  1.419   1.00 13.79  ? 29  GLY A CA  1 
ATOM   198  C  C   . GLY A 1 29  ? 1.439   12.072  1.090   1.00 25.73  ? 29  GLY A C   1 
ATOM   199  O  O   . GLY A 1 29  ? 1.990   12.688  2.002   1.00 21.54  ? 29  GLY A O   1 
ATOM   200  N  N   . ARG A 1 30  ? 1.603   12.399  -0.190  1.00 22.23  ? 30  ARG A N   1 
ATOM   201  C  CA  . ARG A 1 30  ? 2.458   13.529  -0.565  1.00 25.23  ? 30  ARG A CA  1 
ATOM   202  C  C   . ARG A 1 30  ? 1.678   14.838  -0.681  1.00 25.93  ? 30  ARG A C   1 
ATOM   203  O  O   . ARG A 1 30  ? 2.166   15.898  -0.288  1.00 24.07  ? 30  ARG A O   1 
ATOM   204  C  CB  . ARG A 1 30  ? 3.188   13.245  -1.886  1.00 29.62  ? 30  ARG A CB  1 
ATOM   205  C  CG  . ARG A 1 30  ? 4.243   12.154  -1.789  1.00 34.06  ? 30  ARG A CG  1 
ATOM   206  C  CD  . ARG A 1 30  ? 5.033   12.008  -3.085  1.00 29.11  ? 30  ARG A CD  1 
ATOM   207  N  NE  . ARG A 1 30  ? 4.167   11.707  -4.223  1.00 37.64  ? 30  ARG A NE  1 
ATOM   208  C  CZ  . ARG A 1 30  ? 4.604   11.467  -5.458  1.00 42.37  ? 30  ARG A CZ  1 
ATOM   209  N  NH1 . ARG A 1 30  ? 5.905   11.486  -5.723  1.00 32.52  ? 30  ARG A NH1 1 
ATOM   210  N  NH2 . ARG A 1 30  ? 3.738   11.214  -6.431  1.00 29.38  ? 30  ARG A NH2 1 
ATOM   211  N  N   . ARG A 1 31  ? 0.469   14.771  -1.226  1.00 18.80  ? 31  ARG A N   1 
ATOM   212  C  CA  . ARG A 1 31  ? -0.354  15.968  -1.364  1.00 22.98  ? 31  ARG A CA  1 
ATOM   213  C  C   . ARG A 1 31  ? -0.958  16.340  -0.002  1.00 26.14  ? 31  ARG A C   1 
ATOM   214  O  O   . ARG A 1 31  ? -2.019  15.842  0.385   1.00 22.16  ? 31  ARG A O   1 
ATOM   215  C  CB  . ARG A 1 31  ? -1.450  15.723  -2.401  1.00 23.28  ? 31  ARG A CB  1 
ATOM   216  C  CG  . ARG A 1 31  ? -0.970  15.836  -3.847  1.00 33.02  ? 31  ARG A CG  1 
ATOM   217  C  CD  . ARG A 1 31  ? -1.224  14.557  -4.623  1.00 37.16  ? 31  ARG A CD  1 
ATOM   218  N  NE  . ARG A 1 31  ? -2.562  14.030  -4.369  1.00 43.71  ? 31  ARG A NE  1 
ATOM   219  C  CZ  . ARG A 1 31  ? -3.683  14.709  -4.587  1.00 50.18  ? 31  ARG A CZ  1 
ATOM   220  N  NH1 . ARG A 1 31  ? -3.631  15.944  -5.070  1.00 52.42  ? 31  ARG A NH1 1 
ATOM   221  N  NH2 . ARG A 1 31  ? -4.854  14.158  -4.313  1.00 39.19  ? 31  ARG A NH2 1 
ATOM   222  N  N   . ALA A 1 32  ? -0.269  17.224  0.712   1.00 20.48  ? 32  ALA A N   1 
ATOM   223  C  CA  . ALA A 1 32  ? -0.675  17.659  2.047   1.00 19.77  ? 32  ALA A CA  1 
ATOM   224  C  C   . ALA A 1 32  ? -2.100  18.193  2.159   1.00 18.62  ? 32  ALA A C   1 
ATOM   225  O  O   . ALA A 1 32  ? -2.827  17.844  3.091   1.00 25.99  ? 32  ALA A O   1 
ATOM   226  C  CB  . ALA A 1 32  ? 0.310   18.701  2.568   1.00 17.50  ? 32  ALA A CB  1 
ATOM   227  N  N   . GLY A 1 33  ? -2.493  19.048  1.221   1.00 21.29  ? 33  GLY A N   1 
ATOM   228  C  CA  . GLY A 1 33  ? -3.832  19.604  1.252   1.00 16.37  ? 33  GLY A CA  1 
ATOM   229  C  C   . GLY A 1 33  ? -4.896  18.521  1.207   1.00 20.42  ? 33  GLY A C   1 
ATOM   230  O  O   . GLY A 1 33  ? -5.758  18.442  2.088   1.00 16.30  ? 33  GLY A O   1 
ATOM   231  N  N   . ALA A 1 34  ? -4.833  17.675  0.184   1.00 19.01  ? 34  ALA A N   1 
ATOM   232  C  CA  . ALA A 1 34  ? -5.808  16.603  0.041   1.00 20.29  ? 34  ALA A CA  1 
ATOM   233  C  C   . ALA A 1 34  ? -5.773  15.691  1.263   1.00 25.30  ? 34  ALA A C   1 
ATOM   234  O  O   . ALA A 1 34  ? -6.818  15.242  1.743   1.00 17.58  ? 34  ALA A O   1 
ATOM   235  C  CB  . ALA A 1 34  ? -5.522  15.799  -1.228  1.00 14.55  ? 34  ALA A CB  1 
ATOM   236  N  N   . LEU A 1 35  ? -4.568  15.427  1.763   1.00 18.11  ? 35  LEU A N   1 
ATOM   237  C  CA  . LEU A 1 35  ? -4.392  14.564  2.926   1.00 19.76  ? 35  LEU A CA  1 
ATOM   238  C  C   . LEU A 1 35  ? -5.085  15.111  4.173   1.00 21.42  ? 35  LEU A C   1 
ATOM   239  O  O   . LEU A 1 35  ? -5.806  14.385  4.854   1.00 14.56  ? 35  LEU A O   1 
ATOM   240  C  CB  . LEU A 1 35  ? -2.904  14.377  3.230   1.00 15.77  ? 35  LEU A CB  1 
ATOM   241  C  CG  . LEU A 1 35  ? -2.590  13.472  4.430   1.00 18.72  ? 35  LEU A CG  1 
ATOM   242  C  CD1 . LEU A 1 35  ? -2.950  12.037  4.092   1.00 12.09  ? 35  LEU A CD1 1 
ATOM   243  C  CD2 . LEU A 1 35  ? -1.112  13.568  4.786   1.00 14.44  ? 35  LEU A CD2 1 
ATOM   244  N  N   . ALA A 1 36  ? -4.854  16.387  4.471   1.00 11.47  ? 36  ALA A N   1 
ATOM   245  C  CA  . ALA A 1 36  ? -5.442  17.017  5.652   1.00 19.02  ? 36  ALA A CA  1 
ATOM   246  C  C   . ALA A 1 36  ? -6.968  17.009  5.653   1.00 17.69  ? 36  ALA A C   1 
ATOM   247  O  O   . ALA A 1 36  ? -7.584  16.815  6.700   1.00 18.08  ? 36  ALA A O   1 
ATOM   248  C  CB  . ALA A 1 36  ? -4.933  18.450  5.793   1.00 15.03  ? 36  ALA A CB  1 
ATOM   249  N  N   . GLU A 1 37  ? -7.578  17.214  4.488   1.00 19.11  ? 37  GLU A N   1 
ATOM   250  C  CA  . GLU A 1 37  ? -9.035  17.235  4.396   1.00 22.00  ? 37  GLU A CA  1 
ATOM   251  C  C   . GLU A 1 37  ? -9.644  15.847  4.588   1.00 23.98  ? 37  GLU A C   1 
ATOM   252  O  O   . GLU A 1 37  ? -10.685 15.709  5.243   1.00 18.20  ? 37  GLU A O   1 
ATOM   253  C  CB  . GLU A 1 37  ? -9.483  17.826  3.049   1.00 23.37  ? 37  GLU A CB  1 
ATOM   254  C  CG  . GLU A 1 37  ? -11.022 17.890  2.869   1.00 43.52  ? 37  GLU A CG  1 
ATOM   255  C  CD  . GLU A 1 37  ? -11.749 18.524  4.064   1.00 51.71  ? 37  GLU A CD  1 
ATOM   256  O  OE1 . GLU A 1 37  ? -11.431 19.686  4.419   1.00 51.28  ? 37  GLU A OE1 1 
ATOM   257  O  OE2 . GLU A 1 37  ? -12.641 17.860  4.658   1.00 41.06  ? 37  GLU A OE2 1 
ATOM   258  N  N   . LEU A 1 38  ? -9.008  14.826  4.012   1.00 19.06  ? 38  LEU A N   1 
ATOM   259  C  CA  . LEU A 1 38  ? -9.502  13.459  4.161   1.00 18.92  ? 38  LEU A CA  1 
ATOM   260  C  C   . LEU A 1 38  ? -9.367  13.052  5.626   1.00 18.66  ? 38  LEU A C   1 
ATOM   261  O  O   . LEU A 1 38  ? -10.298 12.502  6.220   1.00 18.34  ? 38  LEU A O   1 
ATOM   262  C  CB  . LEU A 1 38  ? -8.697  12.486  3.290   1.00 18.28  ? 38  LEU A CB  1 
ATOM   263  C  CG  . LEU A 1 38  ? -9.024  10.994  3.465   1.00 18.84  ? 38  LEU A CG  1 
ATOM   264  C  CD1 . LEU A 1 38  ? -10.478 10.740  3.102   1.00 9.04   ? 38  LEU A CD1 1 
ATOM   265  C  CD2 . LEU A 1 38  ? -8.108  10.149  2.583   1.00 12.39  ? 38  LEU A CD2 1 
ATOM   266  N  N   . ALA A 1 39  ? -8.203  13.332  6.206   1.00 12.90  ? 39  ALA A N   1 
ATOM   267  C  CA  . ALA A 1 39  ? -7.957  12.995  7.602   1.00 17.63  ? 39  ALA A CA  1 
ATOM   268  C  C   . ALA A 1 39  ? -9.023  13.639  8.493   1.00 14.40  ? 39  ALA A C   1 
ATOM   269  O  O   . ALA A 1 39  ? -9.559  12.997  9.393   1.00 18.33  ? 39  ALA A O   1 
ATOM   270  C  CB  . ALA A 1 39  ? -6.563  13.455  8.016   1.00 13.01  ? 39  ALA A CB  1 
ATOM   271  N  N   . ARG A 1 40  ? -9.332  14.905  8.229   1.00 14.03  ? 40  ARG A N   1 
ATOM   272  C  CA  . ARG A 1 40  ? -10.334 15.629  9.006   1.00 23.64  ? 40  ARG A CA  1 
ATOM   273  C  C   . ARG A 1 40  ? -11.708 14.987  8.817   1.00 23.83  ? 40  ARG A C   1 
ATOM   274  O  O   . ARG A 1 40  ? -12.453 14.792  9.774   1.00 24.55  ? 40  ARG A O   1 
ATOM   275  C  CB  . ARG A 1 40  ? -10.397 17.092  8.563   1.00 24.37  ? 40  ARG A CB  1 
ATOM   276  C  CG  . ARG A 1 40  ? -11.441 17.919  9.298   1.00 28.98  ? 40  ARG A CG  1 
ATOM   277  C  CD  . ARG A 1 40  ? -11.619 19.279  8.638   1.00 40.90  ? 40  ARG A CD  1 
ATOM   278  N  NE  . ARG A 1 40  ? -12.704 20.046  9.242   1.00 63.58  ? 40  ARG A NE  1 
ATOM   279  C  CZ  . ARG A 1 40  ? -13.198 21.169  8.730   1.00 74.95  ? 40  ARG A CZ  1 
ATOM   280  N  NH1 . ARG A 1 40  ? -14.186 21.805  9.348   1.00 69.84  ? 40  ARG A NH1 1 
ATOM   281  N  NH2 . ARG A 1 40  ? -12.710 21.654  7.594   1.00 81.03  ? 40  ARG A NH2 1 
ATOM   282  N  N   . GLU A 1 41  ? -12.031 14.665  7.571   1.00 21.03  ? 41  GLU A N   1 
ATOM   283  C  CA  . GLU A 1 41  ? -13.306 14.041  7.240   1.00 25.67  ? 41  GLU A CA  1 
ATOM   284  C  C   . GLU A 1 41  ? -13.518 12.732  7.995   1.00 25.90  ? 41  GLU A C   1 
ATOM   285  O  O   . GLU A 1 41  ? -14.620 12.452  8.456   1.00 21.23  ? 41  GLU A O   1 
ATOM   286  C  CB  . GLU A 1 41  ? -13.382 13.763  5.739   1.00 24.37  ? 41  GLU A CB  1 
ATOM   287  C  CG  . GLU A 1 41  ? -14.652 13.038  5.299   1.00 34.22  ? 41  GLU A CG  1 
ATOM   288  C  CD  . GLU A 1 41  ? -14.511 12.410  3.923   1.00 46.52  ? 41  GLU A CD  1 
ATOM   289  O  OE1 . GLU A 1 41  ? -13.975 13.088  3.019   1.00 42.15  ? 41  GLU A OE1 1 
ATOM   290  O  OE2 . GLU A 1 41  ? -14.938 11.245  3.745   1.00 41.22  ? 41  GLU A OE2 1 
ATOM   291  N  N   . VAL A 1 42  ? -12.467 11.926  8.115   1.00 21.39  ? 42  VAL A N   1 
ATOM   292  C  CA  . VAL A 1 42  ? -12.596 10.646  8.800   1.00 14.34  ? 42  VAL A CA  1 
ATOM   293  C  C   . VAL A 1 42  ? -12.071 10.627  10.233  1.00 21.90  ? 42  VAL A C   1 
ATOM   294  O  O   . VAL A 1 42  ? -12.002 9.570   10.850  1.00 25.16  ? 42  VAL A O   1 
ATOM   295  C  CB  . VAL A 1 42  ? -11.913 9.523   7.998   1.00 20.10  ? 42  VAL A CB  1 
ATOM   296  C  CG1 . VAL A 1 42  ? -12.550 9.427   6.628   1.00 17.21  ? 42  VAL A CG1 1 
ATOM   297  C  CG2 . VAL A 1 42  ? -10.415 9.790   7.873   1.00 12.83  ? 42  VAL A CG2 1 
ATOM   298  N  N   . GLY A 1 43  ? -11.708 11.792  10.764  1.00 18.03  ? 43  GLY A N   1 
ATOM   299  C  CA  . GLY A 1 43  ? -11.220 11.850  12.129  1.00 16.87  ? 43  GLY A CA  1 
ATOM   300  C  C   . GLY A 1 43  ? -9.870  11.188  12.346  1.00 24.73  ? 43  GLY A C   1 
ATOM   301  O  O   . GLY A 1 43  ? -9.592  10.669  13.430  1.00 18.15  ? 43  GLY A O   1 
ATOM   302  N  N   . ALA A 1 44  ? -9.024  11.208  11.318  1.00 15.80  ? 44  ALA A N   1 
ATOM   303  C  CA  . ALA A 1 44  ? -7.699  10.606  11.414  1.00 19.26  ? 44  ALA A CA  1 
ATOM   304  C  C   . ALA A 1 44  ? -6.602  11.650  11.592  1.00 21.42  ? 44  ALA A C   1 
ATOM   305  O  O   . ALA A 1 44  ? -6.852  12.858  11.584  1.00 17.55  ? 44  ALA A O   1 
ATOM   306  C  CB  . ALA A 1 44  ? -7.415  9.774   10.168  1.00 16.90  ? 44  ALA A CB  1 
ATOM   307  N  N   . ARG A 1 45  ? -5.376  11.171  11.761  1.00 17.90  ? 45  ARG A N   1 
ATOM   308  C  CA  . ARG A 1 45  ? -4.232  12.059  11.896  1.00 23.06  ? 45  ARG A CA  1 
ATOM   309  C  C   . ARG A 1 45  ? -3.536  12.133  10.540  1.00 21.30  ? 45  ARG A C   1 
ATOM   310  O  O   . ARG A 1 45  ? -3.326  11.106  9.900   1.00 22.78  ? 45  ARG A O   1 
ATOM   311  C  CB  . ARG A 1 45  ? -3.275  11.523  12.958  1.00 16.27  ? 45  ARG A CB  1 
ATOM   312  C  CG  . ARG A 1 45  ? -3.676  11.894  14.364  1.00 24.52  ? 45  ARG A CG  1 
ATOM   313  C  CD  . ARG A 1 45  ? -2.702  11.328  15.354  1.00 27.17  ? 45  ARG A CD  1 
ATOM   314  N  NE  . ARG A 1 45  ? -2.938  9.909   15.580  1.00 28.78  ? 45  ARG A NE  1 
ATOM   315  C  CZ  . ARG A 1 45  ? -2.046  9.095   16.131  1.00 35.68  ? 45  ARG A CZ  1 
ATOM   316  N  NH1 . ARG A 1 45  ? -0.863  9.571   16.496  1.00 23.15  ? 45  ARG A NH1 1 
ATOM   317  N  NH2 . ARG A 1 45  ? -2.343  7.816   16.332  1.00 25.01  ? 45  ARG A NH2 1 
ATOM   318  N  N   . ALA A 1 46  ? -3.203  13.345  10.101  1.00 17.78  ? 46  ALA A N   1 
ATOM   319  C  CA  . ALA A 1 46  ? -2.531  13.551  8.816   1.00 11.31  ? 46  ALA A CA  1 
ATOM   320  C  C   . ALA A 1 46  ? -1.033  13.763  9.006   1.00 17.91  ? 46  ALA A C   1 
ATOM   321  O  O   . ALA A 1 46  ? -0.610  14.700  9.684   1.00 16.69  ? 46  ALA A O   1 
ATOM   322  C  CB  . ALA A 1 46  ? -3.131  14.758  8.089   1.00 11.36  ? 46  ALA A CB  1 
ATOM   323  N  N   . LEU A 1 47  ? -0.240  12.892  8.395   1.00 14.26  ? 47  LEU A N   1 
ATOM   324  C  CA  . LEU A 1 47  ? 1.213   12.966  8.483   1.00 18.60  ? 47  LEU A CA  1 
ATOM   325  C  C   . LEU A 1 47  ? 1.791   12.825  7.074   1.00 20.32  ? 47  LEU A C   1 
ATOM   326  O  O   . LEU A 1 47  ? 2.166   11.733  6.654   1.00 18.67  ? 47  LEU A O   1 
ATOM   327  C  CB  . LEU A 1 47  ? 1.745   11.844  9.387   1.00 18.20  ? 47  LEU A CB  1 
ATOM   328  C  CG  . LEU A 1 47  ? 1.421   11.921  10.883  1.00 19.70  ? 47  LEU A CG  1 
ATOM   329  C  CD1 . LEU A 1 47  ? 1.845   10.631  11.582  1.00 24.75  ? 47  LEU A CD1 1 
ATOM   330  C  CD2 . LEU A 1 47  ? 2.136   13.120  11.493  1.00 16.54  ? 47  LEU A CD2 1 
ATOM   331  N  N   . PRO A 1 48  ? 1.865   13.937  6.326   1.00 15.39  ? 48  PRO A N   1 
ATOM   332  C  CA  . PRO A 1 48  ? 2.397   13.929  4.958   1.00 13.92  ? 48  PRO A CA  1 
ATOM   333  C  C   . PRO A 1 48  ? 3.878   13.572  4.880   1.00 18.80  ? 48  PRO A C   1 
ATOM   334  O  O   . PRO A 1 48  ? 4.643   13.869  5.796   1.00 22.65  ? 48  PRO A O   1 
ATOM   335  C  CB  . PRO A 1 48  ? 2.118   15.348  4.473   1.00 16.89  ? 48  PRO A CB  1 
ATOM   336  C  CG  . PRO A 1 48  ? 2.249   16.161  5.732   1.00 11.66  ? 48  PRO A CG  1 
ATOM   337  C  CD  . PRO A 1 48  ? 1.504   15.307  6.743   1.00 13.38  ? 48  PRO A CD  1 
ATOM   338  N  N   . ALA A 1 49  ? 4.275   12.929  3.784   1.00 17.58  ? 49  ALA A N   1 
ATOM   339  C  CA  . ALA A 1 49  ? 5.672   12.548  3.602   1.00 17.51  ? 49  ALA A CA  1 
ATOM   340  C  C   . ALA A 1 49  ? 5.976   11.953  2.231   1.00 18.94  ? 49  ALA A C   1 
ATOM   341  O  O   . ALA A 1 49  ? 5.076   11.509  1.517   1.00 20.77  ? 49  ALA A O   1 
ATOM   342  C  CB  . ALA A 1 49  ? 6.079   11.558  4.682   1.00 19.72  ? 49  ALA A CB  1 
ATOM   343  N  N   . ASP A 1 50  ? 7.255   11.972  1.863   1.00 19.63  ? 50  ASP A N   1 
ATOM   344  C  CA  . ASP A 1 50  ? 7.715   11.377  0.610   1.00 15.13  ? 50  ASP A CA  1 
ATOM   345  C  C   . ASP A 1 50  ? 8.393   10.105  1.099   1.00 19.91  ? 50  ASP A C   1 
ATOM   346  O  O   . ASP A 1 50  ? 9.521   10.152  1.588   1.00 18.39  ? 50  ASP A O   1 
ATOM   347  C  CB  . ASP A 1 50  ? 8.744   12.271  -0.082  1.00 22.32  ? 50  ASP A CB  1 
ATOM   348  C  CG  . ASP A 1 50  ? 9.321   11.633  -1.342  1.00 25.65  ? 50  ASP A CG  1 
ATOM   349  O  OD1 . ASP A 1 50  ? 9.126   10.411  -1.554  1.00 22.28  ? 50  ASP A OD1 1 
ATOM   350  O  OD2 . ASP A 1 50  ? 9.980   12.356  -2.117  1.00 27.62  ? 50  ASP A OD2 1 
ATOM   351  N  N   . LEU A 1 51  ? 7.712   8.970   0.976   1.00 17.05  ? 51  LEU A N   1 
ATOM   352  C  CA  . LEU A 1 51  ? 8.254   7.712   1.472   1.00 12.35  ? 51  LEU A CA  1 
ATOM   353  C  C   . LEU A 1 51  ? 9.454   7.152   0.708   1.00 20.34  ? 51  LEU A C   1 
ATOM   354  O  O   . LEU A 1 51  ? 10.016  6.126   1.097   1.00 21.74  ? 51  LEU A O   1 
ATOM   355  C  CB  . LEU A 1 51  ? 7.125   6.672   1.566   1.00 10.01  ? 51  LEU A CB  1 
ATOM   356  C  CG  . LEU A 1 51  ? 5.998   7.125   2.516   1.00 14.42  ? 51  LEU A CG  1 
ATOM   357  C  CD1 . LEU A 1 51  ? 4.890   6.091   2.568   1.00 15.15  ? 51  LEU A CD1 1 
ATOM   358  C  CD2 . LEU A 1 51  ? 6.572   7.346   3.915   1.00 17.22  ? 51  LEU A CD2 1 
ATOM   359  N  N   . ALA A 1 52  ? 9.851   7.823   -0.370  1.00 16.33  ? 52  ALA A N   1 
ATOM   360  C  CA  . ALA A 1 52  ? 11.009  7.392   -1.144  1.00 19.86  ? 52  ALA A CA  1 
ATOM   361  C  C   . ALA A 1 52  ? 12.237  7.978   -0.450  1.00 24.04  ? 52  ALA A C   1 
ATOM   362  O  O   . ALA A 1 52  ? 13.371  7.629   -0.764  1.00 24.76  ? 52  ALA A O   1 
ATOM   363  C  CB  . ALA A 1 52  ? 10.918  7.894   -2.585  1.00 17.37  ? 52  ALA A CB  1 
ATOM   364  N  N   . ASP A 1 53  ? 11.988  8.882   0.494   1.00 26.88  ? 53  ASP A N   1 
ATOM   365  C  CA  . ASP A 1 53  ? 13.051  9.500   1.283   1.00 23.95  ? 53  ASP A CA  1 
ATOM   366  C  C   . ASP A 1 53  ? 13.035  8.740   2.607   1.00 26.71  ? 53  ASP A C   1 
ATOM   367  O  O   . ASP A 1 53  ? 12.145  8.943   3.437   1.00 24.66  ? 53  ASP A O   1 
ATOM   368  C  CB  . ASP A 1 53  ? 12.749  10.980  1.527   1.00 22.44  ? 53  ASP A CB  1 
ATOM   369  C  CG  . ASP A 1 53  ? 13.856  11.688  2.298   1.00 37.73  ? 53  ASP A CG  1 
ATOM   370  O  OD1 . ASP A 1 53  ? 14.205  11.240  3.410   1.00 36.44  ? 53  ASP A OD1 1 
ATOM   371  O  OD2 . ASP A 1 53  ? 14.374  12.704  1.790   1.00 48.95  ? 53  ASP A OD2 1 
ATOM   372  N  N   . GLU A 1 54  ? 14.016  7.864   2.804   1.00 23.97  ? 54  GLU A N   1 
ATOM   373  C  CA  . GLU A 1 54  ? 14.065  7.056   4.013   1.00 26.76  ? 54  GLU A CA  1 
ATOM   374  C  C   . GLU A 1 54  ? 13.957  7.809   5.338   1.00 27.44  ? 54  GLU A C   1 
ATOM   375  O  O   . GLU A 1 54  ? 13.335  7.312   6.276   1.00 23.80  ? 54  GLU A O   1 
ATOM   376  C  CB  . GLU A 1 54  ? 15.319  6.185   4.032   1.00 26.66  ? 54  GLU A CB  1 
ATOM   377  C  CG  . GLU A 1 54  ? 15.406  5.335   5.288   1.00 27.73  ? 54  GLU A CG  1 
ATOM   378  C  CD  . GLU A 1 54  ? 16.583  4.394   5.283   1.00 37.24  ? 54  GLU A CD  1 
ATOM   379  O  OE1 . GLU A 1 54  ? 17.530  4.633   4.505   1.00 32.92  ? 54  GLU A OE1 1 
ATOM   380  O  OE2 . GLU A 1 54  ? 16.561  3.423   6.069   1.00 34.07  ? 54  GLU A OE2 1 
ATOM   381  N  N   . LEU A 1 55  ? 14.550  8.995   5.427   1.00 26.62  ? 55  LEU A N   1 
ATOM   382  C  CA  . LEU A 1 55  ? 14.478  9.756   6.671   1.00 25.88  ? 55  LEU A CA  1 
ATOM   383  C  C   . LEU A 1 55  ? 13.040  10.184  6.959   1.00 25.10  ? 55  LEU A C   1 
ATOM   384  O  O   . LEU A 1 55  ? 12.620  10.239  8.114   1.00 18.91  ? 55  LEU A O   1 
ATOM   385  C  CB  . LEU A 1 55  ? 15.390  10.986  6.615   1.00 22.13  ? 55  LEU A CB  1 
ATOM   386  C  CG  . LEU A 1 55  ? 16.893  10.722  6.474   1.00 34.10  ? 55  LEU A CG  1 
ATOM   387  C  CD1 . LEU A 1 55  ? 17.636  12.052  6.412   1.00 39.99  ? 55  LEU A CD1 1 
ATOM   388  C  CD2 . LEU A 1 55  ? 17.390  9.890   7.649   1.00 32.75  ? 55  LEU A CD2 1 
ATOM   389  N  N   . GLU A 1 56  ? 12.285  10.493  5.913   1.00 21.19  ? 56  GLU A N   1 
ATOM   390  C  CA  . GLU A 1 56  ? 10.897  10.891  6.103   1.00 26.92  ? 56  GLU A CA  1 
ATOM   391  C  C   . GLU A 1 56  ? 10.066  9.668   6.475   1.00 23.66  ? 56  GLU A C   1 
ATOM   392  O  O   . GLU A 1 56  ? 9.166   9.749   7.314   1.00 20.99  ? 56  GLU A O   1 
ATOM   393  C  CB  . GLU A 1 56  ? 10.341  11.545  4.837   1.00 19.00  ? 56  GLU A CB  1 
ATOM   394  C  CG  . GLU A 1 56  ? 10.906  12.928  4.572   1.00 30.19  ? 56  GLU A CG  1 
ATOM   395  C  CD  . GLU A 1 56  ? 10.151  13.655  3.483   1.00 29.91  ? 56  GLU A CD  1 
ATOM   396  O  OE1 . GLU A 1 56  ? 8.923   13.822  3.627   1.00 27.97  ? 56  GLU A OE1 1 
ATOM   397  O  OE2 . GLU A 1 56  ? 10.780  14.056  2.485   1.00 38.26  ? 56  GLU A OE2 1 
ATOM   398  N  N   . ALA A 1 57  ? 10.371  8.533   5.856   1.00 17.31  ? 57  ALA A N   1 
ATOM   399  C  CA  . ALA A 1 57  ? 9.647   7.305   6.163   1.00 22.04  ? 57  ALA A CA  1 
ATOM   400  C  C   . ALA A 1 57  ? 9.899   6.946   7.624   1.00 21.31  ? 57  ALA A C   1 
ATOM   401  O  O   . ALA A 1 57  ? 8.971   6.615   8.362   1.00 23.21  ? 57  ALA A O   1 
ATOM   402  C  CB  . ALA A 1 57  ? 10.110  6.168   5.251   1.00 13.59  ? 57  ALA A CB  1 
ATOM   403  N  N   . LYS A 1 58  ? 11.161  7.028   8.036   1.00 21.66  ? 58  LYS A N   1 
ATOM   404  C  CA  . LYS A 1 58  ? 11.547  6.717   9.408   1.00 19.12  ? 58  LYS A CA  1 
ATOM   405  C  C   . LYS A 1 58  ? 10.848  7.600   10.438  1.00 24.18  ? 58  LYS A C   1 
ATOM   406  O  O   . LYS A 1 58  ? 10.392  7.116   11.475  1.00 21.20  ? 58  LYS A O   1 
ATOM   407  C  CB  . LYS A 1 58  ? 13.059  6.858   9.581   1.00 22.93  ? 58  LYS A CB  1 
ATOM   408  C  CG  . LYS A 1 58  ? 13.522  6.673   11.016  1.00 25.05  ? 58  LYS A CG  1 
ATOM   409  C  CD  . LYS A 1 58  ? 15.031  6.791   11.147  1.00 33.53  ? 58  LYS A CD  1 
ATOM   410  C  CE  . LYS A 1 58  ? 15.453  6.615   12.599  1.00 32.65  ? 58  LYS A CE  1 
ATOM   411  N  NZ  . LYS A 1 58  ? 16.930  6.642   12.767  1.00 54.75  ? 58  LYS A NZ  1 
ATOM   412  N  N   . ALA A 1 59  ? 10.779  8.899   10.162  1.00 18.16  ? 59  ALA A N   1 
ATOM   413  C  CA  . ALA A 1 59  ? 10.129  9.824   11.084  1.00 20.11  ? 59  ALA A CA  1 
ATOM   414  C  C   . ALA A 1 59  ? 8.619   9.553   11.157  1.00 20.66  ? 59  ALA A C   1 
ATOM   415  O  O   . ALA A 1 59  ? 8.010   9.733   12.208  1.00 20.45  ? 59  ALA A O   1 
ATOM   416  C  CB  . ALA A 1 59  ? 10.385  11.263  10.651  1.00 17.43  ? 59  ALA A CB  1 
ATOM   417  N  N   . LEU A 1 60  ? 8.023   9.134   10.041  1.00 19.48  ? 60  LEU A N   1 
ATOM   418  C  CA  . LEU A 1 60  ? 6.591   8.836   10.009  1.00 18.64  ? 60  LEU A CA  1 
ATOM   419  C  C   . LEU A 1 60  ? 6.276   7.635   10.894  1.00 23.19  ? 60  LEU A C   1 
ATOM   420  O  O   . LEU A 1 60  ? 5.377   7.696   11.736  1.00 19.01  ? 60  LEU A O   1 
ATOM   421  C  CB  . LEU A 1 60  ? 6.127   8.531   8.578   1.00 20.68  ? 60  LEU A CB  1 
ATOM   422  C  CG  . LEU A 1 60  ? 4.741   7.879   8.439   1.00 23.31  ? 60  LEU A CG  1 
ATOM   423  C  CD1 . LEU A 1 60  ? 3.668   8.843   8.943   1.00 14.63  ? 60  LEU A CD1 1 
ATOM   424  C  CD2 . LEU A 1 60  ? 4.480   7.492   6.978   1.00 15.19  ? 60  LEU A CD2 1 
ATOM   425  N  N   . LEU A 1 61  ? 7.019   6.547   10.699  1.00 20.92  ? 61  LEU A N   1 
ATOM   426  C  CA  . LEU A 1 61  ? 6.808   5.326   11.471  1.00 21.84  ? 61  LEU A CA  1 
ATOM   427  C  C   . LEU A 1 61  ? 7.124   5.454   12.959  1.00 25.86  ? 61  LEU A C   1 
ATOM   428  O  O   . LEU A 1 61  ? 6.453   4.838   13.788  1.00 25.33  ? 61  LEU A O   1 
ATOM   429  C  CB  . LEU A 1 61  ? 7.607   4.162   10.866  1.00 17.30  ? 61  LEU A CB  1 
ATOM   430  C  CG  . LEU A 1 61  ? 6.985   3.449   9.655   1.00 26.82  ? 61  LEU A CG  1 
ATOM   431  C  CD1 . LEU A 1 61  ? 5.584   2.959   10.016  1.00 23.51  ? 61  LEU A CD1 1 
ATOM   432  C  CD2 . LEU A 1 61  ? 6.912   4.387   8.466   1.00 25.17  ? 61  LEU A CD2 1 
ATOM   433  N  N   . GLU A 1 62  ? 8.137   6.240   13.311  1.00 18.25  ? 62  GLU A N   1 
ATOM   434  C  CA  . GLU A 1 62  ? 8.465   6.412   14.721  1.00 19.71  ? 62  GLU A CA  1 
ATOM   435  C  C   . GLU A 1 62  ? 7.341   7.192   15.398  1.00 25.35  ? 62  GLU A C   1 
ATOM   436  O  O   . GLU A 1 62  ? 7.002   6.945   16.558  1.00 22.42  ? 62  GLU A O   1 
ATOM   437  C  CB  . GLU A 1 62  ? 9.804   7.143   14.885  1.00 23.95  ? 62  GLU A CB  1 
ATOM   438  C  CG  . GLU A 1 62  ? 10.959  6.415   14.209  1.00 38.18  ? 62  GLU A CG  1 
ATOM   439  C  CD  . GLU A 1 62  ? 12.325  6.925   14.623  1.00 46.72  ? 62  GLU A CD  1 
ATOM   440  O  OE1 . GLU A 1 62  ? 12.551  8.154   14.576  1.00 36.47  ? 62  GLU A OE1 1 
ATOM   441  O  OE2 . GLU A 1 62  ? 13.180  6.088   14.986  1.00 48.50  ? 62  GLU A OE2 1 
ATOM   442  N  N   . GLU A 1 63  ? 6.753   8.126   14.658  1.00 20.63  ? 63  GLU A N   1 
ATOM   443  C  CA  . GLU A 1 63  ? 5.660   8.934   15.175  1.00 21.08  ? 63  GLU A CA  1 
ATOM   444  C  C   . GLU A 1 63  ? 4.364   8.119   15.301  1.00 25.22  ? 63  GLU A C   1 
ATOM   445  O  O   . GLU A 1 63  ? 3.628   8.265   16.274  1.00 23.55  ? 63  GLU A O   1 
ATOM   446  C  CB  . GLU A 1 63  ? 5.424   10.133  14.257  1.00 24.58  ? 63  GLU A CB  1 
ATOM   447  C  CG  . GLU A 1 63  ? 4.293   11.041  14.701  1.00 28.77  ? 63  GLU A CG  1 
ATOM   448  C  CD  . GLU A 1 63  ? 4.407   11.444  16.163  1.00 40.05  ? 63  GLU A CD  1 
ATOM   449  O  OE1 . GLU A 1 63  ? 5.507   11.862  16.584  1.00 39.09  ? 63  GLU A OE1 1 
ATOM   450  O  OE2 . GLU A 1 63  ? 3.390   11.346  16.889  1.00 35.33  ? 63  GLU A OE2 1 
ATOM   451  N  N   . ALA A 1 64  ? 4.095   7.263   14.317  1.00 18.19  ? 64  ALA A N   1 
ATOM   452  C  CA  . ALA A 1 64  ? 2.889   6.438   14.317  1.00 20.64  ? 64  ALA A CA  1 
ATOM   453  C  C   . ALA A 1 64  ? 2.814   5.477   15.508  1.00 25.03  ? 64  ALA A C   1 
ATOM   454  O  O   . ALA A 1 64  ? 1.735   5.237   16.052  1.00 28.09  ? 64  ALA A O   1 
ATOM   455  C  CB  . ALA A 1 64  ? 2.796   5.653   13.009  1.00 17.35  ? 64  ALA A CB  1 
ATOM   456  N  N   . GLY A 1 65  ? 3.957   4.924   15.905  1.00 23.75  ? 65  GLY A N   1 
ATOM   457  C  CA  . GLY A 1 65  ? 3.973   3.997   17.022  1.00 21.89  ? 65  GLY A CA  1 
ATOM   458  C  C   . GLY A 1 65  ? 3.538   2.602   16.603  1.00 20.22  ? 65  GLY A C   1 
ATOM   459  O  O   . GLY A 1 65  ? 3.327   2.359   15.414  1.00 18.42  ? 65  GLY A O   1 
ATOM   460  N  N   . PRO A 1 66  ? 3.393   1.662   17.555  1.00 16.63  ? 66  PRO A N   1 
ATOM   461  C  CA  . PRO A 1 66  ? 2.983   0.278   17.279  1.00 20.07  ? 66  PRO A CA  1 
ATOM   462  C  C   . PRO A 1 66  ? 1.670   0.183   16.492  1.00 22.21  ? 66  PRO A C   1 
ATOM   463  O  O   . PRO A 1 66  ? 0.619   0.655   16.939  1.00 17.11  ? 66  PRO A O   1 
ATOM   464  C  CB  . PRO A 1 66  ? 2.879   -0.335  18.675  1.00 19.11  ? 66  PRO A CB  1 
ATOM   465  C  CG  . PRO A 1 66  ? 3.898   0.451   19.464  1.00 23.33  ? 66  PRO A CG  1 
ATOM   466  C  CD  . PRO A 1 66  ? 3.622   1.859   18.998  1.00 18.71  ? 66  PRO A CD  1 
ATOM   467  N  N   . LEU A 1 67  ? 1.748   -0.432  15.319  1.00 14.65  ? 67  LEU A N   1 
ATOM   468  C  CA  . LEU A 1 67  ? 0.598   -0.587  14.437  1.00 16.41  ? 67  LEU A CA  1 
ATOM   469  C  C   . LEU A 1 67  ? -0.005  -1.987  14.495  1.00 17.43  ? 67  LEU A C   1 
ATOM   470  O  O   . LEU A 1 67  ? 0.701   -2.973  14.727  1.00 21.32  ? 67  LEU A O   1 
ATOM   471  C  CB  . LEU A 1 67  ? 1.011   -0.304  12.986  1.00 14.00  ? 67  LEU A CB  1 
ATOM   472  C  CG  . LEU A 1 67  ? 1.702   1.025   12.639  1.00 17.90  ? 67  LEU A CG  1 
ATOM   473  C  CD1 . LEU A 1 67  ? 2.204   0.967   11.199  1.00 12.72  ? 67  LEU A CD1 1 
ATOM   474  C  CD2 . LEU A 1 67  ? 0.737   2.191   12.821  1.00 12.16  ? 67  LEU A CD2 1 
ATOM   475  N  N   . ASP A 1 68  ? -1.318  -2.060  14.281  1.00 15.99  ? 68  ASP A N   1 
ATOM   476  C  CA  . ASP A 1 68  ? -2.037  -3.330  14.235  1.00 13.43  ? 68  ASP A CA  1 
ATOM   477  C  C   . ASP A 1 68  ? -2.247  -3.642  12.755  1.00 18.08  ? 68  ASP A C   1 
ATOM   478  O  O   . ASP A 1 68  ? -2.347  -4.806  12.355  1.00 18.73  ? 68  ASP A O   1 
ATOM   479  C  CB  . ASP A 1 68  ? -3.406  -3.217  14.916  1.00 15.02  ? 68  ASP A CB  1 
ATOM   480  C  CG  . ASP A 1 68  ? -3.300  -2.956  16.402  1.00 18.52  ? 68  ASP A CG  1 
ATOM   481  O  OD1 . ASP A 1 68  ? -2.777  -3.834  17.119  1.00 17.94  ? 68  ASP A OD1 1 
ATOM   482  O  OD2 . ASP A 1 68  ? -3.732  -1.873  16.853  1.00 17.85  ? 68  ASP A OD2 1 
ATOM   483  N  N   . LEU A 1 69  ? -2.315  -2.587  11.943  1.00 12.34  ? 69  LEU A N   1 
ATOM   484  C  CA  . LEU A 1 69  ? -2.531  -2.737  10.508  1.00 16.74  ? 69  LEU A CA  1 
ATOM   485  C  C   . LEU A 1 69  ? -1.874  -1.642  9.673   1.00 12.43  ? 69  LEU A C   1 
ATOM   486  O  O   . LEU A 1 69  ? -1.991  -0.453  9.972   1.00 15.10  ? 69  LEU A O   1 
ATOM   487  C  CB  . LEU A 1 69  ? -4.034  -2.760  10.198  1.00 13.36  ? 69  LEU A CB  1 
ATOM   488  C  CG  . LEU A 1 69  ? -4.428  -2.852  8.712   1.00 21.51  ? 69  LEU A CG  1 
ATOM   489  C  CD1 . LEU A 1 69  ? -3.975  -4.192  8.146   1.00 9.71   ? 69  LEU A CD1 1 
ATOM   490  C  CD2 . LEU A 1 69  ? -5.941  -2.697  8.550   1.00 13.91  ? 69  LEU A CD2 1 
ATOM   491  N  N   . LEU A 1 70  ? -1.182  -2.065  8.621   1.00 15.00  ? 70  LEU A N   1 
ATOM   492  C  CA  . LEU A 1 70  ? -0.525  -1.151  7.694   1.00 14.50  ? 70  LEU A CA  1 
ATOM   493  C  C   . LEU A 1 70  ? -1.016  -1.478  6.290   1.00 14.81  ? 70  LEU A C   1 
ATOM   494  O  O   . LEU A 1 70  ? -1.021  -2.641  5.881   1.00 15.11  ? 70  LEU A O   1 
ATOM   495  C  CB  . LEU A 1 70  ? 1.000   -1.323  7.751   1.00 13.56  ? 70  LEU A CB  1 
ATOM   496  C  CG  . LEU A 1 70  ? 1.815   -0.709  6.602   1.00 19.26  ? 70  LEU A CG  1 
ATOM   497  C  CD1 . LEU A 1 70  ? 1.790   0.817   6.688   1.00 12.75  ? 70  LEU A CD1 1 
ATOM   498  C  CD2 . LEU A 1 70  ? 3.252   -1.217  6.673   1.00 21.42  ? 70  LEU A CD2 1 
ATOM   499  N  N   . VAL A 1 71  ? -1.464  -0.457  5.567   1.00 11.64  ? 71  VAL A N   1 
ATOM   500  C  CA  . VAL A 1 71  ? -1.918  -0.641  4.198   1.00 13.12  ? 71  VAL A CA  1 
ATOM   501  C  C   . VAL A 1 71  ? -1.100  0.336   3.360   1.00 16.39  ? 71  VAL A C   1 
ATOM   502  O  O   . VAL A 1 71  ? -1.318  1.549   3.413   1.00 16.27  ? 71  VAL A O   1 
ATOM   503  C  CB  . VAL A 1 71  ? -3.425  -0.329  4.032   1.00 16.38  ? 71  VAL A CB  1 
ATOM   504  C  CG1 . VAL A 1 71  ? -3.846  -0.600  2.599   1.00 13.96  ? 71  VAL A CG1 1 
ATOM   505  C  CG2 . VAL A 1 71  ? -4.252  -1.186  4.990   1.00 16.49  ? 71  VAL A CG2 1 
ATOM   506  N  N   . HIS A 1 72  ? -0.151  -0.204  2.600   1.00 15.58  ? 72  HIS A N   1 
ATOM   507  C  CA  . HIS A 1 72  ? 0.741   0.598   1.759   1.00 21.29  ? 72  HIS A CA  1 
ATOM   508  C  C   . HIS A 1 72  ? 0.160   0.724   0.343   1.00 21.08  ? 72  HIS A C   1 
ATOM   509  O  O   . HIS A 1 72  ? 0.580   0.024   -0.583  1.00 14.66  ? 72  HIS A O   1 
ATOM   510  C  CB  . HIS A 1 72  ? 2.121   -0.075  1.727   1.00 18.80  ? 72  HIS A CB  1 
ATOM   511  C  CG  . HIS A 1 72  ? 3.225   0.798   1.210   1.00 18.35  ? 72  HIS A CG  1 
ATOM   512  N  ND1 . HIS A 1 72  ? 3.692   1.898   1.898   1.00 13.54  ? 72  HIS A ND1 1 
ATOM   513  C  CD2 . HIS A 1 72  ? 3.982   0.704   0.090   1.00 14.98  ? 72  HIS A CD2 1 
ATOM   514  C  CE1 . HIS A 1 72  ? 4.691   2.443   1.225   1.00 22.28  ? 72  HIS A CE1 1 
ATOM   515  N  NE2 . HIS A 1 72  ? 4.888   1.735   0.125   1.00 16.39  ? 72  HIS A NE2 1 
ATOM   516  N  N   . ALA A 1 73  ? -0.817  1.612   0.187   1.00 13.96  ? 73  ALA A N   1 
ATOM   517  C  CA  . ALA A 1 73  ? -1.472  1.823   -1.104  1.00 18.87  ? 73  ALA A CA  1 
ATOM   518  C  C   . ALA A 1 73  ? -0.686  2.865   -1.892  1.00 18.24  ? 73  ALA A C   1 
ATOM   519  O  O   . ALA A 1 73  ? -1.241  3.848   -2.380  1.00 15.75  ? 73  ALA A O   1 
ATOM   520  C  CB  . ALA A 1 73  ? -2.913  2.300   -0.885  1.00 18.21  ? 73  ALA A CB  1 
ATOM   521  N  N   . VAL A 1 74  ? 0.614   2.624   -2.011  1.00 21.76  ? 74  VAL A N   1 
ATOM   522  C  CA  . VAL A 1 74  ? 1.523   3.532   -2.692  1.00 18.54  ? 74  VAL A CA  1 
ATOM   523  C  C   . VAL A 1 74  ? 1.994   3.011   -4.043  1.00 20.87  ? 74  VAL A C   1 
ATOM   524  O  O   . VAL A 1 74  ? 2.288   1.823   -4.207  1.00 16.87  ? 74  VAL A O   1 
ATOM   525  C  CB  . VAL A 1 74  ? 2.750   3.805   -1.796  1.00 21.07  ? 74  VAL A CB  1 
ATOM   526  C  CG1 . VAL A 1 74  ? 3.762   4.668   -2.523  1.00 17.61  ? 74  VAL A CG1 1 
ATOM   527  C  CG2 . VAL A 1 74  ? 2.296   4.486   -0.514  1.00 22.60  ? 74  VAL A CG2 1 
ATOM   528  N  N   . GLY A 1 75  ? 2.072   3.913   -5.009  1.00 23.09  ? 75  GLY A N   1 
ATOM   529  C  CA  . GLY A 1 75  ? 2.517   3.529   -6.330  1.00 17.40  ? 75  GLY A CA  1 
ATOM   530  C  C   . GLY A 1 75  ? 2.356   4.639   -7.343  1.00 16.96  ? 75  GLY A C   1 
ATOM   531  O  O   . GLY A 1 75  ? 1.859   5.722   -7.033  1.00 21.13  ? 75  GLY A O   1 
ATOM   532  N  N   . LYS A 1 76  ? 2.783   4.346   -8.564  1.00 18.77  ? 76  LYS A N   1 
ATOM   533  C  CA  . LYS A 1 76  ? 2.720   5.266   -9.692  1.00 23.89  ? 76  LYS A CA  1 
ATOM   534  C  C   . LYS A 1 76  ? 2.722   4.400   -10.941 1.00 26.44  ? 76  LYS A C   1 
ATOM   535  O  O   . LYS A 1 76  ? 3.193   3.265   -10.909 1.00 24.68  ? 76  LYS A O   1 
ATOM   536  C  CB  . LYS A 1 76  ? 3.938   6.193   -9.697  1.00 32.09  ? 76  LYS A CB  1 
ATOM   537  C  CG  . LYS A 1 76  ? 3.755   7.442   -8.867  1.00 50.56  ? 76  LYS A CG  1 
ATOM   538  C  CD  . LYS A 1 76  ? 2.841   8.428   -9.581  1.00 59.62  ? 76  LYS A CD  1 
ATOM   539  C  CE  . LYS A 1 76  ? 2.335   9.511   -8.640  1.00 57.30  ? 76  LYS A CE  1 
ATOM   540  N  NZ  . LYS A 1 76  ? 1.415   8.945   -7.616  1.00 25.51  ? 76  LYS A NZ  1 
ATOM   541  N  N   . ALA A 1 77  ? 2.195   4.923   -12.038 1.00 19.53  ? 77  ALA A N   1 
ATOM   542  C  CA  . ALA A 1 77  ? 2.149   4.145   -13.265 1.00 27.73  ? 77  ALA A CA  1 
ATOM   543  C  C   . ALA A 1 77  ? 2.796   4.906   -14.410 1.00 29.31  ? 77  ALA A C   1 
ATOM   544  O  O   . ALA A 1 77  ? 2.953   6.123   -14.349 1.00 28.29  ? 77  ALA A O   1 
ATOM   545  C  CB  . ALA A 1 77  ? 0.707   3.798   -13.604 1.00 23.01  ? 77  ALA A CB  1 
ATOM   546  N  N   . GLY A 1 78  ? 3.179   4.177   -15.450 1.00 30.29  ? 78  GLY A N   1 
ATOM   547  C  CA  . GLY A 1 78  ? 3.815   4.792   -16.598 1.00 27.08  ? 78  GLY A CA  1 
ATOM   548  C  C   . GLY A 1 78  ? 3.982   3.787   -17.716 1.00 26.43  ? 78  GLY A C   1 
ATOM   549  O  O   . GLY A 1 78  ? 4.110   2.591   -17.467 1.00 22.84  ? 78  GLY A O   1 
ATOM   550  N  N   . ARG A 1 79  ? 3.971   4.274   -18.952 1.00 30.30  ? 79  ARG A N   1 
ATOM   551  C  CA  . ARG A 1 79  ? 4.122   3.414   -20.119 1.00 32.27  ? 79  ARG A CA  1 
ATOM   552  C  C   . ARG A 1 79  ? 5.318   3.862   -20.947 1.00 29.86  ? 79  ARG A C   1 
ATOM   553  O  O   . ARG A 1 79  ? 5.484   5.050   -21.211 1.00 30.78  ? 79  ARG A O   1 
ATOM   554  C  CB  . ARG A 1 79  ? 2.858   3.464   -20.982 1.00 34.45  ? 79  ARG A CB  1 
ATOM   555  C  CG  . ARG A 1 79  ? 2.993   2.723   -22.307 1.00 51.33  ? 79  ARG A CG  1 
ATOM   556  C  CD  . ARG A 1 79  ? 1.778   2.925   -23.198 1.00 50.88  ? 79  ARG A CD  1 
ATOM   557  N  NE  . ARG A 1 79  ? 0.592   2.251   -22.681 1.00 61.26  ? 79  ARG A NE  1 
ATOM   558  C  CZ  . ARG A 1 79  ? -0.556  2.864   -22.410 1.00 67.81  ? 79  ARG A CZ  1 
ATOM   559  N  NH1 . ARG A 1 79  ? -0.675  4.172   -22.604 1.00 62.04  ? 79  ARG A NH1 1 
ATOM   560  N  NH2 . ARG A 1 79  ? -1.589  2.168   -21.952 1.00 61.31  ? 79  ARG A NH2 1 
ATOM   561  N  N   . ALA A 1 80  ? 6.152   2.908   -21.349 1.00 25.54  ? 80  ALA A N   1 
ATOM   562  C  CA  . ALA A 1 80  ? 7.324   3.209   -22.165 1.00 24.18  ? 80  ALA A CA  1 
ATOM   563  C  C   . ALA A 1 80  ? 7.992   1.933   -22.656 1.00 24.69  ? 80  ALA A C   1 
ATOM   564  O  O   . ALA A 1 80  ? 7.905   0.888   -22.013 1.00 27.53  ? 80  ALA A O   1 
ATOM   565  C  CB  . ALA A 1 80  ? 8.315   4.035   -21.374 1.00 20.93  ? 80  ALA A CB  1 
ATOM   566  N  N   . SER A 1 81  ? 8.643   2.015   -23.811 1.00 23.23  ? 81  SER A N   1 
ATOM   567  C  CA  . SER A 1 81  ? 9.342   0.858   -24.355 1.00 30.72  ? 81  SER A CA  1 
ATOM   568  C  C   . SER A 1 81  ? 10.694  0.810   -23.661 1.00 21.62  ? 81  SER A C   1 
ATOM   569  O  O   . SER A 1 81  ? 11.145  1.809   -23.093 1.00 22.91  ? 81  SER A O   1 
ATOM   570  C  CB  . SER A 1 81  ? 9.552   1.008   -25.861 1.00 34.32  ? 81  SER A CB  1 
ATOM   571  O  OG  . SER A 1 81  ? 10.498  2.024   -26.138 1.00 40.97  ? 81  SER A OG  1 
ATOM   572  N  N   . VAL A 1 82  ? 11.343  -0.346  -23.699 1.00 27.80  ? 82  VAL A N   1 
ATOM   573  C  CA  . VAL A 1 82  ? 12.648  -0.485  -23.069 1.00 29.00  ? 82  VAL A CA  1 
ATOM   574  C  C   . VAL A 1 82  ? 13.748  -0.106  -24.051 1.00 27.30  ? 82  VAL A C   1 
ATOM   575  O  O   . VAL A 1 82  ? 14.914  0.015   -23.676 1.00 38.01  ? 82  VAL A O   1 
ATOM   576  C  CB  . VAL A 1 82  ? 12.893  -1.933  -22.606 1.00 29.47  ? 82  VAL A CB  1 
ATOM   577  C  CG1 . VAL A 1 82  ? 11.792  -2.363  -21.651 1.00 23.88  ? 82  VAL A CG1 1 
ATOM   578  C  CG2 . VAL A 1 82  ? 12.955  -2.862  -23.812 1.00 23.51  ? 82  VAL A CG2 1 
ATOM   579  N  N   . ARG A 1 83  ? 13.366  0.090   -25.308 1.00 28.16  ? 83  ARG A N   1 
ATOM   580  C  CA  . ARG A 1 83  ? 14.325  0.421   -26.352 1.00 31.14  ? 83  ARG A CA  1 
ATOM   581  C  C   . ARG A 1 83  ? 14.481  1.911   -26.621 1.00 44.56  ? 83  ARG A C   1 
ATOM   582  O  O   . ARG A 1 83  ? 15.417  2.321   -27.306 1.00 47.09  ? 83  ARG A O   1 
ATOM   583  C  CB  . ARG A 1 83  ? 13.942  -0.315  -27.638 1.00 23.25  ? 83  ARG A CB  1 
ATOM   584  C  CG  . ARG A 1 83  ? 14.044  -1.826  -27.499 1.00 32.55  ? 83  ARG A CG  1 
ATOM   585  C  CD  . ARG A 1 83  ? 15.504  -2.253  -27.394 1.00 26.08  ? 83  ARG A CD  1 
ATOM   586  N  NE  . ARG A 1 83  ? 16.149  -2.288  -28.702 1.00 22.03  ? 83  ARG A NE  1 
ATOM   587  C  CZ  . ARG A 1 83  ? 17.460  -2.197  -28.898 1.00 25.12  ? 83  ARG A CZ  1 
ATOM   588  N  NH1 . ARG A 1 83  ? 18.279  -2.054  -27.864 1.00 18.57  ? 83  ARG A NH1 1 
ATOM   589  N  NH2 . ARG A 1 83  ? 17.955  -2.260  -30.127 1.00 20.94  ? 83  ARG A NH2 1 
ATOM   590  N  N   . GLU A 1 84  ? 13.574  2.722   -26.085 1.00 52.97  ? 84  GLU A N   1 
ATOM   591  C  CA  . GLU A 1 84  ? 13.651  4.167   -26.276 1.00 62.89  ? 84  GLU A CA  1 
ATOM   592  C  C   . GLU A 1 84  ? 12.914  4.922   -25.177 1.00 64.83  ? 84  GLU A C   1 
ATOM   593  O  O   . GLU A 1 84  ? 13.330  6.010   -24.779 1.00 72.08  ? 84  GLU A O   1 
ATOM   594  C  CB  . GLU A 1 84  ? 13.076  4.559   -27.639 1.00 75.82  ? 84  GLU A CB  1 
ATOM   595  C  CG  . GLU A 1 84  ? 11.597  4.262   -27.805 1.00 93.94  ? 84  GLU A CG  1 
ATOM   596  C  CD  . GLU A 1 84  ? 11.052  4.744   -29.137 1.00 102.33 ? 84  GLU A CD  1 
ATOM   597  O  OE1 . GLU A 1 84  ? 9.843   4.559   -29.387 1.00 108.29 ? 84  GLU A OE1 1 
ATOM   598  O  OE2 . GLU A 1 84  ? 11.834  5.308   -29.931 1.00 105.80 ? 84  GLU A OE2 1 
ATOM   599  N  N   . ASP A 1 88  ? 13.953  7.984   -17.135 1.00 50.72  ? 88  ASP A N   1 
ATOM   600  C  CA  . ASP A 1 88  ? 14.233  7.477   -15.797 1.00 48.44  ? 88  ASP A CA  1 
ATOM   601  C  C   . ASP A 1 88  ? 13.001  6.786   -15.225 1.00 44.18  ? 88  ASP A C   1 
ATOM   602  O  O   . ASP A 1 88  ? 12.798  6.780   -14.012 1.00 35.86  ? 88  ASP A O   1 
ATOM   603  C  CB  . ASP A 1 88  ? 14.634  8.625   -14.868 1.00 59.16  ? 88  ASP A CB  1 
ATOM   604  C  CG  . ASP A 1 88  ? 15.720  9.497   -15.454 1.00 68.69  ? 88  ASP A CG  1 
ATOM   605  O  OD1 . ASP A 1 88  ? 16.798  8.962   -15.795 1.00 80.51  ? 88  ASP A OD1 1 
ATOM   606  O  OD2 . ASP A 1 88  ? 15.495  10.720  -15.574 1.00 78.53  ? 88  ASP A OD2 1 
ATOM   607  N  N   . LEU A 1 89  ? 12.187  6.207   -16.102 1.00 38.94  ? 89  LEU A N   1 
ATOM   608  C  CA  . LEU A 1 89  ? 10.964  5.527   -15.686 1.00 35.85  ? 89  LEU A CA  1 
ATOM   609  C  C   . LEU A 1 89  ? 11.231  4.337   -14.764 1.00 34.87  ? 89  LEU A C   1 
ATOM   610  O  O   . LEU A 1 89  ? 10.530  4.153   -13.769 1.00 23.92  ? 89  LEU A O   1 
ATOM   611  C  CB  . LEU A 1 89  ? 10.174  5.061   -16.914 1.00 31.23  ? 89  LEU A CB  1 
ATOM   612  C  CG  . LEU A 1 89  ? 8.784   4.473   -16.649 1.00 30.94  ? 89  LEU A CG  1 
ATOM   613  C  CD1 . LEU A 1 89  ? 7.882   5.537   -16.057 1.00 35.29  ? 89  LEU A CD1 1 
ATOM   614  C  CD2 . LEU A 1 89  ? 8.187   3.952   -17.940 1.00 40.84  ? 89  LEU A CD2 1 
ATOM   615  N  N   . VAL A 1 90  ? 12.241  3.534   -15.091 1.00 26.12  ? 90  VAL A N   1 
ATOM   616  C  CA  . VAL A 1 90  ? 12.568  2.370   -14.276 1.00 26.78  ? 90  VAL A CA  1 
ATOM   617  C  C   . VAL A 1 90  ? 12.920  2.775   -12.845 1.00 28.49  ? 90  VAL A C   1 
ATOM   618  O  O   . VAL A 1 90  ? 12.421  2.189   -11.886 1.00 17.04  ? 90  VAL A O   1 
ATOM   619  C  CB  . VAL A 1 90  ? 13.743  1.565   -14.883 1.00 26.23  ? 90  VAL A CB  1 
ATOM   620  C  CG1 . VAL A 1 90  ? 14.111  0.400   -13.970 1.00 31.37  ? 90  VAL A CG1 1 
ATOM   621  C  CG2 . VAL A 1 90  ? 13.348  1.036   -16.252 1.00 27.28  ? 90  VAL A CG2 1 
ATOM   622  N  N   . GLU A 1 91  ? 13.767  3.787   -12.697 1.00 19.12  ? 91  GLU A N   1 
ATOM   623  C  CA  . GLU A 1 91  ? 14.154  4.233   -11.366 1.00 24.78  ? 91  GLU A CA  1 
ATOM   624  C  C   . GLU A 1 91  ? 12.982  4.854   -10.602 1.00 28.56  ? 91  GLU A C   1 
ATOM   625  O  O   . GLU A 1 91  ? 12.860  4.667   -9.392  1.00 27.08  ? 91  GLU A O   1 
ATOM   626  C  CB  . GLU A 1 91  ? 15.311  5.223   -11.471 1.00 25.65  ? 91  GLU A CB  1 
ATOM   627  C  CG  . GLU A 1 91  ? 16.536  4.617   -12.142 1.00 39.89  ? 91  GLU A CG  1 
ATOM   628  C  CD  . GLU A 1 91  ? 17.621  5.632   -12.413 1.00 49.47  ? 91  GLU A CD  1 
ATOM   629  O  OE1 . GLU A 1 91  ? 18.162  6.193   -11.437 1.00 53.67  ? 91  GLU A OE1 1 
ATOM   630  O  OE2 . GLU A 1 91  ? 17.928  5.865   -13.604 1.00 45.72  ? 91  GLU A OE2 1 
ATOM   631  N  N   . GLU A 1 92  ? 12.117  5.582   -11.306 1.00 25.38  ? 92  GLU A N   1 
ATOM   632  C  CA  . GLU A 1 92  ? 10.956  6.208   -10.673 1.00 27.80  ? 92  GLU A CA  1 
ATOM   633  C  C   . GLU A 1 92  ? 9.986   5.144   -10.183 1.00 19.87  ? 92  GLU A C   1 
ATOM   634  O  O   . GLU A 1 92  ? 9.414   5.264   -9.093  1.00 22.83  ? 92  GLU A O   1 
ATOM   635  C  CB  . GLU A 1 92  ? 10.228  7.131   -11.657 1.00 31.56  ? 92  GLU A CB  1 
ATOM   636  C  CG  . GLU A 1 92  ? 11.085  8.271   -12.188 1.00 53.50  ? 92  GLU A CG  1 
ATOM   637  C  CD  . GLU A 1 92  ? 10.295  9.260   -13.027 1.00 58.43  ? 92  GLU A CD  1 
ATOM   638  O  OE1 . GLU A 1 92  ? 9.522   8.818   -13.905 1.00 66.68  ? 92  GLU A OE1 1 
ATOM   639  O  OE2 . GLU A 1 92  ? 10.459  10.481  -12.816 1.00 59.00  ? 92  GLU A OE2 1 
HETATM 640  N  N   . MSE A 1 93  ? 9.802   4.104   -10.995 1.00 16.45  ? 93  MSE A N   1 
HETATM 641  C  CA  . MSE A 1 93  ? 8.899   3.011   -10.657 1.00 23.56  ? 93  MSE A CA  1 
HETATM 642  C  C   . MSE A 1 93  ? 9.388   2.235   -9.440  1.00 26.26  ? 93  MSE A C   1 
HETATM 643  O  O   . MSE A 1 93  ? 8.606   1.931   -8.536  1.00 21.43  ? 93  MSE A O   1 
HETATM 644  C  CB  . MSE A 1 93  ? 8.744   2.065   -11.848 1.00 16.76  ? 93  MSE A CB  1 
HETATM 645  C  CG  . MSE A 1 93  ? 7.899   2.627   -12.988 1.00 29.42  ? 93  MSE A CG  1 
HETATM 646  SE SE  . MSE A 1 93  ? 6.061   3.049   -12.457 1.00 29.22  ? 93  MSE A SE  1 
HETATM 647  C  CE  . MSE A 1 93  ? 6.255   4.970   -12.302 1.00 21.81  ? 93  MSE A CE  1 
ATOM   648  N  N   . LEU A 1 94  ? 10.680  1.916   -9.419  1.00 23.00  ? 94  LEU A N   1 
ATOM   649  C  CA  . LEU A 1 94  ? 11.266  1.187   -8.300  1.00 23.55  ? 94  LEU A CA  1 
ATOM   650  C  C   . LEU A 1 94  ? 11.198  2.015   -7.017  1.00 19.59  ? 94  LEU A C   1 
ATOM   651  O  O   . LEU A 1 94  ? 10.948  1.484   -5.938  1.00 20.08  ? 94  LEU A O   1 
ATOM   652  C  CB  . LEU A 1 94  ? 12.724  0.813   -8.605  1.00 20.59  ? 94  LEU A CB  1 
ATOM   653  C  CG  . LEU A 1 94  ? 12.963  -0.467  -9.421  1.00 23.75  ? 94  LEU A CG  1 
ATOM   654  C  CD1 . LEU A 1 94  ? 12.528  -1.668  -8.602  1.00 25.82  ? 94  LEU A CD1 1 
ATOM   655  C  CD2 . LEU A 1 94  ? 12.188  -0.429  -10.728 1.00 41.57  ? 94  LEU A CD2 1 
ATOM   656  N  N   . ALA A 1 95  ? 11.423  3.317   -7.140  1.00 13.52  ? 95  ALA A N   1 
ATOM   657  C  CA  . ALA A 1 95  ? 11.374  4.198   -5.979  1.00 23.70  ? 95  ALA A CA  1 
ATOM   658  C  C   . ALA A 1 95  ? 9.955   4.252   -5.409  1.00 19.26  ? 95  ALA A C   1 
ATOM   659  O  O   . ALA A 1 95  ? 9.749   4.072   -4.210  1.00 15.21  ? 95  ALA A O   1 
ATOM   660  C  CB  . ALA A 1 95  ? 11.831  5.602   -6.367  1.00 17.73  ? 95  ALA A CB  1 
ATOM   661  N  N   . ALA A 1 96  ? 8.980   4.486   -6.283  1.00 20.16  ? 96  ALA A N   1 
ATOM   662  C  CA  . ALA A 1 96  ? 7.588   4.585   -5.862  1.00 23.02  ? 96  ALA A CA  1 
ATOM   663  C  C   . ALA A 1 96  ? 7.022   3.293   -5.284  1.00 22.37  ? 96  ALA A C   1 
ATOM   664  O  O   . ALA A 1 96  ? 6.370   3.319   -4.239  1.00 22.02  ? 96  ALA A O   1 
ATOM   665  C  CB  . ALA A 1 96  ? 6.720   5.057   -7.026  1.00 14.98  ? 96  ALA A CB  1 
ATOM   666  N  N   . HIS A 1 97  ? 7.273   2.167   -5.949  1.00 13.20  ? 97  HIS A N   1 
ATOM   667  C  CA  . HIS A 1 97  ? 6.743   0.883   -5.481  1.00 18.62  ? 97  HIS A CA  1 
ATOM   668  C  C   . HIS A 1 97  ? 7.565   0.105   -4.460  1.00 19.02  ? 97  HIS A C   1 
ATOM   669  O  O   . HIS A 1 97  ? 7.016   -0.397  -3.477  1.00 20.02  ? 97  HIS A O   1 
ATOM   670  C  CB  . HIS A 1 97  ? 6.478   -0.057  -6.660  1.00 15.52  ? 97  HIS A CB  1 
ATOM   671  C  CG  . HIS A 1 97  ? 5.455   0.445   -7.625  1.00 16.29  ? 97  HIS A CG  1 
ATOM   672  N  ND1 . HIS A 1 97  ? 5.752   1.348   -8.622  1.00 23.22  ? 97  HIS A ND1 1 
ATOM   673  C  CD2 . HIS A 1 97  ? 4.142   0.146   -7.766  1.00 9.54   ? 97  HIS A CD2 1 
ATOM   674  C  CE1 . HIS A 1 97  ? 4.667   1.580   -9.340  1.00 17.57  ? 97  HIS A CE1 1 
ATOM   675  N  NE2 . HIS A 1 97  ? 3.676   0.862   -8.842  1.00 18.22  ? 97  HIS A NE2 1 
ATOM   676  N  N   . LEU A 1 98  ? 8.871   0.000   -4.693  1.00 17.91  ? 98  LEU A N   1 
ATOM   677  C  CA  . LEU A 1 98  ? 9.743   -0.780  -3.819  1.00 13.92  ? 98  LEU A CA  1 
ATOM   678  C  C   . LEU A 1 98  ? 10.421  -0.049  -2.669  1.00 14.60  ? 98  LEU A C   1 
ATOM   679  O  O   . LEU A 1 98  ? 10.363  -0.507  -1.525  1.00 13.71  ? 98  LEU A O   1 
ATOM   680  C  CB  . LEU A 1 98  ? 10.817  -1.489  -4.661  1.00 23.50  ? 98  LEU A CB  1 
ATOM   681  C  CG  . LEU A 1 98  ? 11.846  -2.344  -3.912  1.00 26.79  ? 98  LEU A CG  1 
ATOM   682  C  CD1 . LEU A 1 98  ? 11.145  -3.526  -3.256  1.00 24.88  ? 98  LEU A CD1 1 
ATOM   683  C  CD2 . LEU A 1 98  ? 12.920  -2.834  -4.882  1.00 27.00  ? 98  LEU A CD2 1 
ATOM   684  N  N   . LEU A 1 99  ? 11.078  1.069   -2.959  1.00 9.22   ? 99  LEU A N   1 
ATOM   685  C  CA  . LEU A 1 99  ? 11.769  1.802   -1.913  1.00 16.45  ? 99  LEU A CA  1 
ATOM   686  C  C   . LEU A 1 99  ? 10.803  2.312   -0.845  1.00 19.12  ? 99  LEU A C   1 
ATOM   687  O  O   . LEU A 1 99  ? 11.115  2.259   0.343   1.00 21.43  ? 99  LEU A O   1 
ATOM   688  C  CB  . LEU A 1 99  ? 12.579  2.957   -2.511  1.00 14.60  ? 99  LEU A CB  1 
ATOM   689  C  CG  . LEU A 1 99  ? 13.696  2.545   -3.485  1.00 31.87  ? 99  LEU A CG  1 
ATOM   690  C  CD1 . LEU A 1 99  ? 14.547  3.761   -3.805  1.00 23.59  ? 99  LEU A CD1 1 
ATOM   691  C  CD2 . LEU A 1 99  ? 14.570  1.451   -2.878  1.00 23.02  ? 99  LEU A CD2 1 
ATOM   692  N  N   . THR A 1 100 ? 9.635   2.798   -1.256  1.00 15.16  ? 100 THR A N   1 
ATOM   693  C  CA  . THR A 1 100 ? 8.663   3.287   -0.278  1.00 19.86  ? 100 THR A CA  1 
ATOM   694  C  C   . THR A 1 100 ? 8.304   2.150   0.675   1.00 8.54   ? 100 THR A C   1 
ATOM   695  O  O   . THR A 1 100 ? 8.285   2.331   1.888   1.00 16.19  ? 100 THR A O   1 
ATOM   696  C  CB  . THR A 1 100 ? 7.364   3.793   -0.948  1.00 16.99  ? 100 THR A CB  1 
ATOM   697  O  OG1 . THR A 1 100 ? 6.748   2.721   -1.675  1.00 15.24  ? 100 THR A OG1 1 
ATOM   698  C  CG2 . THR A 1 100 ? 7.664   4.956   -1.890  1.00 20.96  ? 100 THR A CG2 1 
ATOM   699  N  N   . ALA A 1 101 ? 8.037   0.977   0.108   1.00 13.54  ? 101 ALA A N   1 
ATOM   700  C  CA  . ALA A 1 101 ? 7.667   -0.212  0.875   1.00 13.25  ? 101 ALA A CA  1 
ATOM   701  C  C   . ALA A 1 101 ? 8.803   -0.700  1.766   1.00 17.51  ? 101 ALA A C   1 
ATOM   702  O  O   . ALA A 1 101 ? 8.585   -1.046  2.927   1.00 16.39  ? 101 ALA A O   1 
ATOM   703  C  CB  . ALA A 1 101 ? 7.242   -1.331  -0.076  1.00 14.22  ? 101 ALA A CB  1 
ATOM   704  N  N   . ALA A 1 102 ? 10.014  -0.724  1.215   1.00 19.36  ? 102 ALA A N   1 
ATOM   705  C  CA  . ALA A 1 102 ? 11.183  -1.178  1.961   1.00 15.75  ? 102 ALA A CA  1 
ATOM   706  C  C   . ALA A 1 102 ? 11.488  -0.240  3.135   1.00 16.12  ? 102 ALA A C   1 
ATOM   707  O  O   . ALA A 1 102 ? 11.748  -0.698  4.243   1.00 16.74  ? 102 ALA A O   1 
ATOM   708  C  CB  . ALA A 1 102 ? 12.401  -1.279  1.024   1.00 15.03  ? 102 ALA A CB  1 
ATOM   709  N  N   . PHE A 1 103 ? 11.457  1.069   2.900   1.00 16.28  ? 103 PHE A N   1 
ATOM   710  C  CA  . PHE A 1 103 ? 11.730  2.008   3.987   1.00 18.52  ? 103 PHE A CA  1 
ATOM   711  C  C   . PHE A 1 103 ? 10.637  1.936   5.060   1.00 18.75  ? 103 PHE A C   1 
ATOM   712  O  O   . PHE A 1 103 ? 10.925  1.955   6.254   1.00 17.49  ? 103 PHE A O   1 
ATOM   713  C  CB  . PHE A 1 103 ? 11.857  3.444   3.455   1.00 17.88  ? 103 PHE A CB  1 
ATOM   714  C  CG  . PHE A 1 103 ? 13.030  3.652   2.527   1.00 23.61  ? 103 PHE A CG  1 
ATOM   715  C  CD1 . PHE A 1 103 ? 14.149  2.823   2.593   1.00 20.75  ? 103 PHE A CD1 1 
ATOM   716  C  CD2 . PHE A 1 103 ? 13.023  4.692   1.601   1.00 15.10  ? 103 PHE A CD2 1 
ATOM   717  C  CE1 . PHE A 1 103 ? 15.242  3.027   1.748   1.00 29.57  ? 103 PHE A CE1 1 
ATOM   718  C  CE2 . PHE A 1 103 ? 14.112  4.904   0.752   1.00 26.04  ? 103 PHE A CE2 1 
ATOM   719  C  CZ  . PHE A 1 103 ? 15.223  4.068   0.826   1.00 19.30  ? 103 PHE A CZ  1 
ATOM   720  N  N   . VAL A 1 104 ? 9.383   1.844   4.633   1.00 17.64  ? 104 VAL A N   1 
ATOM   721  C  CA  . VAL A 1 104 ? 8.278   1.755   5.580   1.00 18.14  ? 104 VAL A CA  1 
ATOM   722  C  C   . VAL A 1 104 ? 8.380   0.477   6.419   1.00 17.18  ? 104 VAL A C   1 
ATOM   723  O  O   . VAL A 1 104 ? 8.282   0.521   7.642   1.00 20.10  ? 104 VAL A O   1 
ATOM   724  C  CB  . VAL A 1 104 ? 6.909   1.769   4.847   1.00 16.31  ? 104 VAL A CB  1 
ATOM   725  C  CG1 . VAL A 1 104 ? 5.802   1.294   5.784   1.00 19.42  ? 104 VAL A CG1 1 
ATOM   726  C  CG2 . VAL A 1 104 ? 6.605   3.182   4.355   1.00 13.55  ? 104 VAL A CG2 1 
ATOM   727  N  N   . LEU A 1 105 ? 8.596   -0.653  5.751   1.00 17.37  ? 105 LEU A N   1 
ATOM   728  C  CA  . LEU A 1 105 ? 8.692   -1.939  6.426   1.00 21.28  ? 105 LEU A CA  1 
ATOM   729  C  C   . LEU A 1 105 ? 9.873   -2.029  7.390   1.00 26.84  ? 105 LEU A C   1 
ATOM   730  O  O   . LEU A 1 105 ? 9.802   -2.708  8.413   1.00 20.47  ? 105 LEU A O   1 
ATOM   731  C  CB  . LEU A 1 105 ? 8.781   -3.064  5.390   1.00 20.30  ? 105 LEU A CB  1 
ATOM   732  C  CG  . LEU A 1 105 ? 8.750   -4.494  5.931   1.00 24.42  ? 105 LEU A CG  1 
ATOM   733  C  CD1 . LEU A 1 105 ? 7.484   -4.701  6.764   1.00 24.62  ? 105 LEU A CD1 1 
ATOM   734  C  CD2 . LEU A 1 105 ? 8.801   -5.483  4.774   1.00 27.63  ? 105 LEU A CD2 1 
ATOM   735  N  N   . LYS A 1 106 ? 10.959  -1.343  7.065   1.00 23.48  ? 106 LYS A N   1 
ATOM   736  C  CA  . LYS A 1 106 ? 12.137  -1.372  7.914   1.00 17.40  ? 106 LYS A CA  1 
ATOM   737  C  C   . LYS A 1 106 ? 11.966  -0.610  9.224   1.00 18.44  ? 106 LYS A C   1 
ATOM   738  O  O   . LYS A 1 106 ? 12.413  -1.066  10.272  1.00 19.67  ? 106 LYS A O   1 
ATOM   739  C  CB  . LYS A 1 106 ? 13.342  -0.794  7.167   1.00 19.82  ? 106 LYS A CB  1 
ATOM   740  C  CG  . LYS A 1 106 ? 14.597  -0.655  8.034   1.00 20.35  ? 106 LYS A CG  1 
ATOM   741  C  CD  . LYS A 1 106 ? 15.751  -0.022  7.257   1.00 30.50  ? 106 LYS A CD  1 
ATOM   742  C  CE  . LYS A 1 106 ? 17.005  0.091   8.116   1.00 34.90  ? 106 LYS A CE  1 
ATOM   743  N  NZ  . LYS A 1 106 ? 18.096  0.822   7.415   1.00 45.60  ? 106 LYS A NZ  1 
ATOM   744  N  N   . HIS A 1 107 ? 11.323  0.551   9.159   1.00 12.22  ? 107 HIS A N   1 
ATOM   745  C  CA  . HIS A 1 107 ? 11.145  1.388   10.342  1.00 17.40  ? 107 HIS A CA  1 
ATOM   746  C  C   . HIS A 1 107 ? 9.814   1.271   11.079  1.00 22.15  ? 107 HIS A C   1 
ATOM   747  O  O   . HIS A 1 107 ? 9.637   1.859   12.143  1.00 22.52  ? 107 HIS A O   1 
ATOM   748  C  CB  . HIS A 1 107 ? 11.381  2.843   9.946   1.00 17.66  ? 107 HIS A CB  1 
ATOM   749  C  CG  . HIS A 1 107 ? 12.742  3.087   9.378   1.00 17.28  ? 107 HIS A CG  1 
ATOM   750  N  ND1 . HIS A 1 107 ? 13.874  3.143   10.161  1.00 23.68  ? 107 HIS A ND1 1 
ATOM   751  C  CD2 . HIS A 1 107 ? 13.161  3.244   8.099   1.00 17.32  ? 107 HIS A CD2 1 
ATOM   752  C  CE1 . HIS A 1 107 ? 14.932  3.324   9.390   1.00 17.91  ? 107 HIS A CE1 1 
ATOM   753  N  NE2 . HIS A 1 107 ? 14.526  3.388   8.135   1.00 20.61  ? 107 HIS A NE2 1 
ATOM   754  N  N   . ALA A 1 108 ? 8.880   0.507   10.530  1.00 16.86  ? 108 ALA A N   1 
ATOM   755  C  CA  . ALA A 1 108 ? 7.577   0.364   11.168  1.00 19.83  ? 108 ALA A CA  1 
ATOM   756  C  C   . ALA A 1 108 ? 7.613   -0.323  12.535  1.00 18.47  ? 108 ALA A C   1 
ATOM   757  O  O   . ALA A 1 108 ? 8.381   -1.258  12.768  1.00 20.25  ? 108 ALA A O   1 
ATOM   758  C  CB  . ALA A 1 108 ? 6.629   -0.388  10.241  1.00 17.91  ? 108 ALA A CB  1 
ATOM   759  N  N   . ARG A 1 109 ? 6.783   0.164   13.446  1.00 17.49  ? 109 ARG A N   1 
ATOM   760  C  CA  . ARG A 1 109 ? 6.662   -0.444  14.766  1.00 15.59  ? 109 ARG A CA  1 
ATOM   761  C  C   . ARG A 1 109 ? 5.386   -1.274  14.662  1.00 20.52  ? 109 ARG A C   1 
ATOM   762  O  O   . ARG A 1 109 ? 4.355   -0.764  14.225  1.00 20.66  ? 109 ARG A O   1 
ATOM   763  C  CB  . ARG A 1 109 ? 6.484   0.621   15.846  1.00 22.59  ? 109 ARG A CB  1 
ATOM   764  C  CG  . ARG A 1 109 ? 7.769   1.202   16.403  1.00 31.14  ? 109 ARG A CG  1 
ATOM   765  C  CD  . ARG A 1 109 ? 8.587   1.922   15.354  1.00 38.63  ? 109 ARG A CD  1 
ATOM   766  N  NE  . ARG A 1 109 ? 9.612   2.750   15.981  1.00 45.14  ? 109 ARG A NE  1 
ATOM   767  C  CZ  . ARG A 1 109 ? 10.676  3.234   15.351  1.00 48.95  ? 109 ARG A CZ  1 
ATOM   768  N  NH1 . ARG A 1 109 ? 10.866  2.973   14.065  1.00 35.73  ? 109 ARG A NH1 1 
ATOM   769  N  NH2 . ARG A 1 109 ? 11.550  3.981   16.010  1.00 55.07  ? 109 ARG A NH2 1 
ATOM   770  N  N   . PHE A 1 110 ? 5.450   -2.542  15.052  1.00 18.89  ? 110 PHE A N   1 
ATOM   771  C  CA  . PHE A 1 110 ? 4.289   -3.423  14.970  1.00 20.47  ? 110 PHE A CA  1 
ATOM   772  C  C   . PHE A 1 110 ? 3.905   -4.069  16.290  1.00 19.57  ? 110 PHE A C   1 
ATOM   773  O  O   . PHE A 1 110 ? 4.762   -4.377  17.113  1.00 19.94  ? 110 PHE A O   1 
ATOM   774  C  CB  . PHE A 1 110 ? 4.546   -4.563  13.977  1.00 18.84  ? 110 PHE A CB  1 
ATOM   775  C  CG  . PHE A 1 110 ? 4.590   -4.135  12.538  1.00 23.03  ? 110 PHE A CG  1 
ATOM   776  C  CD1 . PHE A 1 110 ? 3.445   -3.669  11.900  1.00 15.09  ? 110 PHE A CD1 1 
ATOM   777  C  CD2 . PHE A 1 110 ? 5.772   -4.241  11.806  1.00 18.82  ? 110 PHE A CD2 1 
ATOM   778  C  CE1 . PHE A 1 110 ? 3.474   -3.316  10.551  1.00 18.35  ? 110 PHE A CE1 1 
ATOM   779  C  CE2 . PHE A 1 110 ? 5.814   -3.890  10.455  1.00 15.12  ? 110 PHE A CE2 1 
ATOM   780  C  CZ  . PHE A 1 110 ? 4.663   -3.427  9.825   1.00 16.52  ? 110 PHE A CZ  1 
ATOM   781  N  N   . GLN A 1 111 ? 2.605   -4.284  16.470  1.00 19.31  ? 111 GLN A N   1 
ATOM   782  C  CA  . GLN A 1 111 ? 2.076   -4.965  17.649  1.00 22.71  ? 111 GLN A CA  1 
ATOM   783  C  C   . GLN A 1 111 ? 2.125   -6.435  17.235  1.00 23.45  ? 111 GLN A C   1 
ATOM   784  O  O   . GLN A 1 111 ? 2.117   -6.736  16.039  1.00 23.57  ? 111 GLN A O   1 
ATOM   785  C  CB  . GLN A 1 111 ? 0.607   -4.586  17.886  1.00 16.65  ? 111 GLN A CB  1 
ATOM   786  C  CG  . GLN A 1 111 ? 0.365   -3.143  18.299  1.00 12.67  ? 111 GLN A CG  1 
ATOM   787  C  CD  . GLN A 1 111 ? 0.635   -2.913  19.770  1.00 16.34  ? 111 GLN A CD  1 
ATOM   788  O  OE1 . GLN A 1 111 ? 1.333   -3.703  20.413  1.00 21.45  ? 111 GLN A OE1 1 
ATOM   789  N  NE2 . GLN A 1 111 ? 0.098   -1.824  20.310  1.00 12.87  ? 111 GLN A NE2 1 
ATOM   790  N  N   . LYS A 1 112 ? 2.187   -7.349  18.196  1.00 24.66  ? 112 LYS A N   1 
ATOM   791  C  CA  . LYS A 1 112 ? 2.181   -8.768  17.851  1.00 25.78  ? 112 LYS A CA  1 
ATOM   792  C  C   . LYS A 1 112 ? 0.841   -9.012  17.161  1.00 21.96  ? 112 LYS A C   1 
ATOM   793  O  O   . LYS A 1 112 ? -0.172  -8.440  17.556  1.00 24.63  ? 112 LYS A O   1 
ATOM   794  C  CB  . LYS A 1 112 ? 2.277   -9.635  19.112  1.00 35.63  ? 112 LYS A CB  1 
ATOM   795  C  CG  . LYS A 1 112 ? 3.637   -9.607  19.801  1.00 45.03  ? 112 LYS A CG  1 
ATOM   796  C  CD  . LYS A 1 112 ? 4.696   -10.307 18.959  1.00 58.85  ? 112 LYS A CD  1 
ATOM   797  C  CE  . LYS A 1 112 ? 6.060   -10.293 19.636  1.00 68.34  ? 112 LYS A CE  1 
ATOM   798  N  NZ  . LYS A 1 112 ? 6.054   -11.032 20.930  1.00 78.52  ? 112 LYS A NZ  1 
ATOM   799  N  N   . GLY A 1 113 ? 0.829   -9.835  16.122  1.00 19.34  ? 113 GLY A N   1 
ATOM   800  C  CA  . GLY A 1 113 ? -0.421  -10.106 15.431  1.00 15.46  ? 113 GLY A CA  1 
ATOM   801  C  C   . GLY A 1 113 ? -0.769  -9.112  14.334  1.00 18.64  ? 113 GLY A C   1 
ATOM   802  O  O   . GLY A 1 113 ? -1.748  -9.292  13.612  1.00 16.69  ? 113 GLY A O   1 
ATOM   803  N  N   . ALA A 1 114 ? 0.032   -8.064  14.188  1.00 21.44  ? 114 ALA A N   1 
ATOM   804  C  CA  . ALA A 1 114 ? -0.241  -7.062  13.166  1.00 15.63  ? 114 ALA A CA  1 
ATOM   805  C  C   . ALA A 1 114 ? -0.171  -7.626  11.749  1.00 22.72  ? 114 ALA A C   1 
ATOM   806  O  O   . ALA A 1 114 ? 0.464   -8.654  11.496  1.00 21.34  ? 114 ALA A O   1 
ATOM   807  C  CB  . ALA A 1 114 ? 0.732   -5.905  13.304  1.00 14.24  ? 114 ALA A CB  1 
ATOM   808  N  N   . ARG A 1 115 ? -0.849  -6.943  10.834  1.00 15.72  ? 115 ARG A N   1 
ATOM   809  C  CA  . ARG A 1 115 ? -0.853  -7.315  9.429   1.00 16.94  ? 115 ARG A CA  1 
ATOM   810  C  C   . ARG A 1 115 ? -0.318  -6.123  8.652   1.00 19.00  ? 115 ARG A C   1 
ATOM   811  O  O   . ARG A 1 115 ? -0.587  -4.972  9.000   1.00 19.10  ? 115 ARG A O   1 
ATOM   812  C  CB  . ARG A 1 115 ? -2.272  -7.647  8.970   1.00 21.67  ? 115 ARG A CB  1 
ATOM   813  C  CG  . ARG A 1 115 ? -2.852  -8.852  9.688   1.00 35.95  ? 115 ARG A CG  1 
ATOM   814  C  CD  . ARG A 1 115 ? -4.363  -8.846  9.666   1.00 42.16  ? 115 ARG A CD  1 
ATOM   815  N  NE  . ARG A 1 115 ? -4.897  -9.919  10.497  1.00 59.38  ? 115 ARG A NE  1 
ATOM   816  C  CZ  . ARG A 1 115 ? -6.172  -10.027 10.852  1.00 69.70  ? 115 ARG A CZ  1 
ATOM   817  N  NH1 . ARG A 1 115 ? -7.055  -9.122  10.449  1.00 75.68  ? 115 ARG A NH1 1 
ATOM   818  N  NH2 . ARG A 1 115 ? -6.563  -11.039 11.614  1.00 76.95  ? 115 ARG A NH2 1 
ATOM   819  N  N   . ALA A 1 116 ? 0.460   -6.399  7.617   1.00 18.54  ? 116 ALA A N   1 
ATOM   820  C  CA  . ALA A 1 116 ? 1.029   -5.348  6.785   1.00 17.13  ? 116 ALA A CA  1 
ATOM   821  C  C   . ALA A 1 116 ? 0.684   -5.741  5.359   1.00 18.33  ? 116 ALA A C   1 
ATOM   822  O  O   . ALA A 1 116 ? 1.137   -6.772  4.853   1.00 20.71  ? 116 ALA A O   1 
ATOM   823  C  CB  . ALA A 1 116 ? 2.539   -5.265  6.993   1.00 18.48  ? 116 ALA A CB  1 
ATOM   824  N  N   . VAL A 1 117 ? -0.136  -4.911  4.725   1.00 16.12  ? 117 VAL A N   1 
ATOM   825  C  CA  . VAL A 1 117 ? -0.631  -5.161  3.382   1.00 11.55  ? 117 VAL A CA  1 
ATOM   826  C  C   . VAL A 1 117 ? 0.076   -4.358  2.301   1.00 17.74  ? 117 VAL A C   1 
ATOM   827  O  O   . VAL A 1 117 ? 0.247   -3.146  2.422   1.00 17.47  ? 117 VAL A O   1 
ATOM   828  C  CB  . VAL A 1 117 ? -2.153  -4.857  3.316   1.00 17.52  ? 117 VAL A CB  1 
ATOM   829  C  CG1 . VAL A 1 117 ? -2.713  -5.241  1.964   1.00 13.66  ? 117 VAL A CG1 1 
ATOM   830  C  CG2 . VAL A 1 117 ? -2.878  -5.592  4.443   1.00 15.96  ? 117 VAL A CG2 1 
ATOM   831  N  N   . PHE A 1 118 ? 0.467   -5.050  1.237   1.00 15.15  ? 118 PHE A N   1 
ATOM   832  C  CA  . PHE A 1 118 ? 1.159   -4.431  0.111   1.00 14.08  ? 118 PHE A CA  1 
ATOM   833  C  C   . PHE A 1 118 ? 0.460   -4.877  -1.160  1.00 11.39  ? 118 PHE A C   1 
ATOM   834  O  O   . PHE A 1 118 ? -0.241  -5.891  -1.167  1.00 17.28  ? 118 PHE A O   1 
ATOM   835  C  CB  . PHE A 1 118 ? 2.629   -4.862  0.102   1.00 15.55  ? 118 PHE A CB  1 
ATOM   836  C  CG  . PHE A 1 118 ? 3.398   -4.386  1.301   1.00 15.37  ? 118 PHE A CG  1 
ATOM   837  C  CD1 . PHE A 1 118 ? 4.049   -3.154  1.283   1.00 15.08  ? 118 PHE A CD1 1 
ATOM   838  C  CD2 . PHE A 1 118 ? 3.434   -5.148  2.466   1.00 16.38  ? 118 PHE A CD2 1 
ATOM   839  C  CE1 . PHE A 1 118 ? 4.723   -2.682  2.406   1.00 13.07  ? 118 PHE A CE1 1 
ATOM   840  C  CE2 . PHE A 1 118 ? 4.104   -4.691  3.598   1.00 14.70  ? 118 PHE A CE2 1 
ATOM   841  C  CZ  . PHE A 1 118 ? 4.749   -3.456  3.570   1.00 13.83  ? 118 PHE A CZ  1 
ATOM   842  N  N   . PHE A 1 119 ? 0.656   -4.130  -2.239  1.00 13.85  ? 119 PHE A N   1 
ATOM   843  C  CA  . PHE A 1 119 ? 0.003   -4.444  -3.498  1.00 16.31  ? 119 PHE A CA  1 
ATOM   844  C  C   . PHE A 1 119 ? 0.978   -4.793  -4.628  1.00 19.72  ? 119 PHE A C   1 
ATOM   845  O  O   . PHE A 1 119 ? 1.831   -3.986  -5.006  1.00 17.02  ? 119 PHE A O   1 
ATOM   846  C  CB  . PHE A 1 119 ? -0.886  -3.258  -3.891  1.00 13.50  ? 119 PHE A CB  1 
ATOM   847  C  CG  . PHE A 1 119 ? -1.935  -2.929  -2.854  1.00 14.91  ? 119 PHE A CG  1 
ATOM   848  C  CD1 . PHE A 1 119 ? -3.188  -3.546  -2.889  1.00 12.39  ? 119 PHE A CD1 1 
ATOM   849  C  CD2 . PHE A 1 119 ? -1.648  -2.054  -1.809  1.00 15.48  ? 119 PHE A CD2 1 
ATOM   850  C  CE1 . PHE A 1 119 ? -4.138  -3.299  -1.893  1.00 14.85  ? 119 PHE A CE1 1 
ATOM   851  C  CE2 . PHE A 1 119 ? -2.590  -1.798  -0.804  1.00 20.20  ? 119 PHE A CE2 1 
ATOM   852  C  CZ  . PHE A 1 119 ? -3.840  -2.422  -0.844  1.00 17.35  ? 119 PHE A CZ  1 
ATOM   853  N  N   . GLY A 1 120 ? 0.847   -6.008  -5.154  1.00 17.92  ? 120 GLY A N   1 
ATOM   854  C  CA  . GLY A 1 120 ? 1.703   -6.443  -6.241  1.00 22.71  ? 120 GLY A CA  1 
ATOM   855  C  C   . GLY A 1 120 ? 0.935   -6.351  -7.545  1.00 26.13  ? 120 GLY A C   1 
ATOM   856  O  O   . GLY A 1 120 ? 0.267   -5.351  -7.802  1.00 20.55  ? 120 GLY A O   1 
ATOM   857  N  N   . ALA A 1 121 ? 1.017   -7.394  -8.366  1.00 22.80  ? 121 ALA A N   1 
ATOM   858  C  CA  . ALA A 1 121 ? 0.308   -7.400  -9.641  1.00 27.33  ? 121 ALA A CA  1 
ATOM   859  C  C   . ALA A 1 121 ? 0.269   -8.781  -10.272 1.00 20.77  ? 121 ALA A C   1 
ATOM   860  O  O   . ALA A 1 121 ? 1.166   -9.594  -10.060 1.00 24.56  ? 121 ALA A O   1 
ATOM   861  C  CB  . ALA A 1 121 ? 0.963   -6.424  -10.607 1.00 17.28  ? 121 ALA A CB  1 
ATOM   862  N  N   . TYR A 1 122 ? -0.784  -9.042  -11.038 1.00 22.67  ? 122 TYR A N   1 
ATOM   863  C  CA  . TYR A 1 122 ? -0.916  -10.308 -11.746 1.00 24.21  ? 122 TYR A CA  1 
ATOM   864  C  C   . TYR A 1 122 ? 0.130   -10.252 -12.855 1.00 26.72  ? 122 TYR A C   1 
ATOM   865  O  O   . TYR A 1 122 ? 0.059   -9.395  -13.735 1.00 25.80  ? 122 TYR A O   1 
ATOM   866  C  CB  . TYR A 1 122 ? -2.316  -10.439 -12.351 1.00 24.19  ? 122 TYR A CB  1 
ATOM   867  C  CG  . TYR A 1 122 ? -3.391  -10.769 -11.336 1.00 31.98  ? 122 TYR A CG  1 
ATOM   868  C  CD1 . TYR A 1 122 ? -3.402  -11.999 -10.682 1.00 24.41  ? 122 TYR A CD1 1 
ATOM   869  C  CD2 . TYR A 1 122 ? -4.396  -9.850  -11.025 1.00 27.41  ? 122 TYR A CD2 1 
ATOM   870  C  CE1 . TYR A 1 122 ? -4.378  -12.312 -9.748  1.00 21.83  ? 122 TYR A CE1 1 
ATOM   871  C  CE2 . TYR A 1 122 ? -5.383  -10.153 -10.088 1.00 28.84  ? 122 TYR A CE2 1 
ATOM   872  C  CZ  . TYR A 1 122 ? -5.367  -11.386 -9.455  1.00 27.83  ? 122 TYR A CZ  1 
ATOM   873  O  OH  . TYR A 1 122 ? -6.336  -11.700 -8.531  1.00 31.14  ? 122 TYR A OH  1 
ATOM   874  N  N   . PRO A 1 123 ? 1.121   -11.157 -12.818 1.00 27.61  ? 123 PRO A N   1 
ATOM   875  C  CA  . PRO A 1 123 ? 2.202   -11.225 -13.812 1.00 30.95  ? 123 PRO A CA  1 
ATOM   876  C  C   . PRO A 1 123 ? 1.762   -11.145 -15.274 1.00 31.09  ? 123 PRO A C   1 
ATOM   877  O  O   . PRO A 1 123 ? 2.278   -10.330 -16.040 1.00 31.73  ? 123 PRO A O   1 
ATOM   878  C  CB  . PRO A 1 123 ? 2.880   -12.552 -13.489 1.00 26.65  ? 123 PRO A CB  1 
ATOM   879  C  CG  . PRO A 1 123 ? 2.701   -12.659 -12.011 1.00 30.85  ? 123 PRO A CG  1 
ATOM   880  C  CD  . PRO A 1 123 ? 1.263   -12.235 -11.824 1.00 22.66  ? 123 PRO A CD  1 
ATOM   881  N  N   . ARG A 1 124 ? 0.810   -11.988 -15.660 1.00 36.75  ? 124 ARG A N   1 
ATOM   882  C  CA  . ARG A 1 124 ? 0.334   -12.008 -17.039 1.00 38.80  ? 124 ARG A CA  1 
ATOM   883  C  C   . ARG A 1 124 ? -0.268  -10.681 -17.485 1.00 35.98  ? 124 ARG A C   1 
ATOM   884  O  O   . ARG A 1 124 ? -0.277  -10.364 -18.676 1.00 33.71  ? 124 ARG A O   1 
ATOM   885  C  CB  . ARG A 1 124 ? -0.704  -13.117 -17.229 1.00 46.07  ? 124 ARG A CB  1 
ATOM   886  C  CG  . ARG A 1 124 ? -0.215  -14.508 -16.870 1.00 59.83  ? 124 ARG A CG  1 
ATOM   887  C  CD  . ARG A 1 124 ? -1.249  -15.556 -17.255 1.00 78.95  ? 124 ARG A CD  1 
ATOM   888  N  NE  . ARG A 1 124 ? -0.946  -16.869 -16.692 1.00 93.80  ? 124 ARG A NE  1 
ATOM   889  C  CZ  . ARG A 1 124 ? -0.940  -17.141 -15.390 1.00 102.36 ? 124 ARG A CZ  1 
ATOM   890  N  NH1 . ARG A 1 124 ? -1.221  -16.190 -14.508 1.00 105.00 ? 124 ARG A NH1 1 
ATOM   891  N  NH2 . ARG A 1 124 ? -0.655  -18.365 -14.967 1.00 103.86 ? 124 ARG A NH2 1 
ATOM   892  N  N   . TYR A 1 125 ? -0.766  -9.904  -16.531 1.00 30.02  ? 125 TYR A N   1 
ATOM   893  C  CA  . TYR A 1 125 ? -1.388  -8.624  -16.845 1.00 34.18  ? 125 TYR A CA  1 
ATOM   894  C  C   . TYR A 1 125 ? -0.440  -7.438  -16.995 1.00 27.45  ? 125 TYR A C   1 
ATOM   895  O  O   . TYR A 1 125 ? -0.691  -6.546  -17.805 1.00 26.88  ? 125 TYR A O   1 
ATOM   896  C  CB  . TYR A 1 125 ? -2.453  -8.293  -15.792 1.00 38.55  ? 125 TYR A CB  1 
ATOM   897  C  CG  . TYR A 1 125 ? -3.758  -9.021  -16.012 1.00 57.51  ? 125 TYR A CG  1 
ATOM   898  C  CD1 . TYR A 1 125 ? -3.789  -10.408 -16.147 1.00 61.93  ? 125 TYR A CD1 1 
ATOM   899  C  CD2 . TYR A 1 125 ? -4.958  -8.320  -16.119 1.00 66.88  ? 125 TYR A CD2 1 
ATOM   900  C  CE1 . TYR A 1 125 ? -4.983  -11.080 -16.391 1.00 71.23  ? 125 TYR A CE1 1 
ATOM   901  C  CE2 . TYR A 1 125 ? -6.159  -8.983  -16.362 1.00 74.34  ? 125 TYR A CE2 1 
ATOM   902  C  CZ  . TYR A 1 125 ? -6.163  -10.362 -16.499 1.00 73.87  ? 125 TYR A CZ  1 
ATOM   903  O  OH  . TYR A 1 125 ? -7.342  -11.022 -16.760 1.00 77.41  ? 125 TYR A OH  1 
ATOM   904  N  N   . VAL A 1 126 ? 0.638   -7.415  -16.221 1.00 24.42  ? 126 VAL A N   1 
ATOM   905  C  CA  . VAL A 1 126 ? 1.569   -6.294  -16.294 1.00 19.33  ? 126 VAL A CA  1 
ATOM   906  C  C   . VAL A 1 126 ? 2.831   -6.569  -17.107 1.00 20.87  ? 126 VAL A C   1 
ATOM   907  O  O   . VAL A 1 126 ? 3.444   -5.647  -17.648 1.00 21.46  ? 126 VAL A O   1 
ATOM   908  C  CB  . VAL A 1 126 ? 1.970   -5.822  -14.876 1.00 25.36  ? 126 VAL A CB  1 
ATOM   909  C  CG1 . VAL A 1 126 ? 0.726   -5.365  -14.112 1.00 25.71  ? 126 VAL A CG1 1 
ATOM   910  C  CG2 . VAL A 1 126 ? 2.667   -6.946  -14.124 1.00 15.72  ? 126 VAL A CG2 1 
ATOM   911  N  N   . GLN A 1 127 ? 3.223   -7.835  -17.197 1.00 20.44  ? 127 GLN A N   1 
ATOM   912  C  CA  . GLN A 1 127 ? 4.419   -8.190  -17.954 1.00 25.48  ? 127 GLN A CA  1 
ATOM   913  C  C   . GLN A 1 127 ? 4.124   -8.218  -19.447 1.00 26.69  ? 127 GLN A C   1 
ATOM   914  O  O   . GLN A 1 127 ? 4.135   -9.274  -20.081 1.00 26.34  ? 127 GLN A O   1 
ATOM   915  C  CB  . GLN A 1 127 ? 4.954   -9.536  -17.471 1.00 16.91  ? 127 GLN A CB  1 
ATOM   916  C  CG  . GLN A 1 127 ? 5.716   -9.407  -16.157 1.00 26.58  ? 127 GLN A CG  1 
ATOM   917  C  CD  . GLN A 1 127 ? 5.911   -10.732 -15.454 1.00 26.29  ? 127 GLN A CD  1 
ATOM   918  O  OE1 . GLN A 1 127 ? 5.887   -11.789 -16.082 1.00 28.90  ? 127 GLN A OE1 1 
ATOM   919  N  NE2 . GLN A 1 127 ? 6.123   -10.681 -14.142 1.00 23.28  ? 127 GLN A NE2 1 
ATOM   920  N  N   . VAL A 1 128 ? 3.875   -7.030  -19.992 1.00 24.74  ? 128 VAL A N   1 
ATOM   921  C  CA  . VAL A 1 128 ? 3.546   -6.853  -21.399 1.00 26.29  ? 128 VAL A CA  1 
ATOM   922  C  C   . VAL A 1 128 ? 4.222   -5.592  -21.935 1.00 30.37  ? 128 VAL A C   1 
ATOM   923  O  O   . VAL A 1 128 ? 4.641   -4.726  -21.165 1.00 31.57  ? 128 VAL A O   1 
ATOM   924  C  CB  . VAL A 1 128 ? 2.013   -6.710  -21.594 1.00 30.87  ? 128 VAL A CB  1 
ATOM   925  C  CG1 . VAL A 1 128 ? 1.290   -7.857  -20.906 1.00 25.59  ? 128 VAL A CG1 1 
ATOM   926  C  CG2 . VAL A 1 128 ? 1.536   -5.376  -21.031 1.00 26.43  ? 128 VAL A CG2 1 
ATOM   927  N  N   . PRO A 1 129 ? 4.327   -5.473  -23.269 1.00 29.01  ? 129 PRO A N   1 
ATOM   928  C  CA  . PRO A 1 129 ? 4.953   -4.315  -23.913 1.00 24.76  ? 129 PRO A CA  1 
ATOM   929  C  C   . PRO A 1 129 ? 4.421   -2.985  -23.385 1.00 30.79  ? 129 PRO A C   1 
ATOM   930  O  O   . PRO A 1 129 ? 3.211   -2.784  -23.283 1.00 28.97  ? 129 PRO A O   1 
ATOM   931  C  CB  . PRO A 1 129 ? 4.617   -4.522  -25.386 1.00 27.29  ? 129 PRO A CB  1 
ATOM   932  C  CG  . PRO A 1 129 ? 4.631   -6.020  -25.511 1.00 35.11  ? 129 PRO A CG  1 
ATOM   933  C  CD  . PRO A 1 129 ? 3.876   -6.453  -24.276 1.00 24.28  ? 129 PRO A CD  1 
ATOM   934  N  N   . GLY A 1 130 ? 5.339   -2.083  -23.051 1.00 28.28  ? 130 GLY A N   1 
ATOM   935  C  CA  . GLY A 1 130 ? 4.947   -0.782  -22.548 1.00 22.84  ? 130 GLY A CA  1 
ATOM   936  C  C   . GLY A 1 130 ? 4.980   -0.657  -21.037 1.00 26.94  ? 130 GLY A C   1 
ATOM   937  O  O   . GLY A 1 130 ? 5.119   0.447   -20.517 1.00 22.82  ? 130 GLY A O   1 
ATOM   938  N  N   . PHE A 1 131 ? 4.874   -1.780  -20.328 1.00 18.13  ? 131 PHE A N   1 
ATOM   939  C  CA  . PHE A 1 131 ? 4.868   -1.754  -18.868 1.00 23.54  ? 131 PHE A CA  1 
ATOM   940  C  C   . PHE A 1 131 ? 6.043   -2.451  -18.180 1.00 29.90  ? 131 PHE A C   1 
ATOM   941  O  O   . PHE A 1 131 ? 5.931   -2.853  -17.021 1.00 26.97  ? 131 PHE A O   1 
ATOM   942  C  CB  . PHE A 1 131 ? 3.559   -2.354  -18.350 1.00 26.18  ? 131 PHE A CB  1 
ATOM   943  C  CG  . PHE A 1 131 ? 2.335   -1.581  -18.754 1.00 31.96  ? 131 PHE A CG  1 
ATOM   944  C  CD1 . PHE A 1 131 ? 2.270   -0.206  -18.555 1.00 31.51  ? 131 PHE A CD1 1 
ATOM   945  C  CD2 . PHE A 1 131 ? 1.240   -2.229  -19.316 1.00 46.07  ? 131 PHE A CD2 1 
ATOM   946  C  CE1 . PHE A 1 131 ? 1.132   0.514   -18.911 1.00 38.34  ? 131 PHE A CE1 1 
ATOM   947  C  CE2 . PHE A 1 131 ? 0.096   -1.521  -19.676 1.00 44.29  ? 131 PHE A CE2 1 
ATOM   948  C  CZ  . PHE A 1 131 ? 0.043   -0.145  -19.472 1.00 42.74  ? 131 PHE A CZ  1 
ATOM   949  N  N   . ALA A 1 132 ? 7.168   -2.582  -18.874 1.00 26.22  ? 132 ALA A N   1 
ATOM   950  C  CA  . ALA A 1 132 ? 8.338   -3.242  -18.299 1.00 26.14  ? 132 ALA A CA  1 
ATOM   951  C  C   . ALA A 1 132 ? 8.753   -2.625  -16.963 1.00 17.52  ? 132 ALA A C   1 
ATOM   952  O  O   . ALA A 1 132 ? 8.963   -3.335  -15.981 1.00 20.68  ? 132 ALA A O   1 
ATOM   953  C  CB  . ALA A 1 132 ? 9.502   -3.185  -19.277 1.00 16.55  ? 132 ALA A CB  1 
ATOM   954  N  N   . ALA A 1 133 ? 8.867   -1.303  -16.928 1.00 16.34  ? 133 ALA A N   1 
ATOM   955  C  CA  . ALA A 1 133 ? 9.261   -0.617  -15.703 1.00 17.85  ? 133 ALA A CA  1 
ATOM   956  C  C   . ALA A 1 133 ? 8.297   -0.943  -14.554 1.00 21.53  ? 133 ALA A C   1 
ATOM   957  O  O   . ALA A 1 133 ? 8.726   -1.356  -13.476 1.00 19.25  ? 133 ALA A O   1 
ATOM   958  C  CB  . ALA A 1 133 ? 9.322   0.886   -15.947 1.00 16.53  ? 133 ALA A CB  1 
ATOM   959  N  N   . TYR A 1 134 ? 6.998   -0.772  -14.793 1.00 21.70  ? 134 TYR A N   1 
ATOM   960  C  CA  . TYR A 1 134 ? 5.977   -1.052  -13.781 1.00 18.01  ? 134 TYR A CA  1 
ATOM   961  C  C   . TYR A 1 134 ? 6.040   -2.517  -13.361 1.00 22.78  ? 134 TYR A C   1 
ATOM   962  O  O   . TYR A 1 134 ? 6.006   -2.838  -12.170 1.00 18.68  ? 134 TYR A O   1 
ATOM   963  C  CB  . TYR A 1 134 ? 4.574   -0.756  -14.335 1.00 15.86  ? 134 TYR A CB  1 
ATOM   964  C  CG  . TYR A 1 134 ? 3.457   -0.912  -13.315 1.00 15.98  ? 134 TYR A CG  1 
ATOM   965  C  CD1 . TYR A 1 134 ? 3.099   0.146   -12.478 1.00 17.74  ? 134 TYR A CD1 1 
ATOM   966  C  CD2 . TYR A 1 134 ? 2.762   -2.115  -13.186 1.00 22.62  ? 134 TYR A CD2 1 
ATOM   967  C  CE1 . TYR A 1 134 ? 2.073   0.013   -11.539 1.00 18.69  ? 134 TYR A CE1 1 
ATOM   968  C  CE2 . TYR A 1 134 ? 1.728   -2.259  -12.245 1.00 21.84  ? 134 TYR A CE2 1 
ATOM   969  C  CZ  . TYR A 1 134 ? 1.393   -1.188  -11.428 1.00 21.50  ? 134 TYR A CZ  1 
ATOM   970  O  OH  . TYR A 1 134 ? 0.377   -1.305  -10.508 1.00 25.23  ? 134 TYR A OH  1 
ATOM   971  N  N   . ALA A 1 135 ? 6.119   -3.406  -14.348 1.00 22.67  ? 135 ALA A N   1 
ATOM   972  C  CA  . ALA A 1 135 ? 6.185   -4.841  -14.083 1.00 21.70  ? 135 ALA A CA  1 
ATOM   973  C  C   . ALA A 1 135 ? 7.383   -5.174  -13.202 1.00 17.20  ? 135 ALA A C   1 
ATOM   974  O  O   . ALA A 1 135 ? 7.273   -5.957  -12.261 1.00 16.04  ? 135 ALA A O   1 
ATOM   975  C  CB  . ALA A 1 135 ? 6.272   -5.611  -15.398 1.00 23.52  ? 135 ALA A CB  1 
ATOM   976  N  N   . ALA A 1 136 ? 8.528   -4.576  -13.519 1.00 16.55  ? 136 ALA A N   1 
ATOM   977  C  CA  . ALA A 1 136 ? 9.753   -4.807  -12.765 1.00 21.86  ? 136 ALA A CA  1 
ATOM   978  C  C   . ALA A 1 136 ? 9.585   -4.383  -11.308 1.00 22.51  ? 136 ALA A C   1 
ATOM   979  O  O   . ALA A 1 136 ? 9.965   -5.112  -10.390 1.00 21.50  ? 136 ALA A O   1 
ATOM   980  C  CB  . ALA A 1 136 ? 10.911  -4.034  -13.397 1.00 8.60   ? 136 ALA A CB  1 
ATOM   981  N  N   . ALA A 1 137 ? 9.026   -3.194  -11.102 1.00 18.58  ? 137 ALA A N   1 
ATOM   982  C  CA  . ALA A 1 137 ? 8.822   -2.682  -9.753  1.00 20.03  ? 137 ALA A CA  1 
ATOM   983  C  C   . ALA A 1 137 ? 7.954   -3.625  -8.924  1.00 16.22  ? 137 ALA A C   1 
ATOM   984  O  O   . ALA A 1 137 ? 8.250   -3.875  -7.756  1.00 21.50  ? 137 ALA A O   1 
ATOM   985  C  CB  . ALA A 1 137 ? 8.195   -1.295  -9.809  1.00 20.71  ? 137 ALA A CB  1 
ATOM   986  N  N   . LYS A 1 138 ? 6.886   -4.148  -9.528  1.00 15.60  ? 138 LYS A N   1 
ATOM   987  C  CA  . LYS A 1 138 ? 5.993   -5.071  -8.821  1.00 15.84  ? 138 LYS A CA  1 
ATOM   988  C  C   . LYS A 1 138 ? 6.640   -6.435  -8.652  1.00 22.28  ? 138 LYS A C   1 
ATOM   989  O  O   . LYS A 1 138 ? 6.418   -7.114  -7.648  1.00 20.95  ? 138 LYS A O   1 
ATOM   990  C  CB  . LYS A 1 138 ? 4.660   -5.223  -9.563  1.00 18.63  ? 138 LYS A CB  1 
ATOM   991  C  CG  . LYS A 1 138 ? 3.764   -3.990  -9.493  1.00 20.07  ? 138 LYS A CG  1 
ATOM   992  C  CD  . LYS A 1 138 ? 3.469   -3.588  -8.052  1.00 18.76  ? 138 LYS A CD  1 
ATOM   993  C  CE  . LYS A 1 138 ? 2.377   -2.515  -7.986  1.00 12.81  ? 138 LYS A CE  1 
ATOM   994  N  NZ  . LYS A 1 138 ? 2.271   -1.916  -6.617  1.00 13.65  ? 138 LYS A NZ  1 
ATOM   995  N  N   . GLY A 1 139 ? 7.436   -6.840  -9.640  1.00 18.82  ? 139 GLY A N   1 
ATOM   996  C  CA  . GLY A 1 139 ? 8.109   -8.117  -9.539  1.00 20.96  ? 139 GLY A CA  1 
ATOM   997  C  C   . GLY A 1 139 ? 9.072   -8.065  -8.364  1.00 19.14  ? 139 GLY A C   1 
ATOM   998  O  O   . GLY A 1 139 ? 9.214   -9.032  -7.618  1.00 19.82  ? 139 GLY A O   1 
ATOM   999  N  N   . ALA A 1 140 ? 9.724   -6.920  -8.196  1.00 18.53  ? 140 ALA A N   1 
ATOM   1000 C  CA  . ALA A 1 140 ? 10.680  -6.723  -7.108  1.00 21.52  ? 140 ALA A CA  1 
ATOM   1001 C  C   . ALA A 1 140 ? 9.974   -6.682  -5.754  1.00 22.58  ? 140 ALA A C   1 
ATOM   1002 O  O   . ALA A 1 140 ? 10.431  -7.291  -4.786  1.00 21.16  ? 140 ALA A O   1 
ATOM   1003 C  CB  . ALA A 1 140 ? 11.456  -5.429  -7.325  1.00 13.77  ? 140 ALA A CB  1 
ATOM   1004 N  N   . LEU A 1 141 ? 8.858   -5.965  -5.695  1.00 20.54  ? 141 LEU A N   1 
ATOM   1005 C  CA  . LEU A 1 141 ? 8.109   -5.841  -4.456  1.00 20.54  ? 141 LEU A CA  1 
ATOM   1006 C  C   . LEU A 1 141 ? 7.645   -7.194  -3.942  1.00 14.00  ? 141 LEU A C   1 
ATOM   1007 O  O   . LEU A 1 141 ? 7.797   -7.491  -2.762  1.00 17.80  ? 141 LEU A O   1 
ATOM   1008 C  CB  . LEU A 1 141 ? 6.892   -4.925  -4.643  1.00 22.00  ? 141 LEU A CB  1 
ATOM   1009 C  CG  . LEU A 1 141 ? 5.989   -4.772  -3.409  1.00 25.71  ? 141 LEU A CG  1 
ATOM   1010 C  CD1 . LEU A 1 141 ? 6.813   -4.258  -2.231  1.00 19.01  ? 141 LEU A CD1 1 
ATOM   1011 C  CD2 . LEU A 1 141 ? 4.841   -3.817  -3.708  1.00 17.01  ? 141 LEU A CD2 1 
ATOM   1012 N  N   . GLU A 1 142 ? 7.086   -8.015  -4.826  1.00 12.00  ? 142 GLU A N   1 
ATOM   1013 C  CA  . GLU A 1 142 ? 6.593   -9.326  -4.421  1.00 19.35  ? 142 GLU A CA  1 
ATOM   1014 C  C   . GLU A 1 142 ? 7.722   -10.238 -3.961  1.00 24.10  ? 142 GLU A C   1 
ATOM   1015 O  O   . GLU A 1 142 ? 7.561   -10.993 -3.004  1.00 21.44  ? 142 GLU A O   1 
ATOM   1016 C  CB  . GLU A 1 142 ? 5.821   -10.000 -5.564  1.00 23.39  ? 142 GLU A CB  1 
ATOM   1017 C  CG  . GLU A 1 142 ? 4.654   -9.186  -6.114  1.00 26.96  ? 142 GLU A CG  1 
ATOM   1018 C  CD  . GLU A 1 142 ? 3.717   -10.020 -6.980  1.00 33.52  ? 142 GLU A CD  1 
ATOM   1019 O  OE1 . GLU A 1 142 ? 4.204   -10.929 -7.682  1.00 37.97  ? 142 GLU A OE1 1 
ATOM   1020 O  OE2 . GLU A 1 142 ? 2.495   -9.766  -6.967  1.00 36.16  ? 142 GLU A OE2 1 
ATOM   1021 N  N   . ALA A 1 143 ? 8.865   -10.163 -4.637  1.00 21.35  ? 143 ALA A N   1 
ATOM   1022 C  CA  . ALA A 1 143 ? 10.006  -10.993 -4.276  1.00 19.22  ? 143 ALA A CA  1 
ATOM   1023 C  C   . ALA A 1 143 ? 10.544  -10.541 -2.927  1.00 17.09  ? 143 ALA A C   1 
ATOM   1024 O  O   . ALA A 1 143 ? 10.889  -11.359 -2.079  1.00 22.17  ? 143 ALA A O   1 
ATOM   1025 C  CB  . ALA A 1 143 ? 11.106  -10.895 -5.353  1.00 16.72  ? 143 ALA A CB  1 
ATOM   1026 N  N   . TYR A 1 144 ? 10.609  -9.228  -2.734  1.00 11.97  ? 144 TYR A N   1 
ATOM   1027 C  CA  . TYR A 1 144 ? 11.109  -8.667  -1.485  1.00 17.34  ? 144 TYR A CA  1 
ATOM   1028 C  C   . TYR A 1 144 ? 10.276  -9.150  -0.295  1.00 27.00  ? 144 TYR A C   1 
ATOM   1029 O  O   . TYR A 1 144 ? 10.814  -9.584  0.729   1.00 23.68  ? 144 TYR A O   1 
ATOM   1030 C  CB  . TYR A 1 144 ? 11.052  -7.143  -1.547  1.00 13.64  ? 144 TYR A CB  1 
ATOM   1031 C  CG  . TYR A 1 144 ? 11.804  -6.455  -0.433  1.00 25.34  ? 144 TYR A CG  1 
ATOM   1032 C  CD1 . TYR A 1 144 ? 13.200  -6.436  -0.419  1.00 21.98  ? 144 TYR A CD1 1 
ATOM   1033 C  CD2 . TYR A 1 144 ? 11.124  -5.801  0.594   1.00 15.03  ? 144 TYR A CD2 1 
ATOM   1034 C  CE1 . TYR A 1 144 ? 13.900  -5.781  0.585   1.00 23.11  ? 144 TYR A CE1 1 
ATOM   1035 C  CE2 . TYR A 1 144 ? 11.817  -5.140  1.606   1.00 21.84  ? 144 TYR A CE2 1 
ATOM   1036 C  CZ  . TYR A 1 144 ? 13.205  -5.135  1.593   1.00 22.64  ? 144 TYR A CZ  1 
ATOM   1037 O  OH  . TYR A 1 144 ? 13.894  -4.484  2.584   1.00 24.88  ? 144 TYR A OH  1 
ATOM   1038 N  N   . LEU A 1 145 ? 8.957   -9.080  -0.446  1.00 19.19  ? 145 LEU A N   1 
ATOM   1039 C  CA  . LEU A 1 145 ? 8.034   -9.477  0.610   1.00 21.54  ? 145 LEU A CA  1 
ATOM   1040 C  C   . LEU A 1 145 ? 8.062   -10.968 0.918   1.00 17.47  ? 145 LEU A C   1 
ATOM   1041 O  O   . LEU A 1 145 ? 7.995   -11.363 2.079   1.00 22.28  ? 145 LEU A O   1 
ATOM   1042 C  CB  . LEU A 1 145 ? 6.608   -9.051  0.241   1.00 15.67  ? 145 LEU A CB  1 
ATOM   1043 C  CG  . LEU A 1 145 ? 6.406   -7.534  0.139   1.00 31.21  ? 145 LEU A CG  1 
ATOM   1044 C  CD1 . LEU A 1 145 ? 5.001   -7.227  -0.361  1.00 34.01  ? 145 LEU A CD1 1 
ATOM   1045 C  CD2 . LEU A 1 145 ? 6.640   -6.892  1.499   1.00 27.45  ? 145 LEU A CD2 1 
ATOM   1046 N  N   . GLU A 1 146 ? 8.159   -11.796 -0.116  1.00 19.54  ? 146 GLU A N   1 
ATOM   1047 C  CA  . GLU A 1 146 ? 8.191   -13.235 0.097   1.00 19.22  ? 146 GLU A CA  1 
ATOM   1048 C  C   . GLU A 1 146 ? 9.412   -13.595 0.927   1.00 24.13  ? 146 GLU A C   1 
ATOM   1049 O  O   . GLU A 1 146 ? 9.343   -14.445 1.812   1.00 24.87  ? 146 GLU A O   1 
ATOM   1050 C  CB  . GLU A 1 146 ? 8.222   -13.976 -1.242  1.00 25.69  ? 146 GLU A CB  1 
ATOM   1051 C  CG  . GLU A 1 146 ? 8.304   -15.491 -1.108  1.00 37.42  ? 146 GLU A CG  1 
ATOM   1052 C  CD  . GLU A 1 146 ? 7.291   -16.049 -0.123  1.00 47.40  ? 146 GLU A CD  1 
ATOM   1053 O  OE1 . GLU A 1 146 ? 6.104   -15.666 -0.205  1.00 42.53  ? 146 GLU A OE1 1 
ATOM   1054 O  OE2 . GLU A 1 146 ? 7.681   -16.874 0.732   1.00 47.65  ? 146 GLU A OE2 1 
ATOM   1055 N  N   . ALA A 1 147 ? 10.526  -12.925 0.648   1.00 20.10  ? 147 ALA A N   1 
ATOM   1056 C  CA  . ALA A 1 147 ? 11.771  -13.171 1.363   1.00 24.51  ? 147 ALA A CA  1 
ATOM   1057 C  C   . ALA A 1 147 ? 11.681  -12.689 2.806   1.00 27.27  ? 147 ALA A C   1 
ATOM   1058 O  O   . ALA A 1 147 ? 12.177  -13.344 3.721   1.00 32.29  ? 147 ALA A O   1 
ATOM   1059 C  CB  . ALA A 1 147 ? 12.928  -12.463 0.655   1.00 16.35  ? 147 ALA A CB  1 
ATOM   1060 N  N   . ALA A 1 148 ? 11.047  -11.538 2.995   1.00 23.97  ? 148 ALA A N   1 
ATOM   1061 C  CA  . ALA A 1 148 ? 10.891  -10.934 4.312   1.00 28.61  ? 148 ALA A CA  1 
ATOM   1062 C  C   . ALA A 1 148 ? 9.818   -11.618 5.152   1.00 27.70  ? 148 ALA A C   1 
ATOM   1063 O  O   . ALA A 1 148 ? 9.743   -11.406 6.361   1.00 27.59  ? 148 ALA A O   1 
ATOM   1064 C  CB  . ALA A 1 148 ? 10.552  -9.451  4.160   1.00 21.82  ? 148 ALA A CB  1 
ATOM   1065 N  N   . ARG A 1 149 ? 9.000   -12.440 4.504   1.00 27.26  ? 149 ARG A N   1 
ATOM   1066 C  CA  . ARG A 1 149 ? 7.899   -13.132 5.169   1.00 31.64  ? 149 ARG A CA  1 
ATOM   1067 C  C   . ARG A 1 149 ? 8.234   -13.810 6.502   1.00 30.89  ? 149 ARG A C   1 
ATOM   1068 O  O   . ARG A 1 149 ? 7.591   -13.527 7.514   1.00 28.11  ? 149 ARG A O   1 
ATOM   1069 C  CB  . ARG A 1 149 ? 7.280   -14.146 4.205   1.00 30.26  ? 149 ARG A CB  1 
ATOM   1070 C  CG  . ARG A 1 149 ? 5.914   -14.646 4.626   1.00 41.42  ? 149 ARG A CG  1 
ATOM   1071 C  CD  . ARG A 1 149 ? 5.284   -15.500 3.534   1.00 48.22  ? 149 ARG A CD  1 
ATOM   1072 N  NE  . ARG A 1 149 ? 4.930   -14.721 2.347   1.00 54.55  ? 149 ARG A NE  1 
ATOM   1073 C  CZ  . ARG A 1 149 ? 3.987   -13.784 2.316   1.00 56.88  ? 149 ARG A CZ  1 
ATOM   1074 N  NH1 . ARG A 1 149 ? 3.292   -13.499 3.410   1.00 54.15  ? 149 ARG A NH1 1 
ATOM   1075 N  NH2 . ARG A 1 149 ? 3.730   -13.134 1.188   1.00 55.48  ? 149 ARG A NH2 1 
ATOM   1076 N  N   . LYS A 1 150 ? 9.234   -14.689 6.515   1.00 28.17  ? 150 LYS A N   1 
ATOM   1077 C  CA  . LYS A 1 150 ? 9.606   -15.390 7.745   1.00 25.03  ? 150 LYS A CA  1 
ATOM   1078 C  C   . LYS A 1 150 ? 10.261  -14.483 8.779   1.00 28.49  ? 150 LYS A C   1 
ATOM   1079 O  O   . LYS A 1 150 ? 10.147  -14.723 9.984   1.00 30.67  ? 150 LYS A O   1 
ATOM   1080 C  CB  . LYS A 1 150 ? 10.530  -16.571 7.432   1.00 35.21  ? 150 LYS A CB  1 
ATOM   1081 C  CG  . LYS A 1 150 ? 9.870   -17.649 6.591   1.00 46.17  ? 150 LYS A CG  1 
ATOM   1082 C  CD  . LYS A 1 150 ? 10.826  -18.780 6.249   1.00 55.73  ? 150 LYS A CD  1 
ATOM   1083 C  CE  . LYS A 1 150 ? 11.267  -19.538 7.487   1.00 61.91  ? 150 LYS A CE  1 
ATOM   1084 N  NZ  . LYS A 1 150 ? 12.079  -20.733 7.127   1.00 72.80  ? 150 LYS A NZ  1 
ATOM   1085 N  N   . GLU A 1 151 ? 10.947  -13.445 8.315   1.00 22.06  ? 151 GLU A N   1 
ATOM   1086 C  CA  . GLU A 1 151 ? 11.586  -12.503 9.226   1.00 25.01  ? 151 GLU A CA  1 
ATOM   1087 C  C   . GLU A 1 151 ? 10.516  -11.807 10.065  1.00 29.23  ? 151 GLU A C   1 
ATOM   1088 O  O   . GLU A 1 151 ? 10.635  -11.708 11.284  1.00 32.24  ? 151 GLU A O   1 
ATOM   1089 C  CB  . GLU A 1 151 ? 12.369  -11.443 8.450   1.00 28.00  ? 151 GLU A CB  1 
ATOM   1090 C  CG  . GLU A 1 151 ? 13.637  -11.940 7.786   1.00 48.47  ? 151 GLU A CG  1 
ATOM   1091 C  CD  . GLU A 1 151 ? 14.385  -10.826 7.076   1.00 50.14  ? 151 GLU A CD  1 
ATOM   1092 O  OE1 . GLU A 1 151 ? 14.647  -9.782  7.714   1.00 50.43  ? 151 GLU A OE1 1 
ATOM   1093 O  OE2 . GLU A 1 151 ? 14.714  -10.997 5.882   1.00 46.66  ? 151 GLU A OE2 1 
ATOM   1094 N  N   . LEU A 1 152 ? 9.476   -11.321 9.397   1.00 22.68  ? 152 LEU A N   1 
ATOM   1095 C  CA  . LEU A 1 152 ? 8.391   -10.619 10.071  1.00 29.52  ? 152 LEU A CA  1 
ATOM   1096 C  C   . LEU A 1 152 ? 7.536   -11.528 10.949  1.00 24.36  ? 152 LEU A C   1 
ATOM   1097 O  O   . LEU A 1 152 ? 7.105   -11.127 12.028  1.00 24.66  ? 152 LEU A O   1 
ATOM   1098 C  CB  . LEU A 1 152 ? 7.515   -9.905  9.036   1.00 22.66  ? 152 LEU A CB  1 
ATOM   1099 C  CG  . LEU A 1 152 ? 8.032   -8.547  8.542   1.00 31.44  ? 152 LEU A CG  1 
ATOM   1100 C  CD1 . LEU A 1 152 ? 7.898   -7.520  9.663   1.00 28.78  ? 152 LEU A CD1 1 
ATOM   1101 C  CD2 . LEU A 1 152 ? 9.487   -8.658  8.088   1.00 22.20  ? 152 LEU A CD2 1 
ATOM   1102 N  N   . LEU A 1 153 ? 7.301   -12.755 10.494  1.00 27.90  ? 153 LEU A N   1 
ATOM   1103 C  CA  . LEU A 1 153 ? 6.496   -13.693 11.263  1.00 29.01  ? 153 LEU A CA  1 
ATOM   1104 C  C   . LEU A 1 153 ? 7.151   -13.944 12.617  1.00 32.16  ? 153 LEU A C   1 
ATOM   1105 O  O   . LEU A 1 153 ? 6.468   -14.213 13.604  1.00 33.17  ? 153 LEU A O   1 
ATOM   1106 C  CB  . LEU A 1 153 ? 6.338   -15.009 10.503  1.00 33.85  ? 153 LEU A CB  1 
ATOM   1107 C  CG  . LEU A 1 153 ? 5.319   -16.001 11.072  1.00 44.88  ? 153 LEU A CG  1 
ATOM   1108 C  CD1 . LEU A 1 153 ? 3.942   -15.349 11.170  1.00 38.86  ? 153 LEU A CD1 1 
ATOM   1109 C  CD2 . LEU A 1 153 ? 5.263   -17.228 10.177  1.00 44.60  ? 153 LEU A CD2 1 
ATOM   1110 N  N   . ARG A 1 154 ? 8.476   -13.845 12.657  1.00 32.79  ? 154 ARG A N   1 
ATOM   1111 C  CA  . ARG A 1 154 ? 9.225   -14.051 13.890  1.00 37.05  ? 154 ARG A CA  1 
ATOM   1112 C  C   . ARG A 1 154 ? 8.863   -12.966 14.899  1.00 41.10  ? 154 ARG A C   1 
ATOM   1113 O  O   . ARG A 1 154 ? 8.981   -13.167 16.106  1.00 40.20  ? 154 ARG A O   1 
ATOM   1114 C  CB  . ARG A 1 154 ? 10.728  -14.018 13.608  1.00 43.05  ? 154 ARG A CB  1 
ATOM   1115 C  CG  . ARG A 1 154 ? 11.217  -15.124 12.689  1.00 56.04  ? 154 ARG A CG  1 
ATOM   1116 C  CD  . ARG A 1 154 ? 12.617  -14.821 12.177  1.00 73.58  ? 154 ARG A CD  1 
ATOM   1117 N  NE  . ARG A 1 154 ? 13.092  -15.817 11.218  1.00 79.59  ? 154 ARG A NE  1 
ATOM   1118 C  CZ  . ARG A 1 154 ? 14.196  -15.683 10.490  1.00 80.11  ? 154 ARG A CZ  1 
ATOM   1119 N  NH1 . ARG A 1 154 ? 14.942  -14.591 10.607  1.00 73.05  ? 154 ARG A NH1 1 
ATOM   1120 N  NH2 . ARG A 1 154 ? 14.557  -16.640 9.645   1.00 80.54  ? 154 ARG A NH2 1 
ATOM   1121 N  N   . GLU A 1 155 ? 8.429   -11.814 14.395  1.00 32.33  ? 155 GLU A N   1 
ATOM   1122 C  CA  . GLU A 1 155 ? 8.029   -10.702 15.251  1.00 33.31  ? 155 GLU A CA  1 
ATOM   1123 C  C   . GLU A 1 155 ? 6.526   -10.767 15.499  1.00 27.07  ? 155 GLU A C   1 
ATOM   1124 O  O   . GLU A 1 155 ? 5.961   -9.889  16.147  1.00 30.07  ? 155 GLU A O   1 
ATOM   1125 C  CB  . GLU A 1 155 ? 8.356   -9.358  14.591  1.00 34.05  ? 155 GLU A CB  1 
ATOM   1126 C  CG  . GLU A 1 155 ? 9.830   -9.075  14.390  1.00 33.40  ? 155 GLU A CG  1 
ATOM   1127 C  CD  . GLU A 1 155 ? 10.074  -7.704  13.781  1.00 37.56  ? 155 GLU A CD  1 
ATOM   1128 O  OE1 . GLU A 1 155 ? 9.645   -6.694  14.377  1.00 35.59  ? 155 GLU A OE1 1 
ATOM   1129 O  OE2 . GLU A 1 155 ? 10.694  -7.633  12.702  1.00 40.76  ? 155 GLU A OE2 1 
ATOM   1130 N  N   . GLY A 1 156 ? 5.883   -11.805 14.973  1.00 28.41  ? 156 GLY A N   1 
ATOM   1131 C  CA  . GLY A 1 156 ? 4.448   -11.951 15.135  1.00 27.02  ? 156 GLY A CA  1 
ATOM   1132 C  C   . GLY A 1 156 ? 3.678   -11.087 14.150  1.00 30.26  ? 156 GLY A C   1 
ATOM   1133 O  O   . GLY A 1 156 ? 2.506   -10.772 14.366  1.00 24.59  ? 156 GLY A O   1 
ATOM   1134 N  N   . VAL A 1 157 ? 4.339   -10.708 13.060  1.00 27.66  ? 157 VAL A N   1 
ATOM   1135 C  CA  . VAL A 1 157 ? 3.723   -9.866  12.039  1.00 24.75  ? 157 VAL A CA  1 
ATOM   1136 C  C   . VAL A 1 157 ? 3.451   -10.632 10.750  1.00 27.31  ? 157 VAL A C   1 
ATOM   1137 O  O   . VAL A 1 157 ? 4.326   -11.333 10.233  1.00 27.04  ? 157 VAL A O   1 
ATOM   1138 C  CB  . VAL A 1 157 ? 4.621   -8.659  11.717  1.00 20.20  ? 157 VAL A CB  1 
ATOM   1139 C  CG1 . VAL A 1 157 ? 3.961   -7.780  10.669  1.00 18.77  ? 157 VAL A CG1 1 
ATOM   1140 C  CG2 . VAL A 1 157 ? 4.892   -7.871  12.983  1.00 15.08  ? 157 VAL A CG2 1 
ATOM   1141 N  N   . HIS A 1 158 ? 2.240   -10.487 10.226  1.00 24.43  ? 158 HIS A N   1 
ATOM   1142 C  CA  . HIS A 1 158 ? 1.860   -11.172 9.001   1.00 25.32  ? 158 HIS A CA  1 
ATOM   1143 C  C   . HIS A 1 158 ? 1.862   -10.250 7.797   1.00 31.08  ? 158 HIS A C   1 
ATOM   1144 O  O   . HIS A 1 158 ? 1.125   -9.262  7.763   1.00 24.74  ? 158 HIS A O   1 
ATOM   1145 C  CB  . HIS A 1 158 ? 0.470   -11.785 9.136   1.00 23.08  ? 158 HIS A CB  1 
ATOM   1146 C  CG  . HIS A 1 158 ? 0.311   -12.657 10.339  1.00 38.63  ? 158 HIS A CG  1 
ATOM   1147 N  ND1 . HIS A 1 158 ? 0.109   -12.147 11.603  1.00 44.48  ? 158 HIS A ND1 1 
ATOM   1148 C  CD2 . HIS A 1 158 ? 0.336   -14.003 10.475  1.00 34.39  ? 158 HIS A CD2 1 
ATOM   1149 C  CE1 . HIS A 1 158 ? 0.015   -13.144 12.465  1.00 41.55  ? 158 HIS A CE1 1 
ATOM   1150 N  NE2 . HIS A 1 158 ? 0.150   -14.280 11.806  1.00 45.85  ? 158 HIS A NE2 1 
ATOM   1151 N  N   . LEU A 1 159 ? 2.688   -10.582 6.810   1.00 22.72  ? 159 LEU A N   1 
ATOM   1152 C  CA  . LEU A 1 159 ? 2.757   -9.799  5.584   1.00 24.13  ? 159 LEU A CA  1 
ATOM   1153 C  C   . LEU A 1 159 ? 1.734   -10.385 4.627   1.00 18.87  ? 159 LEU A C   1 
ATOM   1154 O  O   . LEU A 1 159 ? 1.667   -11.598 4.448   1.00 24.06  ? 159 LEU A O   1 
ATOM   1155 C  CB  . LEU A 1 159 ? 4.150   -9.888  4.954   1.00 23.82  ? 159 LEU A CB  1 
ATOM   1156 C  CG  . LEU A 1 159 ? 5.323   -9.295  5.736   1.00 29.27  ? 159 LEU A CG  1 
ATOM   1157 C  CD1 . LEU A 1 159 ? 6.618   -9.508  4.946   1.00 29.68  ? 159 LEU A CD1 1 
ATOM   1158 C  CD2 . LEU A 1 159 ? 5.091   -7.814  5.982   1.00 28.05  ? 159 LEU A CD2 1 
ATOM   1159 N  N   . VAL A 1 160 ? 0.928   -9.519  4.024   1.00 21.49  ? 160 VAL A N   1 
ATOM   1160 C  CA  . VAL A 1 160 ? -0.096  -9.952  3.083   1.00 18.42  ? 160 VAL A CA  1 
ATOM   1161 C  C   . VAL A 1 160 ? 0.152   -9.297  1.726   1.00 25.47  ? 160 VAL A C   1 
ATOM   1162 O  O   . VAL A 1 160 ? 0.252   -8.073  1.627   1.00 24.82  ? 160 VAL A O   1 
ATOM   1163 C  CB  . VAL A 1 160 ? -1.505  -9.552  3.579   1.00 17.10  ? 160 VAL A CB  1 
ATOM   1164 C  CG1 . VAL A 1 160 ? -2.563  -10.035 2.604   1.00 16.56  ? 160 VAL A CG1 1 
ATOM   1165 C  CG2 . VAL A 1 160 ? -1.747  -10.128 4.968   1.00 19.75  ? 160 VAL A CG2 1 
ATOM   1166 N  N   . LEU A 1 161 ? 0.267   -10.117 0.686   1.00 24.79  ? 161 LEU A N   1 
ATOM   1167 C  CA  . LEU A 1 161 ? 0.485   -9.605  -0.658  1.00 15.64  ? 161 LEU A CA  1 
ATOM   1168 C  C   . LEU A 1 161 ? -0.840  -9.636  -1.413  1.00 18.76  ? 161 LEU A C   1 
ATOM   1169 O  O   . LEU A 1 161 ? -1.454  -10.689 -1.571  1.00 17.30  ? 161 LEU A O   1 
ATOM   1170 C  CB  . LEU A 1 161 ? 1.534   -10.452 -1.390  1.00 25.68  ? 161 LEU A CB  1 
ATOM   1171 C  CG  . LEU A 1 161 ? 2.029   -9.994  -2.770  1.00 29.93  ? 161 LEU A CG  1 
ATOM   1172 C  CD1 . LEU A 1 161 ? 0.990   -10.278 -3.831  1.00 39.17  ? 161 LEU A CD1 1 
ATOM   1173 C  CD2 . LEU A 1 161 ? 2.358   -8.513  -2.726  1.00 23.31  ? 161 LEU A CD2 1 
ATOM   1174 N  N   . VAL A 1 162 ? -1.282  -8.473  -1.876  1.00 20.74  ? 162 VAL A N   1 
ATOM   1175 C  CA  . VAL A 1 162 ? -2.540  -8.385  -2.603  1.00 16.21  ? 162 VAL A CA  1 
ATOM   1176 C  C   . VAL A 1 162 ? -2.357  -8.181  -4.105  1.00 14.15  ? 162 VAL A C   1 
ATOM   1177 O  O   . VAL A 1 162 ? -1.572  -7.336  -4.539  1.00 17.31  ? 162 VAL A O   1 
ATOM   1178 C  CB  . VAL A 1 162 ? -3.413  -7.216  -2.076  1.00 19.07  ? 162 VAL A CB  1 
ATOM   1179 C  CG1 . VAL A 1 162 ? -4.701  -7.128  -2.887  1.00 14.83  ? 162 VAL A CG1 1 
ATOM   1180 C  CG2 . VAL A 1 162 ? -3.710  -7.401  -0.589  1.00 12.31  ? 162 VAL A CG2 1 
ATOM   1181 N  N   . ARG A 1 163 ? -3.084  -8.966  -4.892  1.00 13.72  ? 163 ARG A N   1 
ATOM   1182 C  CA  . ARG A 1 163 ? -3.057  -8.838  -6.340  1.00 18.70  ? 163 ARG A CA  1 
ATOM   1183 C  C   . ARG A 1 163 ? -4.454  -8.410  -6.767  1.00 19.85  ? 163 ARG A C   1 
ATOM   1184 O  O   . ARG A 1 163 ? -5.411  -9.177  -6.683  1.00 20.16  ? 163 ARG A O   1 
ATOM   1185 C  CB  . ARG A 1 163 ? -2.666  -10.160 -7.005  1.00 21.97  ? 163 ARG A CB  1 
ATOM   1186 C  CG  . ARG A 1 163 ? -1.164  -10.413 -7.004  1.00 24.30  ? 163 ARG A CG  1 
ATOM   1187 C  CD  . ARG A 1 163 ? -0.822  -11.746 -7.657  1.00 27.56  ? 163 ARG A CD  1 
ATOM   1188 N  NE  . ARG A 1 163 ? 0.619   -11.956 -7.755  1.00 22.60  ? 163 ARG A NE  1 
ATOM   1189 C  CZ  . ARG A 1 163 ? 1.180   -13.067 -8.221  1.00 31.05  ? 163 ARG A CZ  1 
ATOM   1190 N  NH1 . ARG A 1 163 ? 0.418   -14.073 -8.631  1.00 27.28  ? 163 ARG A NH1 1 
ATOM   1191 N  NH2 . ARG A 1 163 ? 2.502   -13.169 -8.291  1.00 27.50  ? 163 ARG A NH2 1 
ATOM   1192 N  N   . LEU A 1 164 ? -4.559  -7.164  -7.209  1.00 18.74  ? 164 LEU A N   1 
ATOM   1193 C  CA  . LEU A 1 164 ? -5.833  -6.609  -7.627  1.00 22.73  ? 164 LEU A CA  1 
ATOM   1194 C  C   . LEU A 1 164 ? -5.945  -6.510  -9.133  1.00 27.83  ? 164 LEU A C   1 
ATOM   1195 O  O   . LEU A 1 164 ? -4.947  -6.345  -9.829  1.00 20.84  ? 164 LEU A O   1 
ATOM   1196 C  CB  . LEU A 1 164 ? -6.010  -5.194  -7.059  1.00 16.25  ? 164 LEU A CB  1 
ATOM   1197 C  CG  . LEU A 1 164 ? -6.135  -4.975  -5.549  1.00 23.63  ? 164 LEU A CG  1 
ATOM   1198 C  CD1 . LEU A 1 164 ? -6.018  -3.493  -5.241  1.00 25.70  ? 164 LEU A CD1 1 
ATOM   1199 C  CD2 . LEU A 1 164 ? -7.459  -5.519  -5.058  1.00 18.85  ? 164 LEU A CD2 1 
ATOM   1200 N  N   . PRO A 1 165 ? -7.171  -6.635  -9.659  1.00 25.98  ? 165 PRO A N   1 
ATOM   1201 C  CA  . PRO A 1 165 ? -7.368  -6.524  -11.105 1.00 23.77  ? 165 PRO A CA  1 
ATOM   1202 C  C   . PRO A 1 165 ? -7.377  -5.006  -11.318 1.00 23.65  ? 165 PRO A C   1 
ATOM   1203 O  O   . PRO A 1 165 ? -7.108  -4.256  -10.377 1.00 23.99  ? 165 PRO A O   1 
ATOM   1204 C  CB  . PRO A 1 165 ? -8.739  -7.152  -11.308 1.00 26.10  ? 165 PRO A CB  1 
ATOM   1205 C  CG  . PRO A 1 165 ? -9.460  -6.757  -10.046 1.00 25.98  ? 165 PRO A CG  1 
ATOM   1206 C  CD  . PRO A 1 165 ? -8.420  -7.021  -8.979  1.00 22.51  ? 165 PRO A CD  1 
ATOM   1207 N  N   . ALA A 1 166 ? -7.677  -4.532  -12.518 1.00 21.10  ? 166 ALA A N   1 
ATOM   1208 C  CA  . ALA A 1 166 ? -7.690  -3.086  -12.725 1.00 21.85  ? 166 ALA A CA  1 
ATOM   1209 C  C   . ALA A 1 166 ? -8.714  -2.417  -11.795 1.00 29.19  ? 166 ALA A C   1 
ATOM   1210 O  O   . ALA A 1 166 ? -9.799  -2.957  -11.558 1.00 18.62  ? 166 ALA A O   1 
ATOM   1211 C  CB  . ALA A 1 166 ? -8.008  -2.762  -14.177 1.00 21.85  ? 166 ALA A CB  1 
ATOM   1212 N  N   . VAL A 1 167 ? -8.349  -1.251  -11.266 1.00 23.18  ? 167 VAL A N   1 
ATOM   1213 C  CA  . VAL A 1 167 ? -9.207  -0.481  -10.365 1.00 18.22  ? 167 VAL A CA  1 
ATOM   1214 C  C   . VAL A 1 167 ? -9.245  0.948   -10.905 1.00 23.98  ? 167 VAL A C   1 
ATOM   1215 O  O   . VAL A 1 167 ? -8.212  1.501   -11.282 1.00 20.61  ? 167 VAL A O   1 
ATOM   1216 C  CB  . VAL A 1 167 ? -8.640  -0.474  -8.921  1.00 20.58  ? 167 VAL A CB  1 
ATOM   1217 C  CG1 . VAL A 1 167 ? -9.585  0.262   -7.981  1.00 18.51  ? 167 VAL A CG1 1 
ATOM   1218 C  CG2 . VAL A 1 167 ? -8.430  -1.901  -8.439  1.00 18.84  ? 167 VAL A CG2 1 
ATOM   1219 N  N   . ALA A 1 168 ? -10.437 1.538   -10.951 1.00 19.86  ? 168 ALA A N   1 
ATOM   1220 C  CA  . ALA A 1 168 ? -10.607 2.891   -11.479 1.00 18.80  ? 168 ALA A CA  1 
ATOM   1221 C  C   . ALA A 1 168 ? -10.110 3.980   -10.534 1.00 19.06  ? 168 ALA A C   1 
ATOM   1222 O  O   . ALA A 1 168 ? -10.848 4.430   -9.662  1.00 20.35  ? 168 ALA A O   1 
ATOM   1223 C  CB  . ALA A 1 168 ? -12.084 3.134   -11.825 1.00 14.77  ? 168 ALA A CB  1 
ATOM   1224 N  N   . THR A 1 169 ? -8.857  4.393   -10.709 1.00 18.57  ? 169 THR A N   1 
ATOM   1225 C  CA  . THR A 1 169 ? -8.266  5.442   -9.881  1.00 14.69  ? 169 THR A CA  1 
ATOM   1226 C  C   . THR A 1 169 ? -7.413  6.344   -10.763 1.00 18.42  ? 169 THR A C   1 
ATOM   1227 O  O   . THR A 1 169 ? -7.225  6.073   -11.951 1.00 20.62  ? 169 THR A O   1 
ATOM   1228 C  CB  . THR A 1 169 ? -7.337  4.871   -8.795  1.00 20.72  ? 169 THR A CB  1 
ATOM   1229 O  OG1 . THR A 1 169 ? -6.157  4.343   -9.418  1.00 18.63  ? 169 THR A OG1 1 
ATOM   1230 C  CG2 . THR A 1 169 ? -8.037  3.764   -8.005  1.00 17.26  ? 169 THR A CG2 1 
ATOM   1231 N  N   . GLY A 1 170 ? -6.877  7.401   -10.164 1.00 23.59  ? 170 GLY A N   1 
ATOM   1232 C  CA  . GLY A 1 170 ? -6.035  8.322   -10.897 1.00 19.05  ? 170 GLY A CA  1 
ATOM   1233 C  C   . GLY A 1 170 ? -4.730  7.701   -11.365 1.00 24.36  ? 170 GLY A C   1 
ATOM   1234 O  O   . GLY A 1 170 ? -3.994  8.318   -12.132 1.00 23.46  ? 170 GLY A O   1 
ATOM   1235 N  N   . LEU A 1 171 ? -4.433  6.485   -10.910 1.00 20.65  ? 171 LEU A N   1 
ATOM   1236 C  CA  . LEU A 1 171 ? -3.200  5.808   -11.311 1.00 23.15  ? 171 LEU A CA  1 
ATOM   1237 C  C   . LEU A 1 171 ? -3.118  5.717   -12.831 1.00 26.08  ? 171 LEU A C   1 
ATOM   1238 O  O   . LEU A 1 171 ? -2.043  5.847   -13.415 1.00 25.92  ? 171 LEU A O   1 
ATOM   1239 C  CB  . LEU A 1 171 ? -3.144  4.390   -10.731 1.00 12.59  ? 171 LEU A CB  1 
ATOM   1240 C  CG  . LEU A 1 171 ? -1.911  3.550   -11.095 1.00 18.19  ? 171 LEU A CG  1 
ATOM   1241 C  CD1 . LEU A 1 171 ? -0.689  4.098   -10.364 1.00 18.78  ? 171 LEU A CD1 1 
ATOM   1242 C  CD2 . LEU A 1 171 ? -2.137  2.093   -10.718 1.00 17.49  ? 171 LEU A CD2 1 
ATOM   1243 N  N   . TRP A 1 172 ? -4.265  5.496   -13.461 1.00 20.83  ? 172 TRP A N   1 
ATOM   1244 C  CA  . TRP A 1 172 ? -4.342  5.367   -14.910 1.00 29.21  ? 172 TRP A CA  1 
ATOM   1245 C  C   . TRP A 1 172 ? -4.316  6.686   -15.690 1.00 30.20  ? 172 TRP A C   1 
ATOM   1246 O  O   . TRP A 1 172 ? -4.386  6.677   -16.922 1.00 26.09  ? 172 TRP A O   1 
ATOM   1247 C  CB  . TRP A 1 172 ? -5.601  4.585   -15.288 1.00 19.11  ? 172 TRP A CB  1 
ATOM   1248 C  CG  . TRP A 1 172 ? -5.613  3.179   -14.769 1.00 22.08  ? 172 TRP A CG  1 
ATOM   1249 C  CD1 . TRP A 1 172 ? -5.943  2.767   -13.507 1.00 16.50  ? 172 TRP A CD1 1 
ATOM   1250 C  CD2 . TRP A 1 172 ? -5.250  2.001   -15.494 1.00 27.90  ? 172 TRP A CD2 1 
ATOM   1251 N  NE1 . TRP A 1 172 ? -5.808  1.404   -13.404 1.00 17.32  ? 172 TRP A NE1 1 
ATOM   1252 C  CE2 . TRP A 1 172 ? -5.383  0.908   -14.609 1.00 18.80  ? 172 TRP A CE2 1 
ATOM   1253 C  CE3 . TRP A 1 172 ? -4.821  1.762   -16.808 1.00 28.88  ? 172 TRP A CE3 1 
ATOM   1254 C  CZ2 . TRP A 1 172 ? -5.105  -0.406  -14.995 1.00 25.27  ? 172 TRP A CZ2 1 
ATOM   1255 C  CZ3 . TRP A 1 172 ? -4.544  0.455   -17.191 1.00 24.06  ? 172 TRP A CZ3 1 
ATOM   1256 C  CH2 . TRP A 1 172 ? -4.688  -0.614  -16.284 1.00 25.03  ? 172 TRP A CH2 1 
ATOM   1257 N  N   . ALA A 1 173 ? -4.208  7.810   -14.985 1.00 20.92  ? 173 ALA A N   1 
ATOM   1258 C  CA  . ALA A 1 173 ? -4.192  9.114   -15.640 1.00 34.49  ? 173 ALA A CA  1 
ATOM   1259 C  C   . ALA A 1 173 ? -3.205  9.193   -16.806 1.00 39.96  ? 173 ALA A C   1 
ATOM   1260 O  O   . ALA A 1 173 ? -3.591  9.511   -17.930 1.00 40.62  ? 173 ALA A O   1 
ATOM   1261 C  CB  . ALA A 1 173 ? -3.885  10.209  -14.623 1.00 31.88  ? 173 ALA A CB  1 
ATOM   1262 N  N   . PRO A 1 174 ? -1.916  8.896   -16.558 1.00 42.54  ? 174 PRO A N   1 
ATOM   1263 C  CA  . PRO A 1 174 ? -0.918  8.957   -17.630 1.00 37.78  ? 174 PRO A CA  1 
ATOM   1264 C  C   . PRO A 1 174 ? -1.055  7.840   -18.660 1.00 34.01  ? 174 PRO A C   1 
ATOM   1265 O  O   . PRO A 1 174 ? -0.346  7.824   -19.661 1.00 37.98  ? 174 PRO A O   1 
ATOM   1266 C  CB  . PRO A 1 174 ? 0.400   8.878   -16.867 1.00 43.71  ? 174 PRO A CB  1 
ATOM   1267 C  CG  . PRO A 1 174 ? 0.058   7.953   -15.748 1.00 43.38  ? 174 PRO A CG  1 
ATOM   1268 C  CD  . PRO A 1 174 ? -1.292  8.476   -15.290 1.00 31.07  ? 174 PRO A CD  1 
ATOM   1269 N  N   . LEU A 1 175 ? -1.968  6.908   -18.409 1.00 33.24  ? 175 LEU A N   1 
ATOM   1270 C  CA  . LEU A 1 175 ? -2.183  5.789   -19.318 1.00 31.29  ? 175 LEU A CA  1 
ATOM   1271 C  C   . LEU A 1 175 ? -3.456  5.960   -20.138 1.00 39.20  ? 175 LEU A C   1 
ATOM   1272 O  O   . LEU A 1 175 ? -3.828  5.076   -20.909 1.00 37.71  ? 175 LEU A O   1 
ATOM   1273 C  CB  . LEU A 1 175 ? -2.251  4.480   -18.526 1.00 33.96  ? 175 LEU A CB  1 
ATOM   1274 C  CG  . LEU A 1 175 ? -1.018  4.138   -17.681 1.00 40.84  ? 175 LEU A CG  1 
ATOM   1275 C  CD1 . LEU A 1 175 ? -1.276  2.881   -16.864 1.00 35.23  ? 175 LEU A CD1 1 
ATOM   1276 C  CD2 . LEU A 1 175 ? 0.184   3.945   -18.586 1.00 39.21  ? 175 LEU A CD2 1 
ATOM   1277 N  N   . GLY A 1 176 ? -4.126  7.096   -19.963 1.00 37.20  ? 176 GLY A N   1 
ATOM   1278 C  CA  . GLY A 1 176 ? -5.348  7.357   -20.702 1.00 43.84  ? 176 GLY A CA  1 
ATOM   1279 C  C   . GLY A 1 176 ? -6.643  6.971   -20.004 1.00 46.40  ? 176 GLY A C   1 
ATOM   1280 O  O   . GLY A 1 176 ? -7.695  6.924   -20.639 1.00 47.46  ? 176 GLY A O   1 
ATOM   1281 N  N   . GLY A 1 177 ? -6.579  6.697   -18.703 1.00 40.31  ? 177 GLY A N   1 
ATOM   1282 C  CA  . GLY A 1 177 ? -7.777  6.322   -17.969 1.00 30.28  ? 177 GLY A CA  1 
ATOM   1283 C  C   . GLY A 1 177 ? -7.867  4.827   -17.710 1.00 32.28  ? 177 GLY A C   1 
ATOM   1284 O  O   . GLY A 1 177 ? -7.217  4.046   -18.400 1.00 35.60  ? 177 GLY A O   1 
ATOM   1285 N  N   . PRO A 1 178 ? -8.667  4.396   -16.720 1.00 33.92  ? 178 PRO A N   1 
ATOM   1286 C  CA  . PRO A 1 178 ? -8.829  2.978   -16.379 1.00 34.74  ? 178 PRO A CA  1 
ATOM   1287 C  C   . PRO A 1 178 ? -9.438  2.163   -17.514 1.00 35.56  ? 178 PRO A C   1 
ATOM   1288 O  O   . PRO A 1 178 ? -10.231 2.673   -18.300 1.00 31.70  ? 178 PRO A O   1 
ATOM   1289 C  CB  . PRO A 1 178 ? -9.754  3.016   -15.162 1.00 34.57  ? 178 PRO A CB  1 
ATOM   1290 C  CG  . PRO A 1 178 ? -9.494  4.363   -14.563 1.00 39.10  ? 178 PRO A CG  1 
ATOM   1291 C  CD  . PRO A 1 178 ? -9.424  5.241   -15.780 1.00 33.34  ? 178 PRO A CD  1 
ATOM   1292 N  N   . PRO A 1 179 ? -9.072  0.879   -17.611 1.00 37.48  ? 179 PRO A N   1 
ATOM   1293 C  CA  . PRO A 1 179 ? -9.620  0.033   -18.670 1.00 37.24  ? 179 PRO A CA  1 
ATOM   1294 C  C   . PRO A 1 179 ? -11.076 -0.308  -18.377 1.00 43.64  ? 179 PRO A C   1 
ATOM   1295 O  O   . PRO A 1 179 ? -11.588 -0.014  -17.295 1.00 41.17  ? 179 PRO A O   1 
ATOM   1296 C  CB  . PRO A 1 179 ? -8.719  -1.195  -18.629 1.00 36.61  ? 179 PRO A CB  1 
ATOM   1297 C  CG  . PRO A 1 179 ? -8.386  -1.300  -17.180 1.00 32.70  ? 179 PRO A CG  1 
ATOM   1298 C  CD  . PRO A 1 179 ? -8.081  0.138   -16.812 1.00 34.70  ? 179 PRO A CD  1 
ATOM   1299 N  N   . LYS A 1 180 ? -11.734 -0.930  -19.345 1.00 44.13  ? 180 LYS A N   1 
ATOM   1300 C  CA  . LYS A 1 180 ? -13.131 -1.309  -19.205 1.00 45.99  ? 180 LYS A CA  1 
ATOM   1301 C  C   . LYS A 1 180 ? -13.279 -2.343  -18.090 1.00 38.28  ? 180 LYS A C   1 
ATOM   1302 O  O   . LYS A 1 180 ? -12.440 -3.229  -17.940 1.00 37.23  ? 180 LYS A O   1 
ATOM   1303 C  CB  . LYS A 1 180 ? -13.640 -1.882  -20.532 1.00 53.93  ? 180 LYS A CB  1 
ATOM   1304 C  CG  . LYS A 1 180 ? -15.150 -1.872  -20.684 1.00 68.76  ? 180 LYS A CG  1 
ATOM   1305 C  CD  . LYS A 1 180 ? -15.561 -2.255  -22.098 1.00 76.87  ? 180 LYS A CD  1 
ATOM   1306 C  CE  . LYS A 1 180 ? -17.060 -2.087  -22.301 1.00 82.24  ? 180 LYS A CE  1 
ATOM   1307 N  NZ  . LYS A 1 180 ? -17.477 -2.419  -23.691 1.00 82.43  ? 180 LYS A NZ  1 
ATOM   1308 N  N   . GLY A 1 181 ? -14.339 -2.213  -17.300 1.00 38.52  ? 181 GLY A N   1 
ATOM   1309 C  CA  . GLY A 1 181 ? -14.573 -3.156  -16.220 1.00 35.62  ? 181 GLY A CA  1 
ATOM   1310 C  C   . GLY A 1 181 ? -13.731 -2.975  -14.967 1.00 35.83  ? 181 GLY A C   1 
ATOM   1311 O  O   . GLY A 1 181 ? -13.751 -3.833  -14.082 1.00 39.46  ? 181 GLY A O   1 
ATOM   1312 N  N   . ALA A 1 182 ? -12.987 -1.876  -14.877 1.00 20.19  ? 182 ALA A N   1 
ATOM   1313 C  CA  . ALA A 1 182 ? -12.163 -1.638  -13.691 1.00 26.50  ? 182 ALA A CA  1 
ATOM   1314 C  C   . ALA A 1 182 ? -13.046 -1.476  -12.452 1.00 23.48  ? 182 ALA A C   1 
ATOM   1315 O  O   . ALA A 1 182 ? -14.046 -0.755  -12.482 1.00 27.74  ? 182 ALA A O   1 
ATOM   1316 C  CB  . ALA A 1 182 ? -11.306 -0.395  -13.886 1.00 18.56  ? 182 ALA A CB  1 
ATOM   1317 N  N   . LEU A 1 183 ? -12.674 -2.147  -11.365 1.00 25.39  ? 183 LEU A N   1 
ATOM   1318 C  CA  . LEU A 1 183 ? -13.441 -2.081  -10.121 1.00 24.56  ? 183 LEU A CA  1 
ATOM   1319 C  C   . LEU A 1 183 ? -13.438 -0.686  -9.520  1.00 25.74  ? 183 LEU A C   1 
ATOM   1320 O  O   . LEU A 1 183 ? -12.549 0.119   -9.795  1.00 24.10  ? 183 LEU A O   1 
ATOM   1321 C  CB  . LEU A 1 183 ? -12.858 -3.029  -9.074  1.00 21.46  ? 183 LEU A CB  1 
ATOM   1322 C  CG  . LEU A 1 183 ? -12.682 -4.511  -9.392  1.00 34.53  ? 183 LEU A CG  1 
ATOM   1323 C  CD1 . LEU A 1 183 ? -12.023 -5.192  -8.196  1.00 19.21  ? 183 LEU A CD1 1 
ATOM   1324 C  CD2 . LEU A 1 183 ? -14.025 -5.141  -9.700  1.00 30.00  ? 183 LEU A CD2 1 
ATOM   1325 N  N   . SER A 1 184 ? -14.441 -0.404  -8.694  1.00 22.78  ? 184 SER A N   1 
ATOM   1326 C  CA  . SER A 1 184 ? -14.504 0.875   -8.015  1.00 17.64  ? 184 SER A CA  1 
ATOM   1327 C  C   . SER A 1 184 ? -13.496 0.696   -6.888  1.00 16.64  ? 184 SER A C   1 
ATOM   1328 O  O   . SER A 1 184 ? -13.346 -0.405  -6.360  1.00 14.02  ? 184 SER A O   1 
ATOM   1329 C  CB  . SER A 1 184 ? -15.905 1.122   -7.434  1.00 17.11  ? 184 SER A CB  1 
ATOM   1330 O  OG  . SER A 1 184 ? -16.245 0.134   -6.477  1.00 27.19  ? 184 SER A OG  1 
ATOM   1331 N  N   . PRO A 1 185 ? -12.771 1.761   -6.519  1.00 13.24  ? 185 PRO A N   1 
ATOM   1332 C  CA  . PRO A 1 185 ? -11.807 1.576   -5.432  1.00 13.58  ? 185 PRO A CA  1 
ATOM   1333 C  C   . PRO A 1 185 ? -12.458 1.069   -4.142  1.00 20.29  ? 185 PRO A C   1 
ATOM   1334 O  O   . PRO A 1 185 ? -11.859 0.284   -3.409  1.00 14.66  ? 185 PRO A O   1 
ATOM   1335 C  CB  . PRO A 1 185 ? -11.160 2.961   -5.293  1.00 15.84  ? 185 PRO A CB  1 
ATOM   1336 C  CG  . PRO A 1 185 ? -12.163 3.902   -5.903  1.00 15.00  ? 185 PRO A CG  1 
ATOM   1337 C  CD  . PRO A 1 185 ? -12.706 3.124   -7.069  1.00 10.59  ? 185 PRO A CD  1 
ATOM   1338 N  N   . GLU A 1 186 ? -13.693 1.496   -3.883  1.00 13.65  ? 186 GLU A N   1 
ATOM   1339 C  CA  . GLU A 1 186 ? -14.408 1.065   -2.683  1.00 18.79  ? 186 GLU A CA  1 
ATOM   1340 C  C   . GLU A 1 186 ? -14.607 -0.445  -2.669  1.00 12.61  ? 186 GLU A C   1 
ATOM   1341 O  O   . GLU A 1 186 ? -14.478 -1.086  -1.630  1.00 18.96  ? 186 GLU A O   1 
ATOM   1342 C  CB  . GLU A 1 186 ? -15.777 1.753   -2.588  1.00 20.10  ? 186 GLU A CB  1 
ATOM   1343 C  CG  . GLU A 1 186 ? -15.728 3.244   -2.271  1.00 17.59  ? 186 GLU A CG  1 
ATOM   1344 C  CD  . GLU A 1 186 ? -15.387 4.102   -3.474  1.00 21.48  ? 186 GLU A CD  1 
ATOM   1345 O  OE1 . GLU A 1 186 ? -15.334 3.568   -4.604  1.00 24.15  ? 186 GLU A OE1 1 
ATOM   1346 O  OE2 . GLU A 1 186 ? -15.183 5.320   -3.289  1.00 25.22  ? 186 GLU A OE2 1 
ATOM   1347 N  N   . GLU A 1 187 ? -14.921 -1.008  -3.831  1.00 16.50  ? 187 GLU A N   1 
ATOM   1348 C  CA  . GLU A 1 187 ? -15.135 -2.446  -3.949  1.00 19.31  ? 187 GLU A CA  1 
ATOM   1349 C  C   . GLU A 1 187 ? -13.829 -3.223  -3.729  1.00 18.64  ? 187 GLU A C   1 
ATOM   1350 O  O   . GLU A 1 187 ? -13.821 -4.265  -3.077  1.00 19.43  ? 187 GLU A O   1 
ATOM   1351 C  CB  . GLU A 1 187 ? -15.709 -2.781  -5.332  1.00 14.13  ? 187 GLU A CB  1 
ATOM   1352 C  CG  . GLU A 1 187 ? -16.112 -4.237  -5.488  1.00 23.66  ? 187 GLU A CG  1 
ATOM   1353 C  CD  . GLU A 1 187 ? -17.300 -4.621  -4.614  1.00 35.88  ? 187 GLU A CD  1 
ATOM   1354 O  OE1 . GLU A 1 187 ? -17.690 -3.832  -3.724  1.00 30.04  ? 187 GLU A OE1 1 
ATOM   1355 O  OE2 . GLU A 1 187 ? -17.845 -5.724  -4.817  1.00 35.15  ? 187 GLU A OE2 1 
ATOM   1356 N  N   . ALA A 1 188 ? -12.728 -2.719  -4.280  1.00 18.71  ? 188 ALA A N   1 
ATOM   1357 C  CA  . ALA A 1 188 ? -11.432 -3.386  -4.121  1.00 21.23  ? 188 ALA A CA  1 
ATOM   1358 C  C   . ALA A 1 188 ? -11.038 -3.408  -2.644  1.00 21.81  ? 188 ALA A C   1 
ATOM   1359 O  O   . ALA A 1 188 ? -10.585 -4.424  -2.122  1.00 20.51  ? 188 ALA A O   1 
ATOM   1360 C  CB  . ALA A 1 188 ? -10.359 -2.665  -4.943  1.00 14.22  ? 188 ALA A CB  1 
ATOM   1361 N  N   . ALA A 1 189 ? -11.221 -2.280  -1.970  1.00 21.66  ? 189 ALA A N   1 
ATOM   1362 C  CA  . ALA A 1 189 ? -10.893 -2.189  -0.554  1.00 22.48  ? 189 ALA A CA  1 
ATOM   1363 C  C   . ALA A 1 189 ? -11.782 -3.130  0.263   1.00 14.48  ? 189 ALA A C   1 
ATOM   1364 O  O   . ALA A 1 189 ? -11.315 -3.772  1.208   1.00 20.10  ? 189 ALA A O   1 
ATOM   1365 C  CB  . ALA A 1 189 ? -11.065 -0.747  -0.068  1.00 20.12  ? 189 ALA A CB  1 
ATOM   1366 N  N   . ARG A 1 190 ? -13.061 -3.211  -0.099  1.00 19.63  ? 190 ARG A N   1 
ATOM   1367 C  CA  . ARG A 1 190 ? -13.989 -4.084  0.624   1.00 16.25  ? 190 ARG A CA  1 
ATOM   1368 C  C   . ARG A 1 190 ? -13.539 -5.539  0.506   1.00 16.51  ? 190 ARG A C   1 
ATOM   1369 O  O   . ARG A 1 190 ? -13.498 -6.269  1.494   1.00 22.74  ? 190 ARG A O   1 
ATOM   1370 C  CB  . ARG A 1 190 ? -15.413 -3.942  0.071   1.00 17.31  ? 190 ARG A CB  1 
ATOM   1371 C  CG  . ARG A 1 190 ? -16.431 -4.863  0.765   1.00 28.77  ? 190 ARG A CG  1 
ATOM   1372 C  CD  . ARG A 1 190 ? -17.825 -4.773  0.139   1.00 26.36  ? 190 ARG A CD  1 
ATOM   1373 N  NE  . ARG A 1 190 ? -17.904 -5.403  -1.183  1.00 32.60  ? 190 ARG A NE  1 
ATOM   1374 C  CZ  . ARG A 1 190 ? -17.843 -6.716  -1.406  1.00 38.02  ? 190 ARG A CZ  1 
ATOM   1375 N  NH1 . ARG A 1 190 ? -17.699 -7.570  -0.397  1.00 34.78  ? 190 ARG A NH1 1 
ATOM   1376 N  NH2 . ARG A 1 190 ? -17.937 -7.183  -2.644  1.00 33.49  ? 190 ARG A NH2 1 
ATOM   1377 N  N   . LYS A 1 191 ? -13.194 -5.955  -0.708  1.00 16.21  ? 191 LYS A N   1 
ATOM   1378 C  CA  . LYS A 1 191 ? -12.745 -7.321  -0.931  1.00 19.16  ? 191 LYS A CA  1 
ATOM   1379 C  C   . LYS A 1 191 ? -11.443 -7.609  -0.195  1.00 26.18  ? 191 LYS A C   1 
ATOM   1380 O  O   . LYS A 1 191 ? -11.267 -8.692  0.362   1.00 23.37  ? 191 LYS A O   1 
ATOM   1381 C  CB  . LYS A 1 191 ? -12.576 -7.589  -2.430  1.00 26.75  ? 191 LYS A CB  1 
ATOM   1382 C  CG  . LYS A 1 191 ? -13.904 -7.696  -3.175  1.00 35.54  ? 191 LYS A CG  1 
ATOM   1383 C  CD  . LYS A 1 191 ? -13.712 -8.213  -4.589  1.00 39.85  ? 191 LYS A CD  1 
ATOM   1384 C  CE  . LYS A 1 191 ? -15.047 -8.470  -5.267  1.00 47.43  ? 191 LYS A CE  1 
ATOM   1385 N  NZ  . LYS A 1 191 ? -14.865 -9.027  -6.634  1.00 51.91  ? 191 LYS A NZ  1 
ATOM   1386 N  N   . VAL A 1 192 ? -10.526 -6.644  -0.177  1.00 21.52  ? 192 VAL A N   1 
ATOM   1387 C  CA  . VAL A 1 192 ? -9.270  -6.858  0.526   1.00 23.02  ? 192 VAL A CA  1 
ATOM   1388 C  C   . VAL A 1 192 ? -9.565  -7.029  2.011   1.00 18.19  ? 192 VAL A C   1 
ATOM   1389 O  O   . VAL A 1 192 ? -9.153  -8.011  2.622   1.00 23.07  ? 192 VAL A O   1 
ATOM   1390 C  CB  . VAL A 1 192 ? -8.294  -5.681  0.323   1.00 17.57  ? 192 VAL A CB  1 
ATOM   1391 C  CG1 . VAL A 1 192 ? -7.073  -5.862  1.213   1.00 23.78  ? 192 VAL A CG1 1 
ATOM   1392 C  CG2 . VAL A 1 192 ? -7.868  -5.613  -1.133  1.00 16.26  ? 192 VAL A CG2 1 
ATOM   1393 N  N   . LEU A 1 193 ? -10.294 -6.078  2.582   1.00 19.59  ? 193 LEU A N   1 
ATOM   1394 C  CA  . LEU A 1 193 ? -10.645 -6.140  3.992   1.00 25.95  ? 193 LEU A CA  1 
ATOM   1395 C  C   . LEU A 1 193 ? -11.382 -7.443  4.302   1.00 32.69  ? 193 LEU A C   1 
ATOM   1396 O  O   . LEU A 1 193 ? -11.231 -8.005  5.385   1.00 34.31  ? 193 LEU A O   1 
ATOM   1397 C  CB  . LEU A 1 193 ? -11.511 -4.936  4.373   1.00 16.15  ? 193 LEU A CB  1 
ATOM   1398 C  CG  . LEU A 1 193 ? -10.776 -3.593  4.378   1.00 22.04  ? 193 LEU A CG  1 
ATOM   1399 C  CD1 . LEU A 1 193 ? -11.731 -2.465  4.736   1.00 17.27  ? 193 LEU A CD1 1 
ATOM   1400 C  CD2 . LEU A 1 193 ? -9.636  -3.652  5.377   1.00 16.29  ? 193 LEU A CD2 1 
ATOM   1401 N  N   . GLU A 1 194 ? -12.173 -7.923  3.347   1.00 27.25  ? 194 GLU A N   1 
ATOM   1402 C  CA  . GLU A 1 194 ? -12.909 -9.169  3.523   1.00 29.96  ? 194 GLU A CA  1 
ATOM   1403 C  C   . GLU A 1 194 ? -11.919 -10.336 3.493   1.00 23.17  ? 194 GLU A C   1 
ATOM   1404 O  O   . GLU A 1 194 ? -12.032 -11.274 4.272   1.00 23.12  ? 194 GLU A O   1 
ATOM   1405 C  CB  . GLU A 1 194 ? -13.955 -9.323  2.411   1.00 35.41  ? 194 GLU A CB  1 
ATOM   1406 C  CG  . GLU A 1 194 ? -15.005 -10.388 2.675   1.00 49.83  ? 194 GLU A CG  1 
ATOM   1407 C  CD  . GLU A 1 194 ? -16.215 -10.243 1.768   1.00 65.10  ? 194 GLU A CD  1 
ATOM   1408 O  OE1 . GLU A 1 194 ? -16.058 -10.360 0.533   1.00 64.36  ? 194 GLU A OE1 1 
ATOM   1409 O  OE2 . GLU A 1 194 ? -17.324 -10.005 2.294   1.00 69.61  ? 194 GLU A OE2 1 
ATOM   1410 N  N   . GLY A 1 195 ? -10.945 -10.275 2.592   1.00 22.85  ? 195 GLY A N   1 
ATOM   1411 C  CA  . GLY A 1 195 ? -9.948  -11.334 2.526   1.00 25.34  ? 195 GLY A CA  1 
ATOM   1412 C  C   . GLY A 1 195 ? -9.213  -11.450 3.855   1.00 31.38  ? 195 GLY A C   1 
ATOM   1413 O  O   . GLY A 1 195 ? -8.775  -12.535 4.239   1.00 34.95  ? 195 GLY A O   1 
ATOM   1414 N  N   . LEU A 1 196 ? -9.089  -10.324 4.566   1.00 32.21  ? 196 LEU A N   1 
ATOM   1415 C  CA  . LEU A 1 196 ? -8.417  -10.291 5.872   1.00 33.76  ? 196 LEU A CA  1 
ATOM   1416 C  C   . LEU A 1 196 ? -9.278  -10.803 7.023   1.00 35.63  ? 196 LEU A C   1 
ATOM   1417 O  O   . LEU A 1 196 ? -8.812  -11.579 7.853   1.00 48.44  ? 196 LEU A O   1 
ATOM   1418 C  CB  . LEU A 1 196 ? -7.968  -8.870  6.203   1.00 31.82  ? 196 LEU A CB  1 
ATOM   1419 C  CG  . LEU A 1 196 ? -6.841  -8.302  5.345   1.00 33.87  ? 196 LEU A CG  1 
ATOM   1420 C  CD1 . LEU A 1 196 ? -6.479  -6.927  5.862   1.00 34.44  ? 196 LEU A CD1 1 
ATOM   1421 C  CD2 . LEU A 1 196 ? -5.629  -9.224  5.406   1.00 36.25  ? 196 LEU A CD2 1 
ATOM   1422 N  N   . PHE A 1 197 ? -10.528 -10.364 7.096   1.00 44.11  ? 197 PHE A N   1 
ATOM   1423 C  CA  . PHE A 1 197 ? -11.425 -10.804 8.172   1.00 47.94  ? 197 PHE A CA  1 
ATOM   1424 C  C   . PHE A 1 197 ? -11.314 -12.311 8.385   1.00 46.28  ? 197 PHE A C   1 
ATOM   1425 O  O   . PHE A 1 197 ? -10.699 -13.012 7.564   1.00 49.05  ? 197 PHE A O   1 
ATOM   1426 C  CB  . PHE A 1 197 ? -12.873 -10.455 7.823   1.00 52.79  ? 197 PHE A CB  1 
ATOM   1427 C  CG  . PHE A 1 197 ? -13.876 -10.901 8.855   1.00 63.39  ? 197 PHE A CG  1 
ATOM   1428 C  CD1 . PHE A 1 197 ? -13.747 -10.509 10.185  1.00 59.87  ? 197 PHE A CD1 1 
ATOM   1429 C  CD2 . PHE A 1 197 ? -14.971 -11.687 8.488   1.00 64.62  ? 197 PHE A CD2 1 
ATOM   1430 C  CE1 . PHE A 1 197 ? -14.698 -10.888 11.136  1.00 59.52  ? 197 PHE A CE1 1 
ATOM   1431 C  CE2 . PHE A 1 197 ? -15.930 -12.074 9.438   1.00 63.64  ? 197 PHE A CE2 1 
ATOM   1432 C  CZ  . PHE A 1 197 ? -15.790 -11.671 10.764  1.00 57.39  ? 197 PHE A CZ  1 
ATOM   1433 N  N   . PRO A 1 200 ? -11.188 -16.439 10.514  1.00 61.32  ? 200 PRO A N   1 
ATOM   1434 C  CA  . PRO A 1 200 ? -11.450 -17.723 11.169  1.00 62.69  ? 200 PRO A CA  1 
ATOM   1435 C  C   . PRO A 1 200 ? -10.719 -17.728 12.505  1.00 60.30  ? 200 PRO A C   1 
ATOM   1436 O  O   . PRO A 1 200 ? -9.485  -17.783 12.538  1.00 58.28  ? 200 PRO A O   1 
ATOM   1437 C  CB  . PRO A 1 200 ? -10.946 -18.859 10.293  1.00 59.65  ? 200 PRO A CB  1 
ATOM   1438 N  N   . VAL A 1 201 ? -11.470 -17.657 13.598  1.00 57.11  ? 201 VAL A N   1 
ATOM   1439 C  CA  . VAL A 1 201 ? -10.882 -17.643 14.934  1.00 51.43  ? 201 VAL A CA  1 
ATOM   1440 C  C   . VAL A 1 201 ? -11.318 -18.892 15.701  1.00 43.03  ? 201 VAL A C   1 
ATOM   1441 O  O   . VAL A 1 201 ? -12.468 -19.314 15.601  1.00 44.01  ? 201 VAL A O   1 
ATOM   1442 C  CB  . VAL A 1 201 ? -11.337 -16.378 15.711  1.00 48.54  ? 201 VAL A CB  1 
ATOM   1443 C  CG1 . VAL A 1 201 ? -10.698 -16.339 17.092  1.00 39.55  ? 201 VAL A CG1 1 
ATOM   1444 C  CG2 . VAL A 1 201 ? -10.979 -15.130 14.920  1.00 44.58  ? 201 VAL A CG2 1 
ATOM   1445 N  N   . PRO A 1 202 ? -10.402 -19.506 16.468  1.00 44.25  ? 202 PRO A N   1 
ATOM   1446 C  CA  . PRO A 1 202 ? -10.788 -20.705 17.221  1.00 38.60  ? 202 PRO A CA  1 
ATOM   1447 C  C   . PRO A 1 202 ? -11.973 -20.411 18.140  1.00 40.05  ? 202 PRO A C   1 
ATOM   1448 O  O   . PRO A 1 202 ? -12.000 -19.386 18.821  1.00 40.73  ? 202 PRO A O   1 
ATOM   1449 C  CB  . PRO A 1 202 ? -9.518  -21.049 17.997  1.00 43.41  ? 202 PRO A CB  1 
ATOM   1450 C  CG  . PRO A 1 202 ? -8.862  -19.705 18.188  1.00 46.22  ? 202 PRO A CG  1 
ATOM   1451 C  CD  . PRO A 1 202 ? -9.040  -19.073 16.827  1.00 42.50  ? 202 PRO A CD  1 
ATOM   1452 N  N   . ALA A 1 203 ? -12.952 -21.308 18.144  1.00 31.27  ? 203 ALA A N   1 
ATOM   1453 C  CA  . ALA A 1 203 ? -14.142 -21.142 18.969  1.00 32.76  ? 203 ALA A CA  1 
ATOM   1454 C  C   . ALA A 1 203 ? -13.889 -21.634 20.387  1.00 29.79  ? 203 ALA A C   1 
ATOM   1455 O  O   . ALA A 1 203 ? -14.435 -21.094 21.350  1.00 24.83  ? 203 ALA A O   1 
ATOM   1456 C  CB  . ALA A 1 203 ? -15.311 -21.905 18.359  1.00 25.68  ? 203 ALA A CB  1 
ATOM   1457 N  N   . LEU A 1 204 ? -13.057 -22.661 20.507  1.00 29.29  ? 204 LEU A N   1 
ATOM   1458 C  CA  . LEU A 1 204 ? -12.740 -23.236 21.805  1.00 30.55  ? 204 LEU A CA  1 
ATOM   1459 C  C   . LEU A 1 204 ? -11.238 -23.381 21.996  1.00 33.16  ? 204 LEU A C   1 
ATOM   1460 O  O   . LEU A 1 204 ? -10.551 -23.988 21.176  1.00 32.68  ? 204 LEU A O   1 
ATOM   1461 C  CB  . LEU A 1 204 ? -13.403 -24.611 21.945  1.00 30.27  ? 204 LEU A CB  1 
ATOM   1462 C  CG  . LEU A 1 204 ? -13.100 -25.444 23.196  1.00 38.17  ? 204 LEU A CG  1 
ATOM   1463 C  CD1 . LEU A 1 204 ? -13.692 -24.771 24.432  1.00 25.24  ? 204 LEU A CD1 1 
ATOM   1464 C  CD2 . LEU A 1 204 ? -13.686 -26.848 23.022  1.00 32.17  ? 204 LEU A CD2 1 
ATOM   1465 N  N   . LEU A 1 205 ? -10.733 -22.806 23.078  1.00 27.29  ? 205 LEU A N   1 
ATOM   1466 C  CA  . LEU A 1 205 ? -9.319  -22.902 23.391  1.00 27.37  ? 205 LEU A CA  1 
ATOM   1467 C  C   . LEU A 1 205 ? -9.204  -23.683 24.686  1.00 26.28  ? 205 LEU A C   1 
ATOM   1468 O  O   . LEU A 1 205 ? -9.623  -23.212 25.746  1.00 27.60  ? 205 LEU A O   1 
ATOM   1469 C  CB  . LEU A 1 205 ? -8.695  -21.513 23.568  1.00 23.43  ? 205 LEU A CB  1 
ATOM   1470 C  CG  . LEU A 1 205 ? -8.535  -20.629 22.330  1.00 40.79  ? 205 LEU A CG  1 
ATOM   1471 C  CD1 . LEU A 1 205 ? -7.821  -19.340 22.722  1.00 31.19  ? 205 LEU A CD1 1 
ATOM   1472 C  CD2 . LEU A 1 205 ? -7.742  -21.373 21.254  1.00 40.78  ? 205 LEU A CD2 1 
ATOM   1473 N  N   . GLU A 1 206 ? -8.651  -24.886 24.594  1.00 24.47  ? 206 GLU A N   1 
ATOM   1474 C  CA  . GLU A 1 206 ? -8.478  -25.722 25.768  1.00 25.71  ? 206 GLU A CA  1 
ATOM   1475 C  C   . GLU A 1 206 ? -7.003  -25.728 26.147  1.00 34.91  ? 206 GLU A C   1 
ATOM   1476 O  O   . GLU A 1 206 ? -6.183  -26.373 25.498  1.00 34.09  ? 206 GLU A O   1 
ATOM   1477 C  CB  . GLU A 1 206 ? -8.981  -27.139 25.481  1.00 22.86  ? 206 GLU A CB  1 
ATOM   1478 C  CG  . GLU A 1 206 ? -10.474 -27.195 25.169  1.00 32.97  ? 206 GLU A CG  1 
ATOM   1479 C  CD  . GLU A 1 206 ? -11.021 -28.613 25.116  1.00 41.30  ? 206 GLU A CD  1 
ATOM   1480 O  OE1 . GLU A 1 206 ? -10.494 -29.424 24.328  1.00 43.16  ? 206 GLU A OE1 1 
ATOM   1481 O  OE2 . GLU A 1 206 ? -11.980 -28.915 25.861  1.00 42.70  ? 206 GLU A OE2 1 
ATOM   1482 N  N   . VAL A 1 207 ? -6.676  -24.985 27.199  1.00 35.76  ? 207 VAL A N   1 
ATOM   1483 C  CA  . VAL A 1 207 ? -5.305  -24.861 27.684  1.00 33.65  ? 207 VAL A CA  1 
ATOM   1484 C  C   . VAL A 1 207 ? -4.911  -26.017 28.599  1.00 37.74  ? 207 VAL A C   1 
ATOM   1485 O  O   . VAL A 1 207 ? -3.755  -26.478 28.491  1.00 32.86  ? 207 VAL A O   1 
ATOM   1486 C  CB  . VAL A 1 207 ? -5.116  -23.530 28.445  1.00 38.36  ? 207 VAL A CB  1 
ATOM   1487 C  CG1 . VAL A 1 207 ? -3.683  -23.401 28.937  1.00 22.17  ? 207 VAL A CG1 1 
ATOM   1488 C  CG2 . VAL A 1 207 ? -5.488  -22.360 27.534  1.00 24.38  ? 207 VAL A CG2 1 
ATOM   1489 O  OXT . VAL A 1 207 ? -5.754  -26.434 29.421  1.00 29.91  ? 207 VAL A OXT 1 
HETATM 1490 P  PA  . NAP B 2 .   ? -3.182  6.251   -7.034  1.00 17.20  ? 500 NAP A PA  1 
HETATM 1491 O  O1A . NAP B 2 .   ? -2.313  7.019   -8.151  1.00 15.17  ? 500 NAP A O1A 1 
HETATM 1492 O  O2A . NAP B 2 .   ? -4.609  6.646   -7.041  1.00 15.79  ? 500 NAP A O2A 1 
HETATM 1493 O  O5B . NAP B 2 .   ? -2.471  6.577   -5.630  1.00 18.56  ? 500 NAP A O5B 1 
HETATM 1494 C  C5B . NAP B 2 .   ? -1.059  6.415   -5.482  1.00 15.52  ? 500 NAP A C5B 1 
HETATM 1495 C  C4B . NAP B 2 .   ? -0.628  6.809   -4.070  1.00 20.89  ? 500 NAP A C4B 1 
HETATM 1496 O  O4B . NAP B 2 .   ? 0.793   6.612   -3.965  1.00 20.90  ? 500 NAP A O4B 1 
HETATM 1497 C  C3B . NAP B 2 .   ? -0.892  8.298   -3.830  1.00 20.66  ? 500 NAP A C3B 1 
HETATM 1498 O  O3B . NAP B 2 .   ? -1.385  8.497   -2.502  1.00 24.78  ? 500 NAP A O3B 1 
HETATM 1499 C  C2B . NAP B 2 .   ? 0.504   8.904   -3.962  1.00 19.79  ? 500 NAP A C2B 1 
HETATM 1500 O  O2B . NAP B 2 .   ? 0.601   10.062  -3.130  1.00 21.54  ? 500 NAP A O2B 1 
HETATM 1501 C  C1B . NAP B 2 .   ? 1.297   7.778   -3.299  1.00 17.35  ? 500 NAP A C1B 1 
HETATM 1502 N  N9A . NAP B 2 .   ? 2.744   7.949   -3.556  1.00 23.60  ? 500 NAP A N9A 1 
HETATM 1503 C  C8A . NAP B 2 .   ? 3.336   7.884   -4.747  1.00 19.38  ? 500 NAP A C8A 1 
HETATM 1504 N  N7A . NAP B 2 .   ? 4.639   8.118   -4.609  1.00 21.90  ? 500 NAP A N7A 1 
HETATM 1505 C  C5A . NAP B 2 .   ? 4.879   8.334   -3.319  1.00 15.59  ? 500 NAP A C5A 1 
HETATM 1506 C  C6A . NAP B 2 .   ? 6.018   8.644   -2.587  1.00 24.31  ? 500 NAP A C6A 1 
HETATM 1507 N  N6A . NAP B 2 .   ? 7.196   8.768   -3.193  1.00 15.51  ? 500 NAP A N6A 1 
HETATM 1508 N  N1A . NAP B 2 .   ? 5.908   8.820   -1.262  1.00 20.22  ? 500 NAP A N1A 1 
HETATM 1509 C  C2A . NAP B 2 .   ? 4.741   8.701   -0.654  1.00 22.83  ? 500 NAP A C2A 1 
HETATM 1510 N  N3A . NAP B 2 .   ? 3.637   8.409   -1.318  1.00 12.63  ? 500 NAP A N3A 1 
HETATM 1511 C  C4A . NAP B 2 .   ? 3.673   8.222   -2.645  1.00 20.19  ? 500 NAP A C4A 1 
HETATM 1512 O  O3  . NAP B 2 .   ? -2.938  4.684   -7.317  1.00 16.51  ? 500 NAP A O3  1 
HETATM 1513 P  PN  . NAP B 2 .   ? -3.905  3.528   -6.747  1.00 19.25  ? 500 NAP A PN  1 
HETATM 1514 O  O1N . NAP B 2 .   ? -4.765  3.030   -7.845  1.00 18.87  ? 500 NAP A O1N 1 
HETATM 1515 O  O2N . NAP B 2 .   ? -4.549  3.978   -5.493  1.00 19.76  ? 500 NAP A O2N 1 
HETATM 1516 O  O5D . NAP B 2 .   ? -2.873  2.341   -6.399  1.00 18.99  ? 500 NAP A O5D 1 
HETATM 1517 C  C5D . NAP B 2 .   ? -2.566  2.012   -5.041  1.00 18.84  ? 500 NAP A C5D 1 
HETATM 1518 C  C4D . NAP B 2 .   ? -1.684  0.762   -4.961  1.00 15.42  ? 500 NAP A C4D 1 
HETATM 1519 O  O4D . NAP B 2 .   ? -2.404  -0.302  -5.614  1.00 17.45  ? 500 NAP A O4D 1 
HETATM 1520 C  C3D . NAP B 2 .   ? -0.393  0.955   -5.759  1.00 17.59  ? 500 NAP A C3D 1 
HETATM 1521 O  O3D . NAP B 2 .   ? 0.646   0.102   -5.270  1.00 19.98  ? 500 NAP A O3D 1 
HETATM 1522 C  C2D . NAP B 2 .   ? -0.832  0.500   -7.148  1.00 18.43  ? 500 NAP A C2D 1 
HETATM 1523 O  O2D . NAP B 2 .   ? 0.287   0.103   -7.946  1.00 18.66  ? 500 NAP A O2D 1 
HETATM 1524 C  C1D . NAP B 2 .   ? -1.618  -0.743  -6.735  1.00 15.66  ? 500 NAP A C1D 1 
HETATM 1525 N  N1N . NAP B 2 .   ? -2.448  -1.296  -7.828  1.00 18.11  ? 500 NAP A N1N 1 
HETATM 1526 C  C2N . NAP B 2 .   ? -3.360  -0.473  -8.502  1.00 16.99  ? 500 NAP A C2N 1 
HETATM 1527 C  C3N . NAP B 2 .   ? -4.134  -0.996  -9.531  1.00 20.84  ? 500 NAP A C3N 1 
HETATM 1528 C  C7N . NAP B 2 .   ? -5.136  -0.102  -10.265 1.00 26.68  ? 500 NAP A C7N 1 
HETATM 1529 O  O7N . NAP B 2 .   ? -5.698  -0.486  -11.289 1.00 22.87  ? 500 NAP A O7N 1 
HETATM 1530 N  N7N . NAP B 2 .   ? -5.326  1.095   -9.715  1.00 13.22  ? 500 NAP A N7N 1 
HETATM 1531 C  C4N . NAP B 2 .   ? -4.003  -2.333  -9.891  1.00 25.48  ? 500 NAP A C4N 1 
HETATM 1532 C  C5N . NAP B 2 .   ? -3.100  -3.154  -9.223  1.00 28.51  ? 500 NAP A C5N 1 
HETATM 1533 C  C6N . NAP B 2 .   ? -2.322  -2.642  -8.193  1.00 23.26  ? 500 NAP A C6N 1 
HETATM 1534 P  P2B . NAP B 2 .   ? 0.266   11.538  -3.682  1.00 34.07  ? 500 NAP A P2B 1 
HETATM 1535 O  O1X . NAP B 2 .   ? -1.004  11.413  -4.663  1.00 30.57  ? 500 NAP A O1X 1 
HETATM 1536 O  O2X . NAP B 2 .   ? -0.231  12.360  -2.388  1.00 29.87  ? 500 NAP A O2X 1 
HETATM 1537 O  O3X . NAP B 2 .   ? 1.429   12.172  -4.342  1.00 35.27  ? 500 NAP A O3X 1 
HETATM 1538 O  O   . HOH C 3 .   ? -6.362  0.632   18.733  0.50 28.32  ? 501 HOH A O   1 
HETATM 1539 O  O   . HOH C 3 .   ? -14.453 1.531   10.291  1.00 37.54  ? 502 HOH A O   1 
HETATM 1540 O  O   . HOH C 3 .   ? -17.056 0.432   4.154   1.00 36.41  ? 503 HOH A O   1 
HETATM 1541 O  O   . HOH C 3 .   ? -16.510 4.251   1.152   1.00 34.63  ? 504 HOH A O   1 
HETATM 1542 O  O   . HOH C 3 .   ? -13.803 4.310   18.115  1.00 43.28  ? 505 HOH A O   1 
HETATM 1543 O  O   . HOH C 3 .   ? 3.906   7.448   -18.916 1.00 36.40  ? 506 HOH A O   1 
HETATM 1544 O  O   . HOH C 3 .   ? 1.618   1.673   -15.662 1.00 61.91  ? 507 HOH A O   1 
HETATM 1545 O  O   . HOH C 3 .   ? 8.273   8.654   -5.960  1.00 37.34  ? 508 HOH A O   1 
HETATM 1546 O  O   . HOH C 3 .   ? -6.959  15.566  10.880  0.50 9.03   ? 509 HOH A O   1 
HETATM 1547 O  O   . HOH C 3 .   ? 4.808   7.362   19.224  1.00 55.80  ? 510 HOH A O   1 
HETATM 1548 O  O   . HOH C 3 .   ? 19.363  7.275   -16.082 1.00 37.84  ? 511 HOH A O   1 
HETATM 1549 O  O   . HOH C 3 .   ? 3.969   -13.363 -17.307 1.00 36.05  ? 512 HOH A O   1 
HETATM 1550 O  O   . HOH C 3 .   ? -11.183 -5.160  -12.950 1.00 33.79  ? 513 HOH A O   1 
HETATM 1551 O  O   . HOH C 3 .   ? -15.792 5.370   -6.510  1.00 24.83  ? 514 HOH A O   1 
HETATM 1552 O  O   . HOH C 3 .   ? -1.493  17.042  5.709   1.00 18.91  ? 515 HOH A O   1 
HETATM 1553 O  O   . HOH C 3 .   ? 5.060   2.643   13.199  1.00 13.19  ? 516 HOH A O   1 
HETATM 1554 O  O   . HOH C 3 .   ? -4.143  4.788   -3.128  1.00 12.64  ? 517 HOH A O   1 
HETATM 1555 O  O   . HOH C 3 .   ? 6.153   0.790   -17.214 1.00 17.79  ? 518 HOH A O   1 
HETATM 1556 O  O   . HOH C 3 .   ? 10.823  1.086   -19.763 1.00 29.35  ? 519 HOH A O   1 
HETATM 1557 O  O   . HOH C 3 .   ? 2.284   -1.778  -1.870  1.00 11.39  ? 520 HOH A O   1 
HETATM 1558 O  O   . HOH C 3 .   ? 10.765  -15.644 4.414   1.00 31.26  ? 521 HOH A O   1 
HETATM 1559 O  O   . HOH C 3 .   ? -3.249  18.688  -2.075  1.00 23.95  ? 522 HOH A O   1 
HETATM 1560 O  O   . HOH C 3 .   ? -14.503 2.551   1.120   1.00 16.38  ? 523 HOH A O   1 
HETATM 1561 O  O   . HOH C 3 .   ? -5.922  16.954  8.934   1.00 16.67  ? 524 HOH A O   1 
HETATM 1562 O  O   . HOH C 3 .   ? -9.290  1.915   17.937  1.00 17.50  ? 525 HOH A O   1 
HETATM 1563 O  O   . HOH C 3 .   ? 1.972   7.916   0.942   1.00 22.06  ? 526 HOH A O   1 
HETATM 1564 O  O   . HOH C 3 .   ? 4.961   -12.440 7.763   1.00 23.05  ? 527 HOH A O   1 
HETATM 1565 O  O   . HOH C 3 .   ? 5.542   -8.348  -12.373 1.00 19.13  ? 528 HOH A O   1 
HETATM 1566 O  O   . HOH C 3 .   ? 4.065   -0.339  -3.349  1.00 19.96  ? 529 HOH A O   1 
HETATM 1567 O  O   . HOH C 3 .   ? -2.139  -5.449  -6.419  1.00 30.54  ? 530 HOH A O   1 
HETATM 1568 O  O   . HOH C 3 .   ? 4.052   -9.146  -10.433 1.00 15.98  ? 531 HOH A O   1 
HETATM 1569 O  O   . HOH C 3 .   ? 3.388   9.385   2.515   1.00 21.52  ? 532 HOH A O   1 
HETATM 1570 O  O   . HOH C 3 .   ? -0.907  -13.445 -13.771 1.00 31.46  ? 533 HOH A O   1 
HETATM 1571 O  O   . HOH C 3 .   ? 16.284  -10.052 3.719   1.00 20.99  ? 534 HOH A O   1 
HETATM 1572 O  O   . HOH C 3 .   ? 7.986   -3.527  15.926  1.00 23.41  ? 535 HOH A O   1 
HETATM 1573 O  O   . HOH C 3 .   ? 7.882   12.173  7.831   1.00 24.15  ? 536 HOH A O   1 
HETATM 1574 O  O   . HOH C 3 .   ? 12.624  -3.283  4.490   1.00 30.68  ? 537 HOH A O   1 
HETATM 1575 O  O   . HOH C 3 .   ? 8.191   0.637   -19.029 1.00 22.83  ? 538 HOH A O   1 
HETATM 1576 O  O   . HOH C 3 .   ? 8.568   -11.435 -8.417  1.00 24.58  ? 539 HOH A O   1 
HETATM 1577 O  O   . HOH C 3 .   ? -6.943  13.173  -3.392  1.00 31.66  ? 540 HOH A O   1 
HETATM 1578 O  O   . HOH C 3 .   ? -8.780  7.896   14.131  1.00 23.64  ? 541 HOH A O   1 
HETATM 1579 O  O   . HOH C 3 .   ? -7.679  9.685   -1.222  1.00 23.40  ? 542 HOH A O   1 
HETATM 1580 O  O   . HOH C 3 .   ? 16.586  7.837   1.148   1.00 26.07  ? 543 HOH A O   1 
HETATM 1581 O  O   . HOH C 3 .   ? 4.540   14.585  8.478   1.00 21.17  ? 544 HOH A O   1 
HETATM 1582 O  O   . HOH C 3 .   ? -15.026 0.023   0.965   1.00 24.56  ? 545 HOH A O   1 
HETATM 1583 O  O   . HOH C 3 .   ? 13.517  3.187   12.917  1.00 31.44  ? 546 HOH A O   1 
HETATM 1584 O  O   . HOH C 3 .   ? -4.826  3.118   19.295  1.00 29.89  ? 547 HOH A O   1 
HETATM 1585 O  O   . HOH C 3 .   ? -4.555  -6.397  12.259  1.00 33.80  ? 548 HOH A O   1 
HETATM 1586 O  O   . HOH C 3 .   ? -8.792  8.215   -7.813  1.00 34.87  ? 549 HOH A O   1 
HETATM 1587 O  O   . HOH C 3 .   ? 6.266   12.225  12.321  1.00 29.74  ? 550 HOH A O   1 
HETATM 1588 O  O   . HOH C 3 .   ? -1.612  -0.536  18.402  1.00 27.41  ? 551 HOH A O   1 
HETATM 1589 O  O   . HOH C 3 .   ? 0.347   11.928  15.692  1.00 30.20  ? 552 HOH A O   1 
HETATM 1590 O  O   . HOH C 3 .   ? 0.167   6.839   17.383  1.00 24.31  ? 553 HOH A O   1 
HETATM 1591 O  O   . HOH C 3 .   ? 0.183   7.112   -12.049 1.00 26.55  ? 554 HOH A O   1 
HETATM 1592 O  O   . HOH C 3 .   ? -7.138  10.199  -5.270  1.00 35.71  ? 555 HOH A O   1 
HETATM 1593 O  O   . HOH C 3 .   ? -2.230  -4.123  -12.638 1.00 28.29  ? 556 HOH A O   1 
HETATM 1594 O  O   . HOH C 3 .   ? 7.652   13.957  5.950   1.00 26.22  ? 557 HOH A O   1 
HETATM 1595 O  O   . HOH C 3 .   ? 7.100   -12.485 -12.222 1.00 48.44  ? 558 HOH A O   1 
HETATM 1596 O  O   . HOH C 3 .   ? -5.370  -28.703 30.679  1.00 38.25  ? 559 HOH A O   1 
HETATM 1597 O  O   . HOH C 3 .   ? 2.317   -6.178  20.660  1.00 31.10  ? 560 HOH A O   1 
HETATM 1598 O  O   . HOH C 3 .   ? 7.859   -6.143  16.135  1.00 35.25  ? 561 HOH A O   1 
HETATM 1599 O  O   . HOH C 3 .   ? -8.932  14.607  0.115   1.00 37.71  ? 562 HOH A O   1 
HETATM 1600 O  O   . HOH C 3 .   ? -2.274  -6.496  16.366  1.00 30.65  ? 563 HOH A O   1 
HETATM 1601 O  O   . HOH C 3 .   ? -10.740 7.801   12.022  1.00 25.51  ? 564 HOH A O   1 
HETATM 1602 O  O   . HOH C 3 .   ? -3.396  6.912   19.382  1.00 40.53  ? 565 HOH A O   1 
HETATM 1603 O  O   . HOH C 3 .   ? 0.770   -4.127  -24.148 1.00 41.74  ? 566 HOH A O   1 
HETATM 1604 O  O   . HOH C 3 .   ? -0.436  10.831  -7.187  1.00 30.64  ? 567 HOH A O   1 
HETATM 1605 O  O   . HOH C 3 .   ? 15.444  4.949   -14.932 1.00 41.67  ? 568 HOH A O   1 
HETATM 1606 O  O   . HOH C 3 .   ? -7.909  -6.181  -15.003 1.00 40.51  ? 569 HOH A O   1 
HETATM 1607 O  O   . HOH C 3 .   ? -10.821 10.980  15.845  1.00 40.58  ? 570 HOH A O   1 
HETATM 1608 O  O   . HOH C 3 .   ? 8.929   7.925   -8.370  1.00 37.12  ? 571 HOH A O   1 
HETATM 1609 O  O   . HOH C 3 .   ? 8.872   4.474   -25.011 1.00 39.04  ? 572 HOH A O   1 
HETATM 1610 O  O   . HOH C 3 .   ? 16.968  9.623   3.335   1.00 44.79  ? 573 HOH A O   1 
HETATM 1611 O  O   . HOH C 3 .   ? 4.304   16.378  1.543   1.00 45.22  ? 574 HOH A O   1 
HETATM 1612 O  O   . HOH C 3 .   ? -16.222 9.483   5.286   1.00 39.23  ? 575 HOH A O   1 
HETATM 1613 O  O   . HOH C 3 .   ? 0.233   -13.191 6.208   1.00 36.37  ? 576 HOH A O   1 
HETATM 1614 O  O   . HOH C 3 .   ? 9.619   11.022  14.374  1.00 49.94  ? 577 HOH A O   1 
HETATM 1615 O  O   . HOH C 3 .   ? 6.146   -11.574 -9.400  1.00 35.62  ? 578 HOH A O   1 
HETATM 1616 O  O   . HOH C 3 .   ? -2.361  -6.358  -20.101 1.00 50.94  ? 579 HOH A O   1 
HETATM 1617 O  O   . HOH C 3 .   ? 14.514  13.897  4.882   1.00 51.49  ? 580 HOH A O   1 
HETATM 1618 O  O   . HOH C 3 .   ? 3.203   -2.488  22.172  1.00 55.09  ? 581 HOH A O   1 
HETATM 1619 O  O   . HOH C 3 .   ? -12.963 6.646   -1.301  1.00 38.45  ? 582 HOH A O   1 
HETATM 1620 O  O   . HOH C 3 .   ? 12.447  3.667   -18.220 1.00 64.18  ? 583 HOH A O   1 
HETATM 1621 O  O   . HOH C 3 .   ? 12.558  11.363  -2.935  1.00 49.37  ? 584 HOH A O   1 
HETATM 1622 O  O   . HOH C 3 .   ? 11.070  14.553  -1.163  1.00 43.86  ? 585 HOH A O   1 
HETATM 1623 O  O   . HOH C 3 .   ? 5.952   12.839  9.763   1.00 29.27  ? 586 HOH A O   1 
HETATM 1624 O  O   . HOH C 3 .   ? -5.382  8.708   14.917  1.00 25.99  ? 587 HOH A O   1 
HETATM 1625 O  O   . HOH C 3 .   ? -10.911 6.941   -3.092  1.00 18.56  ? 588 HOH A O   1 
HETATM 1626 O  O   . HOH C 3 .   ? -2.775  9.625   -8.466  1.00 35.19  ? 589 HOH A O   1 
HETATM 1627 O  O   . HOH C 3 .   ? -15.788 -1.843  3.103   1.00 34.68  ? 590 HOH A O   1 
HETATM 1628 O  O   . HOH C 3 .   ? 14.077  10.448  10.244  1.00 38.66  ? 591 HOH A O   1 
HETATM 1629 O  O   . HOH C 3 .   ? 12.956  13.983  7.685   1.00 60.65  ? 592 HOH A O   1 
HETATM 1630 O  O   . HOH C 3 .   ? -2.511  -6.540  -11.578 1.00 27.84  ? 593 HOH A O   1 
HETATM 1631 O  O   . HOH C 3 .   ? -2.065  -1.620  -13.980 1.00 37.73  ? 594 HOH A O   1 
HETATM 1632 O  O   . HOH C 3 .   ? 0.935   -11.943 -20.582 1.00 46.31  ? 595 HOH A O   1 
HETATM 1633 O  O   . HOH C 3 .   ? 4.321   -10.486 -22.646 1.00 55.61  ? 596 HOH A O   1 
HETATM 1634 O  O   . HOH C 3 .   ? -1.545  -25.425 26.982  1.00 54.55  ? 597 HOH A O   1 
HETATM 1635 O  O   . HOH C 3 .   ? -8.227  -25.850 21.750  1.00 54.31  ? 598 HOH A O   1 
HETATM 1636 O  O   . HOH C 3 .   ? 5.846   8.700   -7.316  1.00 38.60  ? 599 HOH A O   1 
HETATM 1637 O  O   . HOH C 3 .   ? -4.543  18.110  -4.430  1.00 40.37  ? 600 HOH A O   1 
HETATM 1638 O  O   . HOH C 3 .   ? 19.810  3.630   5.175   1.00 36.09  ? 601 HOH A O   1 
HETATM 1639 O  O   . HOH C 3 .   ? -6.094  8.920   -7.501  1.00 31.36  ? 602 HOH A O   1 
HETATM 1640 O  O   . HOH C 3 .   ? -0.630  0.316   -14.761 1.00 38.43  ? 603 HOH A O   1 
HETATM 1641 O  O   . HOH C 3 .   ? -0.912  20.003  -1.470  1.00 35.05  ? 604 HOH A O   1 
HETATM 1642 O  O   . HOH C 3 .   ? -15.219 6.102   20.557  1.00 45.19  ? 605 HOH A O   1 
HETATM 1643 O  O   . HOH C 3 .   ? 1.674   19.235  -0.704  1.00 33.59  ? 606 HOH A O   1 
HETATM 1644 O  O   . HOH C 3 .   ? -3.528  11.667  -4.985  1.00 42.07  ? 607 HOH A O   1 
HETATM 1645 O  O   . HOH C 3 .   ? -13.357 7.144   -4.590  1.00 38.13  ? 608 HOH A O   1 
HETATM 1646 O  O   . HOH C 3 .   ? 6.252   16.808  7.921   1.00 33.50  ? 609 HOH A O   1 
HETATM 1647 O  O   . HOH C 3 .   ? 1.164   7.337   19.701  1.00 50.10  ? 610 HOH A O   1 
HETATM 1648 O  O   . HOH C 3 .   ? -4.526  -7.176  14.987  1.00 39.45  ? 611 HOH A O   1 
HETATM 1649 O  O   . HOH C 3 .   ? -12.210 15.806  12.439  1.00 33.79  ? 612 HOH A O   1 
HETATM 1650 O  O   . HOH C 3 .   ? 1.903   14.370  -5.752  1.00 41.70  ? 613 HOH A O   1 
HETATM 1651 O  O   . HOH C 3 .   ? 5.057   13.625  18.779  1.00 58.16  ? 614 HOH A O   1 
HETATM 1652 O  O   . HOH C 3 .   ? 11.465  -0.492  14.070  1.00 48.58  ? 615 HOH A O   1 
HETATM 1653 O  O   . HOH C 3 .   ? -13.948 7.200   -7.178  1.00 40.29  ? 616 HOH A O   1 
HETATM 1654 O  O   . HOH C 3 .   ? 1.309   0.130   -24.469 1.00 55.97  ? 617 HOH A O   1 
HETATM 1655 O  O   . HOH C 3 .   ? 10.124  16.295  0.660   1.00 46.81  ? 618 HOH A O   1 
HETATM 1656 O  O   . HOH C 3 .   ? -0.049  7.564   -9.357  1.00 25.28  ? 619 HOH A O   1 
# 
